data_1XZY
#
_entry.id   1XZY
#
_entity_poly.entity_id   1
_entity_poly.type   'polypeptide(L)'
_entity_poly.pdbx_seq_one_letter_code
;MALLKANKDLISAGLKEFSVLLNQQVFNDPLVSEEDMVTVVEDWMNFYINYYRQQVTGEPQERDKALQELRQELNTLANP
FLAKYRDFLK
;
_entity_poly.pdbx_strand_id   A
#
# COMPACT_ATOMS: atom_id res chain seq x y z
N MET A 1 -6.03 -13.61 15.24
CA MET A 1 -6.00 -12.32 14.50
C MET A 1 -7.40 -11.80 14.24
N ALA A 2 -7.70 -10.63 14.79
CA ALA A 2 -9.02 -10.02 14.61
C ALA A 2 -9.18 -9.46 13.20
N LEU A 3 -9.87 -10.20 12.34
CA LEU A 3 -10.09 -9.78 10.97
C LEU A 3 -11.40 -10.35 10.43
N LEU A 4 -12.42 -9.50 10.36
CA LEU A 4 -13.73 -9.92 9.86
C LEU A 4 -13.65 -10.27 8.38
N LYS A 5 -14.66 -11.01 7.90
CA LYS A 5 -14.70 -11.42 6.50
C LYS A 5 -14.75 -10.19 5.58
N ALA A 6 -15.66 -9.27 5.87
CA ALA A 6 -15.82 -8.07 5.08
C ALA A 6 -14.66 -7.10 5.33
N ASN A 7 -14.17 -7.08 6.55
CA ASN A 7 -13.06 -6.21 6.93
C ASN A 7 -11.77 -6.65 6.24
N LYS A 8 -11.47 -7.94 6.32
CA LYS A 8 -10.26 -8.48 5.72
C LYS A 8 -10.40 -8.53 4.19
N ASP A 9 -11.62 -8.73 3.73
CA ASP A 9 -11.90 -8.80 2.29
C ASP A 9 -11.52 -7.50 1.60
N LEU A 10 -11.67 -6.39 2.32
CA LEU A 10 -11.36 -5.07 1.79
C LEU A 10 -9.86 -4.88 1.65
N ILE A 11 -9.12 -5.27 2.69
CA ILE A 11 -7.67 -5.14 2.69
C ILE A 11 -7.02 -6.08 1.67
N SER A 12 -7.62 -7.25 1.49
CA SER A 12 -7.10 -8.24 0.54
C SER A 12 -7.05 -7.65 -0.87
N ALA A 13 -8.08 -6.91 -1.24
CA ALA A 13 -8.15 -6.29 -2.56
C ALA A 13 -6.98 -5.33 -2.77
N GLY A 14 -6.75 -4.47 -1.77
CA GLY A 14 -5.67 -3.51 -1.86
C GLY A 14 -4.31 -4.17 -1.81
N LEU A 15 -4.20 -5.26 -1.04
CA LEU A 15 -2.95 -5.98 -0.90
C LEU A 15 -2.46 -6.48 -2.26
N LYS A 16 -3.35 -7.11 -3.02
CA LYS A 16 -3.01 -7.63 -4.33
C LYS A 16 -2.75 -6.50 -5.32
N GLU A 17 -3.46 -5.40 -5.15
CA GLU A 17 -3.31 -4.25 -6.03
C GLU A 17 -1.89 -3.70 -5.97
N PHE A 18 -1.30 -3.73 -4.78
CA PHE A 18 0.06 -3.25 -4.59
C PHE A 18 1.08 -4.20 -5.21
N SER A 19 0.81 -5.51 -5.07
CA SER A 19 1.71 -6.52 -5.60
C SER A 19 1.73 -6.47 -7.13
N VAL A 20 0.55 -6.48 -7.73
CA VAL A 20 0.43 -6.45 -9.19
C VAL A 20 1.01 -5.15 -9.74
N LEU A 21 0.65 -4.03 -9.13
CA LEU A 21 1.14 -2.73 -9.55
C LEU A 21 2.66 -2.67 -9.52
N LEU A 22 3.25 -3.32 -8.51
CA LEU A 22 4.70 -3.34 -8.36
C LEU A 22 5.35 -4.18 -9.45
N ASN A 23 4.64 -5.22 -9.90
CA ASN A 23 5.15 -6.09 -10.95
C ASN A 23 5.43 -5.31 -12.22
N GLN A 24 4.66 -4.24 -12.45
CA GLN A 24 4.83 -3.41 -13.63
C GLN A 24 6.21 -2.78 -13.66
N GLN A 25 6.77 -2.51 -12.48
CA GLN A 25 8.08 -1.90 -12.37
C GLN A 25 9.14 -2.78 -13.03
N VAL A 26 10.03 -2.15 -13.80
CA VAL A 26 11.10 -2.88 -14.48
C VAL A 26 12.46 -2.56 -13.89
N PHE A 27 12.61 -1.33 -13.40
CA PHE A 27 13.86 -0.89 -12.80
C PHE A 27 15.00 -0.97 -13.81
N ASN A 28 15.18 0.10 -14.58
CA ASN A 28 16.23 0.15 -15.59
C ASN A 28 16.49 1.58 -16.04
N ASP A 29 15.40 2.34 -16.26
CA ASP A 29 15.51 3.72 -16.70
C ASP A 29 14.76 4.66 -15.80
N PRO A 30 14.94 4.53 -14.47
CA PRO A 30 14.29 5.43 -13.56
C PRO A 30 15.05 6.74 -13.49
N LEU A 31 14.37 7.80 -13.84
CA LEU A 31 14.95 9.14 -13.83
C LEU A 31 14.73 9.82 -12.48
N VAL A 32 13.62 9.48 -11.82
CA VAL A 32 13.30 10.05 -10.52
C VAL A 32 14.28 9.60 -9.46
N SER A 33 14.76 10.55 -8.66
CA SER A 33 15.71 10.24 -7.59
C SER A 33 15.06 9.39 -6.51
N GLU A 34 15.88 8.84 -5.62
CA GLU A 34 15.38 8.01 -4.53
C GLU A 34 14.59 8.84 -3.53
N GLU A 35 14.99 10.10 -3.36
CA GLU A 35 14.32 11.00 -2.44
C GLU A 35 12.91 11.34 -2.91
N ASP A 36 12.80 11.73 -4.17
CA ASP A 36 11.52 12.08 -4.76
C ASP A 36 10.59 10.88 -4.83
N MET A 37 11.20 9.70 -4.90
CA MET A 37 10.45 8.46 -4.96
C MET A 37 9.79 8.14 -3.62
N VAL A 38 10.43 8.57 -2.54
CA VAL A 38 9.90 8.33 -1.20
C VAL A 38 8.54 8.99 -1.03
N THR A 39 8.46 10.26 -1.38
CA THR A 39 7.20 11.00 -1.26
C THR A 39 6.10 10.36 -2.10
N VAL A 40 6.50 9.77 -3.23
CA VAL A 40 5.55 9.12 -4.11
C VAL A 40 4.88 7.93 -3.43
N VAL A 41 5.68 7.12 -2.74
CA VAL A 41 5.16 5.95 -2.04
C VAL A 41 4.15 6.35 -0.97
N GLU A 42 4.41 7.48 -0.30
CA GLU A 42 3.52 7.97 0.74
C GLU A 42 2.20 8.46 0.14
N ASP A 43 2.30 9.28 -0.91
CA ASP A 43 1.12 9.82 -1.57
C ASP A 43 0.33 8.71 -2.26
N TRP A 44 1.04 7.68 -2.73
CA TRP A 44 0.41 6.56 -3.40
C TRP A 44 -0.59 5.87 -2.49
N MET A 45 -0.16 5.58 -1.26
CA MET A 45 -1.02 4.92 -0.29
C MET A 45 -2.14 5.84 0.17
N ASN A 46 -1.82 7.12 0.31
CA ASN A 46 -2.80 8.11 0.74
C ASN A 46 -3.99 8.15 -0.22
N PHE A 47 -3.72 7.93 -1.50
CA PHE A 47 -4.76 7.94 -2.52
C PHE A 47 -5.63 6.69 -2.41
N TYR A 48 -5.00 5.55 -2.18
CA TYR A 48 -5.72 4.29 -2.06
C TYR A 48 -6.58 4.26 -0.80
N ILE A 49 -6.02 4.74 0.31
CA ILE A 49 -6.73 4.78 1.57
C ILE A 49 -7.96 5.68 1.49
N ASN A 50 -7.85 6.75 0.71
CA ASN A 50 -8.96 7.69 0.53
C ASN A 50 -10.09 7.04 -0.26
N TYR A 51 -9.74 6.15 -1.18
CA TYR A 51 -10.73 5.47 -2.00
C TYR A 51 -11.46 4.39 -1.20
N TYR A 52 -10.69 3.54 -0.52
CA TYR A 52 -11.27 2.47 0.29
C TYR A 52 -12.16 3.04 1.39
N ARG A 53 -11.66 4.05 2.08
CA ARG A 53 -12.42 4.68 3.16
C ARG A 53 -13.77 5.19 2.66
N GLN A 54 -13.87 5.43 1.37
CA GLN A 54 -15.11 5.91 0.77
C GLN A 54 -16.01 4.74 0.36
N GLN A 55 -15.62 3.53 0.73
CA GLN A 55 -16.41 2.34 0.40
C GLN A 55 -16.30 1.29 1.49
N VAL A 56 -16.39 1.75 2.75
CA VAL A 56 -16.30 0.84 3.90
C VAL A 56 -17.68 0.48 4.41
N THR A 57 -17.74 -0.42 5.38
CA THR A 57 -18.98 -0.86 5.97
C THR A 57 -18.73 -1.61 7.26
N GLY A 58 -19.63 -1.44 8.21
CA GLY A 58 -19.50 -2.09 9.50
C GLY A 58 -19.84 -1.18 10.65
N GLU A 59 -18.95 -1.13 11.62
CA GLU A 59 -19.13 -0.27 12.79
C GLU A 59 -18.06 0.81 12.84
N PRO A 60 -18.29 1.88 13.61
CA PRO A 60 -17.34 2.99 13.74
C PRO A 60 -15.93 2.50 14.04
N GLN A 61 -15.79 1.67 15.06
CA GLN A 61 -14.49 1.15 15.45
C GLN A 61 -14.03 0.06 14.49
N GLU A 62 -14.98 -0.68 13.93
CA GLU A 62 -14.65 -1.75 12.99
C GLU A 62 -14.01 -1.19 11.73
N ARG A 63 -14.65 -0.19 11.14
CA ARG A 63 -14.14 0.44 9.93
C ARG A 63 -12.78 1.06 10.19
N ASP A 64 -12.61 1.61 11.39
CA ASP A 64 -11.35 2.23 11.78
C ASP A 64 -10.26 1.18 11.99
N LYS A 65 -10.67 0.03 12.51
CA LYS A 65 -9.72 -1.06 12.77
C LYS A 65 -9.30 -1.74 11.47
N ALA A 66 -10.22 -1.82 10.52
CA ALA A 66 -9.94 -2.44 9.24
C ALA A 66 -9.06 -1.54 8.37
N LEU A 67 -9.33 -0.24 8.43
CA LEU A 67 -8.58 0.73 7.64
C LEU A 67 -7.20 0.97 8.26
N GLN A 68 -7.12 0.85 9.58
CA GLN A 68 -5.86 1.07 10.29
C GLN A 68 -4.83 0.01 9.90
N GLU A 69 -5.29 -1.19 9.60
CA GLU A 69 -4.40 -2.28 9.20
C GLU A 69 -3.91 -2.08 7.79
N LEU A 70 -4.72 -1.44 6.96
CA LEU A 70 -4.35 -1.17 5.58
C LEU A 70 -2.97 -0.50 5.52
N ARG A 71 -2.64 0.24 6.58
CA ARG A 71 -1.36 0.93 6.65
C ARG A 71 -0.22 -0.06 6.81
N GLN A 72 -0.42 -1.08 7.64
CA GLN A 72 0.61 -2.09 7.87
C GLN A 72 0.97 -2.81 6.58
N GLU A 73 -0.05 -3.15 5.80
CA GLU A 73 0.16 -3.85 4.53
C GLU A 73 1.00 -3.01 3.58
N LEU A 74 0.59 -1.76 3.37
CA LEU A 74 1.30 -0.85 2.49
C LEU A 74 2.65 -0.46 3.08
N ASN A 75 2.70 -0.37 4.41
CA ASN A 75 3.93 0.00 5.10
C ASN A 75 5.05 -0.99 4.79
N THR A 76 4.76 -2.27 4.94
CA THR A 76 5.73 -3.32 4.67
C THR A 76 5.94 -3.51 3.18
N LEU A 77 4.87 -3.40 2.41
CA LEU A 77 4.97 -3.57 0.96
C LEU A 77 6.11 -2.71 0.41
N ALA A 78 6.37 -1.60 1.09
CA ALA A 78 7.45 -0.71 0.71
C ALA A 78 8.82 -1.33 1.01
N ASN A 79 8.87 -2.20 2.03
CA ASN A 79 10.12 -2.83 2.42
C ASN A 79 10.84 -3.45 1.22
N PRO A 80 10.18 -4.33 0.46
CA PRO A 80 10.79 -4.99 -0.71
C PRO A 80 11.08 -3.99 -1.83
N PHE A 81 10.18 -3.03 -2.02
CA PHE A 81 10.34 -2.02 -3.05
C PHE A 81 11.56 -1.15 -2.77
N LEU A 82 11.65 -0.63 -1.56
CA LEU A 82 12.77 0.22 -1.16
C LEU A 82 14.08 -0.56 -1.20
N ALA A 83 14.02 -1.81 -0.76
CA ALA A 83 15.21 -2.67 -0.72
C ALA A 83 15.71 -2.97 -2.13
N LYS A 84 14.77 -3.12 -3.07
CA LYS A 84 15.12 -3.42 -4.45
C LYS A 84 15.78 -2.20 -5.11
N TYR A 85 15.11 -1.06 -5.04
CA TYR A 85 15.64 0.17 -5.62
C TYR A 85 16.99 0.53 -5.01
N ARG A 86 17.05 0.54 -3.69
CA ARG A 86 18.29 0.87 -2.98
C ARG A 86 19.40 -0.11 -3.35
N ASP A 87 19.02 -1.36 -3.61
CA ASP A 87 19.98 -2.39 -3.98
C ASP A 87 20.40 -2.26 -5.45
N PHE A 88 19.44 -1.91 -6.29
CA PHE A 88 19.70 -1.74 -7.72
C PHE A 88 20.50 -0.48 -7.98
N LEU A 89 19.98 0.66 -7.53
CA LEU A 89 20.65 1.94 -7.71
C LEU A 89 20.98 2.58 -6.37
N LYS A 90 21.60 3.75 -6.42
CA LYS A 90 21.98 4.47 -5.21
C LYS A 90 20.75 4.81 -4.37
N MET A 1 -4.93 -12.89 15.88
CA MET A 1 -5.41 -12.05 14.75
C MET A 1 -6.83 -12.43 14.34
N ALA A 2 -7.78 -11.56 14.65
CA ALA A 2 -9.18 -11.79 14.32
C ALA A 2 -9.46 -11.48 12.85
N LEU A 3 -9.54 -10.19 12.54
CA LEU A 3 -9.81 -9.74 11.18
C LEU A 3 -11.15 -10.28 10.69
N LEU A 4 -12.15 -9.40 10.65
CA LEU A 4 -13.47 -9.79 10.20
C LEU A 4 -13.45 -10.22 8.73
N LYS A 5 -14.49 -10.93 8.32
CA LYS A 5 -14.59 -11.41 6.94
C LYS A 5 -14.67 -10.24 5.97
N ALA A 6 -15.51 -9.27 6.29
CA ALA A 6 -15.68 -8.10 5.44
C ALA A 6 -14.47 -7.18 5.52
N ASN A 7 -14.02 -6.91 6.74
CA ASN A 7 -12.86 -6.05 6.95
C ASN A 7 -11.62 -6.62 6.27
N LYS A 8 -11.37 -7.91 6.49
CA LYS A 8 -10.22 -8.57 5.88
C LYS A 8 -10.34 -8.60 4.36
N ASP A 9 -11.57 -8.67 3.88
CA ASP A 9 -11.82 -8.71 2.44
C ASP A 9 -11.47 -7.37 1.79
N LEU A 10 -11.63 -6.29 2.55
CA LEU A 10 -11.34 -4.96 2.05
C LEU A 10 -9.83 -4.76 1.89
N ILE A 11 -9.09 -5.13 2.92
CA ILE A 11 -7.63 -5.00 2.89
C ILE A 11 -7.01 -5.99 1.92
N SER A 12 -7.60 -7.17 1.83
CA SER A 12 -7.09 -8.22 0.93
C SER A 12 -7.05 -7.72 -0.51
N ALA A 13 -8.10 -7.02 -0.92
CA ALA A 13 -8.18 -6.49 -2.28
C ALA A 13 -7.02 -5.54 -2.55
N GLY A 14 -6.78 -4.62 -1.62
CA GLY A 14 -5.70 -3.66 -1.78
C GLY A 14 -4.34 -4.32 -1.71
N LEU A 15 -4.22 -5.35 -0.88
CA LEU A 15 -2.95 -6.07 -0.72
C LEU A 15 -2.47 -6.63 -2.06
N LYS A 16 -3.39 -7.26 -2.79
CA LYS A 16 -3.05 -7.83 -4.10
C LYS A 16 -2.78 -6.74 -5.12
N GLU A 17 -3.48 -5.62 -4.98
CA GLU A 17 -3.31 -4.50 -5.90
C GLU A 17 -1.88 -3.98 -5.87
N PHE A 18 -1.28 -3.95 -4.69
CA PHE A 18 0.09 -3.47 -4.52
C PHE A 18 1.08 -4.49 -5.06
N SER A 19 0.76 -5.77 -4.89
CA SER A 19 1.62 -6.85 -5.36
C SER A 19 1.76 -6.81 -6.88
N VAL A 20 0.62 -6.76 -7.57
CA VAL A 20 0.62 -6.73 -9.02
C VAL A 20 1.22 -5.43 -9.54
N LEU A 21 0.80 -4.31 -8.95
CA LEU A 21 1.29 -3.00 -9.34
C LEU A 21 2.82 -2.92 -9.21
N LEU A 22 3.35 -3.59 -8.18
CA LEU A 22 4.77 -3.59 -7.93
C LEU A 22 5.53 -4.23 -9.09
N ASN A 23 4.96 -5.31 -9.63
CA ASN A 23 5.58 -6.02 -10.74
C ASN A 23 5.72 -5.10 -11.95
N GLN A 24 4.83 -4.13 -12.07
CA GLN A 24 4.86 -3.19 -13.18
C GLN A 24 6.16 -2.39 -13.18
N GLN A 25 6.71 -2.16 -12.00
CA GLN A 25 7.95 -1.41 -11.86
C GLN A 25 9.08 -2.08 -12.64
N VAL A 26 9.86 -1.27 -13.36
CA VAL A 26 10.97 -1.79 -14.15
C VAL A 26 12.29 -1.59 -13.43
N PHE A 27 12.43 -0.45 -12.76
CA PHE A 27 13.66 -0.14 -12.01
C PHE A 27 14.91 -0.50 -12.81
N ASN A 28 15.39 0.46 -13.61
CA ASN A 28 16.57 0.23 -14.42
C ASN A 28 17.08 1.54 -15.02
N ASP A 29 16.16 2.38 -15.48
CA ASP A 29 16.51 3.66 -16.07
C ASP A 29 15.78 4.81 -15.42
N PRO A 30 15.78 4.86 -14.08
CA PRO A 30 15.16 5.96 -13.40
C PRO A 30 16.08 7.16 -13.38
N LEU A 31 15.59 8.23 -13.96
CA LEU A 31 16.35 9.47 -14.04
C LEU A 31 16.06 10.36 -12.83
N VAL A 32 14.84 10.29 -12.32
CA VAL A 32 14.43 11.09 -11.17
C VAL A 32 15.16 10.63 -9.91
N SER A 33 15.26 11.53 -8.93
CA SER A 33 15.93 11.21 -7.67
C SER A 33 15.25 10.05 -6.97
N GLU A 34 16.01 9.33 -6.14
CA GLU A 34 15.47 8.19 -5.41
C GLU A 34 14.47 8.65 -4.35
N GLU A 35 14.69 9.84 -3.80
CA GLU A 35 13.82 10.40 -2.78
C GLU A 35 12.44 10.70 -3.35
N ASP A 36 12.41 11.20 -4.58
CA ASP A 36 11.16 11.53 -5.25
C ASP A 36 10.28 10.31 -5.40
N MET A 37 10.91 9.15 -5.45
CA MET A 37 10.20 7.88 -5.60
C MET A 37 9.55 7.47 -4.28
N VAL A 38 10.18 7.85 -3.17
CA VAL A 38 9.67 7.51 -1.84
C VAL A 38 8.39 8.27 -1.54
N THR A 39 8.37 9.55 -1.89
CA THR A 39 7.20 10.39 -1.65
C THR A 39 5.98 9.83 -2.37
N VAL A 40 6.21 9.18 -3.50
CA VAL A 40 5.13 8.60 -4.29
C VAL A 40 4.45 7.45 -3.54
N VAL A 41 5.26 6.62 -2.89
CA VAL A 41 4.74 5.49 -2.14
C VAL A 41 3.80 5.95 -1.03
N GLU A 42 4.15 7.06 -0.39
CA GLU A 42 3.34 7.61 0.69
C GLU A 42 2.04 8.20 0.15
N ASP A 43 2.16 9.03 -0.89
CA ASP A 43 0.99 9.65 -1.49
C ASP A 43 0.10 8.62 -2.17
N TRP A 44 0.73 7.56 -2.69
CA TRP A 44 0.00 6.49 -3.38
C TRP A 44 -1.01 5.85 -2.43
N MET A 45 -0.63 5.68 -1.17
CA MET A 45 -1.50 5.07 -0.17
C MET A 45 -2.66 6.00 0.16
N ASN A 46 -2.38 7.30 0.17
CA ASN A 46 -3.40 8.30 0.48
C ASN A 46 -4.58 8.19 -0.48
N PHE A 47 -4.28 7.89 -1.74
CA PHE A 47 -5.32 7.77 -2.76
C PHE A 47 -6.11 6.47 -2.57
N TYR A 48 -5.40 5.37 -2.34
CA TYR A 48 -6.03 4.08 -2.14
C TYR A 48 -6.96 4.11 -0.93
N ILE A 49 -6.47 4.67 0.17
CA ILE A 49 -7.25 4.77 1.39
C ILE A 49 -8.49 5.64 1.18
N ASN A 50 -8.32 6.74 0.47
CA ASN A 50 -9.42 7.66 0.21
C ASN A 50 -10.53 6.96 -0.57
N TYR A 51 -10.16 6.01 -1.42
CA TYR A 51 -11.12 5.26 -2.21
C TYR A 51 -11.86 4.25 -1.35
N TYR A 52 -11.10 3.41 -0.65
CA TYR A 52 -11.68 2.38 0.21
C TYR A 52 -12.55 3.00 1.29
N ARG A 53 -12.01 4.04 1.94
CA ARG A 53 -12.74 4.73 3.01
C ARG A 53 -14.07 5.27 2.50
N GLN A 54 -14.16 5.47 1.19
CA GLN A 54 -15.39 5.99 0.59
C GLN A 54 -16.37 4.86 0.26
N GLN A 55 -16.01 3.63 0.65
CA GLN A 55 -16.86 2.47 0.40
C GLN A 55 -16.73 1.45 1.52
N VAL A 56 -16.81 1.93 2.76
CA VAL A 56 -16.70 1.06 3.92
C VAL A 56 -18.07 0.69 4.46
N THR A 57 -18.11 -0.19 5.47
CA THR A 57 -19.35 -0.62 6.07
C THR A 57 -19.06 -1.35 7.38
N GLY A 58 -19.95 -1.16 8.33
CA GLY A 58 -19.80 -1.80 9.62
C GLY A 58 -20.05 -0.84 10.76
N GLU A 59 -19.10 -0.80 11.69
CA GLU A 59 -19.19 0.09 12.84
C GLU A 59 -18.10 1.16 12.78
N PRO A 60 -18.33 2.31 13.44
CA PRO A 60 -17.35 3.41 13.46
C PRO A 60 -15.96 2.93 13.86
N GLN A 61 -15.90 2.14 14.91
CA GLN A 61 -14.62 1.61 15.40
C GLN A 61 -14.12 0.49 14.49
N GLU A 62 -15.05 -0.26 13.90
CA GLU A 62 -14.69 -1.36 13.01
C GLU A 62 -13.99 -0.84 11.76
N ARG A 63 -14.59 0.15 11.12
CA ARG A 63 -14.03 0.74 9.92
C ARG A 63 -12.66 1.34 10.21
N ASP A 64 -12.51 1.91 11.41
CA ASP A 64 -11.26 2.53 11.81
C ASP A 64 -10.20 1.46 12.07
N LYS A 65 -10.62 0.33 12.61
CA LYS A 65 -9.70 -0.77 12.91
C LYS A 65 -9.26 -1.47 11.63
N ALA A 66 -10.17 -1.57 10.67
CA ALA A 66 -9.87 -2.22 9.40
C ALA A 66 -8.96 -1.36 8.54
N LEU A 67 -9.21 -0.05 8.55
CA LEU A 67 -8.42 0.88 7.76
C LEU A 67 -7.06 1.13 8.41
N GLN A 68 -7.01 1.03 9.73
CA GLN A 68 -5.77 1.24 10.47
C GLN A 68 -4.71 0.22 10.06
N GLU A 69 -5.14 -1.02 9.86
CA GLU A 69 -4.23 -2.09 9.47
C GLU A 69 -3.82 -1.95 8.01
N LEU A 70 -4.70 -1.39 7.20
CA LEU A 70 -4.43 -1.19 5.79
C LEU A 70 -3.08 -0.46 5.61
N ARG A 71 -2.73 0.35 6.60
CA ARG A 71 -1.48 1.10 6.56
C ARG A 71 -0.28 0.17 6.71
N GLN A 72 -0.39 -0.80 7.60
CA GLN A 72 0.68 -1.76 7.83
C GLN A 72 1.00 -2.54 6.56
N GLU A 73 -0.04 -2.97 5.85
CA GLU A 73 0.14 -3.72 4.62
C GLU A 73 0.89 -2.91 3.58
N LEU A 74 0.42 -1.70 3.34
CA LEU A 74 1.05 -0.81 2.37
C LEU A 74 2.40 -0.33 2.86
N ASN A 75 2.52 -0.16 4.18
CA ASN A 75 3.78 0.29 4.78
C ASN A 75 4.91 -0.67 4.47
N THR A 76 4.69 -1.96 4.71
CA THR A 76 5.69 -2.98 4.45
C THR A 76 5.85 -3.24 2.96
N LEU A 77 4.74 -3.20 2.23
CA LEU A 77 4.77 -3.45 0.80
C LEU A 77 5.86 -2.59 0.15
N ALA A 78 6.11 -1.44 0.77
CA ALA A 78 7.14 -0.54 0.29
C ALA A 78 8.54 -1.09 0.55
N ASN A 79 8.68 -1.90 1.61
CA ASN A 79 10.00 -2.46 1.96
C ASN A 79 10.62 -3.23 0.80
N PRO A 80 9.91 -4.23 0.25
CA PRO A 80 10.42 -5.04 -0.86
C PRO A 80 10.89 -4.18 -2.03
N PHE A 81 10.13 -3.13 -2.33
CA PHE A 81 10.47 -2.22 -3.42
C PHE A 81 11.64 -1.34 -3.04
N LEU A 82 11.56 -0.73 -1.86
CA LEU A 82 12.63 0.15 -1.38
C LEU A 82 13.95 -0.60 -1.27
N ALA A 83 13.91 -1.78 -0.67
CA ALA A 83 15.11 -2.60 -0.50
C ALA A 83 15.72 -2.95 -1.85
N LYS A 84 14.86 -3.26 -2.82
CA LYS A 84 15.32 -3.61 -4.16
C LYS A 84 15.83 -2.39 -4.91
N TYR A 85 15.05 -1.30 -4.87
CA TYR A 85 15.43 -0.07 -5.55
C TYR A 85 16.74 0.47 -4.99
N ARG A 86 16.93 0.34 -3.69
CA ARG A 86 18.15 0.81 -3.04
C ARG A 86 19.35 -0.01 -3.47
N ASP A 87 19.12 -1.30 -3.74
CA ASP A 87 20.20 -2.19 -4.16
C ASP A 87 20.58 -1.93 -5.61
N PHE A 88 19.59 -1.59 -6.42
CA PHE A 88 19.82 -1.31 -7.84
C PHE A 88 20.47 0.06 -8.03
N LEU A 89 19.90 1.07 -7.39
CA LEU A 89 20.41 2.42 -7.49
C LEU A 89 20.52 3.07 -6.11
N LYS A 90 20.94 4.33 -6.08
CA LYS A 90 21.07 5.07 -4.82
C LYS A 90 19.73 5.18 -4.11
N MET A 1 -5.45 -11.38 15.73
CA MET A 1 -5.47 -11.12 14.26
C MET A 1 -6.70 -11.74 13.61
N ALA A 2 -7.83 -11.68 14.31
CA ALA A 2 -9.08 -12.23 13.79
C ALA A 2 -9.61 -11.41 12.63
N LEU A 3 -10.06 -10.19 12.93
CA LEU A 3 -10.59 -9.30 11.90
C LEU A 3 -11.82 -9.91 11.23
N LEU A 4 -12.73 -9.05 10.78
CA LEU A 4 -13.95 -9.51 10.11
C LEU A 4 -13.66 -10.00 8.71
N LYS A 5 -14.45 -10.96 8.24
CA LYS A 5 -14.28 -11.52 6.91
C LYS A 5 -14.46 -10.44 5.84
N ALA A 6 -15.45 -9.58 6.04
CA ALA A 6 -15.74 -8.51 5.09
C ALA A 6 -14.67 -7.43 5.16
N ASN A 7 -14.22 -7.13 6.38
CA ASN A 7 -13.19 -6.11 6.57
C ASN A 7 -11.84 -6.59 6.08
N LYS A 8 -11.46 -7.80 6.47
CA LYS A 8 -10.18 -8.38 6.07
C LYS A 8 -10.14 -8.58 4.56
N ASP A 9 -11.29 -8.85 3.96
CA ASP A 9 -11.37 -9.06 2.53
C ASP A 9 -11.10 -7.76 1.77
N LEU A 10 -11.44 -6.64 2.38
CA LEU A 10 -11.23 -5.34 1.77
C LEU A 10 -9.74 -5.03 1.66
N ILE A 11 -9.00 -5.33 2.71
CA ILE A 11 -7.56 -5.09 2.73
C ILE A 11 -6.83 -6.05 1.80
N SER A 12 -7.34 -7.28 1.71
CA SER A 12 -6.74 -8.29 0.85
C SER A 12 -6.68 -7.82 -0.60
N ALA A 13 -7.77 -7.22 -1.06
CA ALA A 13 -7.85 -6.72 -2.43
C ALA A 13 -6.78 -5.67 -2.69
N GLY A 14 -6.64 -4.73 -1.75
CA GLY A 14 -5.64 -3.69 -1.89
C GLY A 14 -4.23 -4.22 -1.78
N LEU A 15 -4.04 -5.24 -0.95
CA LEU A 15 -2.73 -5.84 -0.75
C LEU A 15 -2.16 -6.35 -2.08
N LYS A 16 -2.98 -7.06 -2.83
CA LYS A 16 -2.57 -7.61 -4.11
C LYS A 16 -2.37 -6.49 -5.14
N GLU A 17 -3.18 -5.44 -5.02
CA GLU A 17 -3.10 -4.31 -5.93
C GLU A 17 -1.71 -3.67 -5.89
N PHE A 18 -1.12 -3.62 -4.69
CA PHE A 18 0.20 -3.03 -4.52
C PHE A 18 1.28 -3.95 -5.09
N SER A 19 1.07 -5.26 -4.95
CA SER A 19 2.03 -6.24 -5.45
C SER A 19 2.08 -6.23 -6.97
N VAL A 20 0.91 -6.31 -7.60
CA VAL A 20 0.82 -6.31 -9.05
C VAL A 20 1.35 -4.99 -9.64
N LEU A 21 0.91 -3.89 -9.04
CA LEU A 21 1.33 -2.57 -9.49
C LEU A 21 2.85 -2.43 -9.45
N LEU A 22 3.47 -3.05 -8.44
CA LEU A 22 4.92 -3.00 -8.30
C LEU A 22 5.61 -3.85 -9.36
N ASN A 23 5.00 -5.00 -9.68
CA ASN A 23 5.55 -5.89 -10.68
C ASN A 23 5.67 -5.21 -12.04
N GLN A 24 4.81 -4.22 -12.27
CA GLN A 24 4.83 -3.48 -13.53
C GLN A 24 6.17 -2.76 -13.72
N GLN A 25 6.81 -2.39 -12.62
CA GLN A 25 8.09 -1.70 -12.67
C GLN A 25 9.13 -2.54 -13.41
N VAL A 26 10.06 -1.87 -14.07
CA VAL A 26 11.11 -2.54 -14.82
C VAL A 26 12.45 -2.46 -14.10
N PHE A 27 12.69 -1.32 -13.46
CA PHE A 27 13.93 -1.11 -12.72
C PHE A 27 15.14 -1.20 -13.65
N ASN A 28 15.37 -0.16 -14.42
CA ASN A 28 16.49 -0.12 -15.36
C ASN A 28 16.79 1.30 -15.81
N ASP A 29 15.73 2.06 -16.11
CA ASP A 29 15.88 3.45 -16.56
C ASP A 29 15.07 4.40 -15.72
N PRO A 30 15.16 4.29 -14.39
CA PRO A 30 14.44 5.20 -13.54
C PRO A 30 15.21 6.50 -13.42
N LEU A 31 14.56 7.56 -13.83
CA LEU A 31 15.15 8.89 -13.80
C LEU A 31 14.89 9.57 -12.45
N VAL A 32 13.78 9.20 -11.81
CA VAL A 32 13.43 9.76 -10.52
C VAL A 32 14.40 9.33 -9.44
N SER A 33 14.81 10.28 -8.60
CA SER A 33 15.74 9.99 -7.52
C SER A 33 15.07 9.16 -6.43
N GLU A 34 15.86 8.74 -5.45
CA GLU A 34 15.34 7.93 -4.34
C GLU A 34 14.43 8.76 -3.45
N GLU A 35 14.71 10.06 -3.35
CA GLU A 35 13.92 10.96 -2.53
C GLU A 35 12.48 11.03 -3.03
N ASP A 36 12.33 11.25 -4.33
CA ASP A 36 11.00 11.33 -4.94
C ASP A 36 10.26 10.01 -4.84
N MET A 37 11.03 8.94 -4.76
CA MET A 37 10.47 7.60 -4.67
C MET A 37 9.76 7.39 -3.33
N VAL A 38 10.23 8.10 -2.31
CA VAL A 38 9.64 7.99 -0.97
C VAL A 38 8.29 8.71 -0.91
N THR A 39 8.24 9.91 -1.46
CA THR A 39 7.03 10.71 -1.46
C THR A 39 5.96 10.09 -2.36
N VAL A 40 6.36 9.70 -3.58
CA VAL A 40 5.43 9.10 -4.52
C VAL A 40 4.75 7.87 -3.94
N VAL A 41 5.54 6.99 -3.34
CA VAL A 41 5.02 5.78 -2.72
C VAL A 41 4.18 6.09 -1.50
N GLU A 42 4.60 7.11 -0.74
CA GLU A 42 3.88 7.51 0.46
C GLU A 42 2.54 8.16 0.09
N ASP A 43 2.53 8.94 -0.98
CA ASP A 43 1.32 9.61 -1.43
C ASP A 43 0.45 8.66 -2.22
N TRP A 44 1.07 7.68 -2.88
CA TRP A 44 0.34 6.71 -3.68
C TRP A 44 -0.67 5.94 -2.82
N MET A 45 -0.20 5.43 -1.68
CA MET A 45 -1.06 4.68 -0.78
C MET A 45 -2.12 5.58 -0.16
N ASN A 46 -1.76 6.84 0.06
CA ASN A 46 -2.68 7.81 0.64
C ASN A 46 -3.93 7.96 -0.21
N PHE A 47 -3.77 7.91 -1.52
CA PHE A 47 -4.88 8.02 -2.44
C PHE A 47 -5.74 6.76 -2.44
N TYR A 48 -5.08 5.62 -2.25
CA TYR A 48 -5.78 4.33 -2.23
C TYR A 48 -6.66 4.22 -0.98
N ILE A 49 -6.16 4.71 0.14
CA ILE A 49 -6.89 4.66 1.40
C ILE A 49 -8.18 5.48 1.31
N ASN A 50 -8.12 6.58 0.56
CA ASN A 50 -9.27 7.45 0.40
C ASN A 50 -10.41 6.72 -0.33
N TYR A 51 -10.04 5.95 -1.35
CA TYR A 51 -11.02 5.21 -2.12
C TYR A 51 -11.65 4.09 -1.29
N TYR A 52 -10.81 3.30 -0.64
CA TYR A 52 -11.28 2.19 0.19
C TYR A 52 -12.16 2.71 1.32
N ARG A 53 -11.75 3.80 1.95
CA ARG A 53 -12.51 4.40 3.04
C ARG A 53 -13.91 4.79 2.58
N GLN A 54 -14.05 5.04 1.28
CA GLN A 54 -15.35 5.43 0.72
C GLN A 54 -16.16 4.20 0.29
N GLN A 55 -15.68 3.01 0.65
CA GLN A 55 -16.37 1.78 0.29
C GLN A 55 -16.31 0.78 1.45
N VAL A 56 -16.52 1.28 2.66
CA VAL A 56 -16.50 0.43 3.85
C VAL A 56 -17.89 0.31 4.45
N THR A 57 -18.01 -0.52 5.48
CA THR A 57 -19.28 -0.73 6.16
C THR A 57 -19.06 -1.44 7.48
N GLY A 58 -19.87 -1.08 8.47
CA GLY A 58 -19.75 -1.67 9.78
C GLY A 58 -19.97 -0.66 10.88
N GLU A 59 -19.06 -0.65 11.84
CA GLU A 59 -19.13 0.27 12.96
C GLU A 59 -17.98 1.28 12.91
N PRO A 60 -18.10 2.40 13.63
CA PRO A 60 -17.07 3.44 13.65
C PRO A 60 -15.67 2.87 13.92
N GLN A 61 -15.56 2.09 14.99
CA GLN A 61 -14.29 1.48 15.36
C GLN A 61 -13.95 0.32 14.44
N GLU A 62 -14.98 -0.39 13.96
CA GLU A 62 -14.78 -1.53 13.08
C GLU A 62 -14.16 -1.08 11.76
N ARG A 63 -14.77 -0.08 11.13
CA ARG A 63 -14.27 0.44 9.87
C ARG A 63 -12.85 0.97 10.03
N ASP A 64 -12.58 1.56 11.19
CA ASP A 64 -11.25 2.10 11.47
C ASP A 64 -10.24 0.98 11.68
N LYS A 65 -10.69 -0.11 12.28
CA LYS A 65 -9.82 -1.25 12.54
C LYS A 65 -9.23 -1.80 11.25
N ALA A 66 -10.07 -1.97 10.24
CA ALA A 66 -9.63 -2.49 8.95
C ALA A 66 -8.83 -1.44 8.18
N LEU A 67 -9.19 -0.18 8.37
CA LEU A 67 -8.53 0.91 7.68
C LEU A 67 -7.17 1.20 8.31
N GLN A 68 -7.07 0.98 9.62
CA GLN A 68 -5.82 1.21 10.35
C GLN A 68 -4.77 0.18 9.96
N GLU A 69 -5.21 -1.04 9.70
CA GLU A 69 -4.29 -2.12 9.32
C GLU A 69 -3.80 -1.94 7.89
N LEU A 70 -4.64 -1.34 7.06
CA LEU A 70 -4.30 -1.10 5.67
C LEU A 70 -2.95 -0.40 5.57
N ARG A 71 -2.63 0.38 6.61
CA ARG A 71 -1.37 1.12 6.65
C ARG A 71 -0.19 0.16 6.82
N GLN A 72 -0.33 -0.80 7.72
CA GLN A 72 0.71 -1.78 7.98
C GLN A 72 1.05 -2.57 6.71
N GLU A 73 0.03 -2.85 5.91
CA GLU A 73 0.22 -3.61 4.68
C GLU A 73 0.99 -2.79 3.65
N LEU A 74 0.51 -1.58 3.39
CA LEU A 74 1.16 -0.69 2.43
C LEU A 74 2.51 -0.20 2.95
N ASN A 75 2.60 -0.02 4.26
CA ASN A 75 3.83 0.44 4.89
C ASN A 75 4.97 -0.53 4.63
N THR A 76 4.73 -1.81 4.89
CA THR A 76 5.73 -2.85 4.69
C THR A 76 5.94 -3.13 3.21
N LEU A 77 4.85 -3.11 2.44
CA LEU A 77 4.93 -3.39 1.01
C LEU A 77 6.03 -2.55 0.39
N ALA A 78 6.28 -1.38 0.98
CA ALA A 78 7.32 -0.49 0.52
C ALA A 78 8.71 -1.05 0.83
N ASN A 79 8.83 -1.85 1.90
CA ASN A 79 10.12 -2.41 2.28
C ASN A 79 10.82 -3.10 1.10
N PRO A 80 10.14 -4.06 0.44
CA PRO A 80 10.73 -4.78 -0.69
C PRO A 80 10.94 -3.87 -1.91
N PHE A 81 9.99 -2.99 -2.14
CA PHE A 81 10.06 -2.06 -3.27
C PHE A 81 11.24 -1.10 -3.11
N LEU A 82 11.33 -0.48 -1.93
CA LEU A 82 12.40 0.46 -1.65
C LEU A 82 13.74 -0.25 -1.55
N ALA A 83 13.72 -1.46 -0.98
CA ALA A 83 14.93 -2.25 -0.82
C ALA A 83 15.53 -2.63 -2.17
N LYS A 84 14.65 -2.89 -3.14
CA LYS A 84 15.09 -3.27 -4.48
C LYS A 84 15.77 -2.09 -5.18
N TYR A 85 15.09 -0.95 -5.21
CA TYR A 85 15.62 0.24 -5.84
C TYR A 85 16.94 0.67 -5.19
N ARG A 86 16.92 0.77 -3.86
CA ARG A 86 18.10 1.17 -3.11
C ARG A 86 19.26 0.19 -3.35
N ASP A 87 18.91 -1.07 -3.58
CA ASP A 87 19.91 -2.12 -3.82
C ASP A 87 20.46 -2.02 -5.24
N PHE A 88 19.60 -1.59 -6.17
CA PHE A 88 20.00 -1.46 -7.57
C PHE A 88 20.80 -0.19 -7.79
N LEU A 89 20.22 0.95 -7.41
CA LEU A 89 20.88 2.24 -7.56
C LEU A 89 21.09 2.91 -6.21
N LYS A 90 21.66 4.11 -6.24
CA LYS A 90 21.91 4.86 -5.01
C LYS A 90 20.62 5.15 -4.27
N MET A 1 -5.32 -12.46 16.02
CA MET A 1 -5.63 -12.00 14.64
C MET A 1 -7.04 -12.43 14.23
N ALA A 2 -8.04 -11.67 14.65
CA ALA A 2 -9.43 -11.99 14.32
C ALA A 2 -9.81 -11.41 12.96
N LEU A 3 -10.03 -10.10 12.93
CA LEU A 3 -10.41 -9.42 11.70
C LEU A 3 -11.75 -9.94 11.16
N LEU A 4 -12.48 -9.07 10.50
CA LEU A 4 -13.79 -9.46 9.93
C LEU A 4 -13.63 -9.95 8.50
N LYS A 5 -14.61 -10.73 8.04
CA LYS A 5 -14.58 -11.26 6.69
C LYS A 5 -14.58 -10.14 5.65
N ALA A 6 -15.52 -9.20 5.80
CA ALA A 6 -15.62 -8.07 4.88
C ALA A 6 -14.47 -7.08 5.10
N ASN A 7 -14.01 -6.99 6.33
CA ASN A 7 -12.92 -6.09 6.68
C ASN A 7 -11.60 -6.57 6.07
N LYS A 8 -11.30 -7.84 6.27
CA LYS A 8 -10.08 -8.43 5.73
C LYS A 8 -10.12 -8.50 4.21
N ASP A 9 -11.31 -8.69 3.67
CA ASP A 9 -11.49 -8.78 2.22
C ASP A 9 -11.17 -7.44 1.55
N LEU A 10 -11.42 -6.35 2.26
CA LEU A 10 -11.16 -5.01 1.75
C LEU A 10 -9.66 -4.76 1.63
N ILE A 11 -8.94 -5.09 2.68
CA ILE A 11 -7.49 -4.90 2.70
C ILE A 11 -6.79 -5.88 1.77
N SER A 12 -7.34 -7.09 1.67
CA SER A 12 -6.77 -8.12 0.81
C SER A 12 -6.70 -7.65 -0.64
N ALA A 13 -7.78 -7.01 -1.09
CA ALA A 13 -7.83 -6.50 -2.46
C ALA A 13 -6.72 -5.49 -2.71
N GLY A 14 -6.55 -4.56 -1.77
CA GLY A 14 -5.52 -3.55 -1.91
C GLY A 14 -4.12 -4.14 -1.80
N LEU A 15 -3.97 -5.15 -0.97
CA LEU A 15 -2.68 -5.80 -0.77
C LEU A 15 -2.14 -6.34 -2.09
N LYS A 16 -2.98 -7.04 -2.83
CA LYS A 16 -2.59 -7.61 -4.12
C LYS A 16 -2.38 -6.51 -5.16
N GLU A 17 -3.13 -5.42 -5.02
CA GLU A 17 -3.02 -4.30 -5.94
C GLU A 17 -1.61 -3.72 -5.94
N PHE A 18 -1.01 -3.65 -4.76
CA PHE A 18 0.34 -3.12 -4.61
C PHE A 18 1.36 -4.11 -5.16
N SER A 19 1.11 -5.40 -4.95
CA SER A 19 2.01 -6.44 -5.41
C SER A 19 2.04 -6.49 -6.94
N VAL A 20 0.86 -6.55 -7.55
CA VAL A 20 0.75 -6.61 -9.00
C VAL A 20 1.32 -5.35 -9.64
N LEU A 21 0.93 -4.20 -9.09
CA LEU A 21 1.39 -2.91 -9.59
C LEU A 21 2.92 -2.81 -9.54
N LEU A 22 3.50 -3.40 -8.49
CA LEU A 22 4.95 -3.39 -8.32
C LEU A 22 5.62 -4.31 -9.32
N ASN A 23 4.98 -5.44 -9.61
CA ASN A 23 5.52 -6.41 -10.55
C ASN A 23 5.67 -5.80 -11.94
N GLN A 24 4.80 -4.85 -12.26
CA GLN A 24 4.82 -4.18 -13.56
C GLN A 24 6.14 -3.44 -13.75
N GLN A 25 6.72 -2.97 -12.66
CA GLN A 25 7.98 -2.23 -12.71
C GLN A 25 9.08 -3.07 -13.34
N VAL A 26 9.63 -2.60 -14.45
CA VAL A 26 10.68 -3.31 -15.15
C VAL A 26 12.04 -3.09 -14.47
N PHE A 27 12.20 -1.93 -13.85
CA PHE A 27 13.44 -1.59 -13.16
C PHE A 27 14.61 -1.58 -14.13
N ASN A 28 14.71 -0.52 -14.92
CA ASN A 28 15.78 -0.38 -15.90
C ASN A 28 15.78 1.01 -16.53
N ASP A 29 15.44 2.01 -15.72
CA ASP A 29 15.39 3.39 -16.19
C ASP A 29 15.15 4.35 -15.06
N PRO A 30 16.02 4.33 -14.04
CA PRO A 30 15.89 5.26 -12.95
C PRO A 30 16.49 6.60 -13.33
N LEU A 31 15.65 7.61 -13.29
CA LEU A 31 16.06 8.96 -13.64
C LEU A 31 15.75 9.92 -12.49
N VAL A 32 14.57 9.78 -11.90
CA VAL A 32 14.17 10.63 -10.79
C VAL A 32 14.98 10.34 -9.53
N SER A 33 15.02 11.31 -8.63
CA SER A 33 15.77 11.16 -7.38
C SER A 33 15.12 10.11 -6.48
N GLU A 34 15.89 9.59 -5.53
CA GLU A 34 15.39 8.58 -4.61
C GLU A 34 14.36 9.18 -3.65
N GLU A 35 14.63 10.40 -3.20
CA GLU A 35 13.73 11.09 -2.27
C GLU A 35 12.36 11.29 -2.91
N ASP A 36 12.36 11.62 -4.19
CA ASP A 36 11.10 11.85 -4.92
C ASP A 36 10.26 10.58 -4.94
N MET A 37 10.91 9.44 -4.85
CA MET A 37 10.23 8.16 -4.86
C MET A 37 9.48 7.93 -3.55
N VAL A 38 10.01 8.48 -2.47
CA VAL A 38 9.39 8.33 -1.16
C VAL A 38 8.04 9.04 -1.11
N THR A 39 8.01 10.29 -1.57
CA THR A 39 6.78 11.08 -1.58
C THR A 39 5.71 10.40 -2.43
N VAL A 40 6.13 9.82 -3.55
CA VAL A 40 5.20 9.14 -4.45
C VAL A 40 4.54 7.95 -3.76
N VAL A 41 5.37 7.08 -3.18
CA VAL A 41 4.87 5.91 -2.48
C VAL A 41 4.00 6.30 -1.28
N GLU A 42 4.36 7.40 -0.64
CA GLU A 42 3.62 7.88 0.52
C GLU A 42 2.26 8.44 0.10
N ASP A 43 2.23 9.11 -1.04
CA ASP A 43 0.99 9.70 -1.55
C ASP A 43 0.13 8.64 -2.25
N TRP A 44 0.80 7.62 -2.81
CA TRP A 44 0.10 6.55 -3.50
C TRP A 44 -0.89 5.85 -2.57
N MET A 45 -0.41 5.45 -1.40
CA MET A 45 -1.25 4.77 -0.43
C MET A 45 -2.36 5.68 0.08
N ASN A 46 -2.06 6.98 0.16
CA ASN A 46 -3.03 7.96 0.63
C ASN A 46 -4.27 7.96 -0.26
N PHE A 47 -4.06 7.73 -1.55
CA PHE A 47 -5.17 7.71 -2.51
C PHE A 47 -6.01 6.45 -2.34
N TYR A 48 -5.34 5.34 -2.05
CA TYR A 48 -6.03 4.07 -1.87
C TYR A 48 -6.88 4.08 -0.60
N ILE A 49 -6.34 4.68 0.47
CA ILE A 49 -7.05 4.76 1.73
C ILE A 49 -8.30 5.62 1.61
N ASN A 50 -8.23 6.64 0.75
CA ASN A 50 -9.35 7.54 0.54
C ASN A 50 -10.49 6.83 -0.20
N TYR A 51 -10.12 6.04 -1.20
CA TYR A 51 -11.10 5.31 -1.98
C TYR A 51 -11.70 4.15 -1.18
N TYR A 52 -10.88 3.55 -0.32
CA TYR A 52 -11.32 2.44 0.50
C TYR A 52 -12.24 2.93 1.62
N ARG A 53 -12.03 4.16 2.06
CA ARG A 53 -12.84 4.74 3.12
C ARG A 53 -14.28 4.96 2.67
N GLN A 54 -14.46 5.19 1.38
CA GLN A 54 -15.79 5.41 0.82
C GLN A 54 -16.45 4.10 0.41
N GLN A 55 -15.83 2.98 0.76
CA GLN A 55 -16.37 1.67 0.43
C GLN A 55 -16.25 0.71 1.60
N VAL A 56 -16.54 1.21 2.80
CA VAL A 56 -16.47 0.40 4.01
C VAL A 56 -17.87 0.12 4.56
N THR A 57 -17.93 -0.70 5.60
CA THR A 57 -19.19 -1.06 6.24
C THR A 57 -18.93 -1.73 7.58
N GLY A 58 -19.81 -1.46 8.52
CA GLY A 58 -19.68 -2.04 9.85
C GLY A 58 -19.96 -1.02 10.94
N GLU A 59 -19.04 -0.94 11.88
CA GLU A 59 -19.17 0.00 13.00
C GLU A 59 -18.07 1.06 12.93
N PRO A 60 -18.26 2.18 13.64
CA PRO A 60 -17.28 3.27 13.67
C PRO A 60 -15.86 2.78 13.93
N GLN A 61 -15.70 2.02 15.01
CA GLN A 61 -14.40 1.49 15.38
C GLN A 61 -14.00 0.32 14.48
N GLU A 62 -14.99 -0.43 14.02
CA GLU A 62 -14.73 -1.57 13.14
C GLU A 62 -14.13 -1.11 11.82
N ARG A 63 -14.79 -0.15 11.18
CA ARG A 63 -14.32 0.37 9.91
C ARG A 63 -12.92 0.96 10.06
N ASP A 64 -12.66 1.57 11.21
CA ASP A 64 -11.36 2.17 11.48
C ASP A 64 -10.30 1.10 11.69
N LYS A 65 -10.70 -0.01 12.31
CA LYS A 65 -9.78 -1.11 12.57
C LYS A 65 -9.19 -1.65 11.28
N ALA A 66 -10.04 -1.86 10.28
CA ALA A 66 -9.61 -2.38 8.99
C ALA A 66 -8.86 -1.33 8.20
N LEU A 67 -9.24 -0.06 8.40
CA LEU A 67 -8.60 1.04 7.69
C LEU A 67 -7.23 1.35 8.27
N GLN A 68 -7.10 1.19 9.58
CA GLN A 68 -5.83 1.45 10.27
C GLN A 68 -4.79 0.39 9.92
N GLU A 69 -5.26 -0.84 9.67
CA GLU A 69 -4.35 -1.93 9.32
C GLU A 69 -3.87 -1.79 7.89
N LEU A 70 -4.69 -1.21 7.04
CA LEU A 70 -4.34 -1.00 5.64
C LEU A 70 -2.97 -0.32 5.54
N ARG A 71 -2.65 0.48 6.56
CA ARG A 71 -1.37 1.19 6.59
C ARG A 71 -0.21 0.22 6.79
N GLN A 72 -0.38 -0.73 7.70
CA GLN A 72 0.66 -1.72 7.98
C GLN A 72 0.98 -2.54 6.74
N GLU A 73 -0.04 -2.82 5.93
CA GLU A 73 0.14 -3.60 4.71
C GLU A 73 0.93 -2.80 3.67
N LEU A 74 0.47 -1.59 3.39
CA LEU A 74 1.13 -0.73 2.41
C LEU A 74 2.50 -0.26 2.94
N ASN A 75 2.58 -0.05 4.25
CA ASN A 75 3.82 0.40 4.87
C ASN A 75 4.95 -0.59 4.62
N THR A 76 4.69 -1.86 4.90
CA THR A 76 5.69 -2.90 4.71
C THR A 76 5.85 -3.25 3.23
N LEU A 77 4.73 -3.25 2.50
CA LEU A 77 4.78 -3.58 1.07
C LEU A 77 5.86 -2.77 0.39
N ALA A 78 6.12 -1.58 0.92
CA ALA A 78 7.16 -0.71 0.41
C ALA A 78 8.55 -1.25 0.72
N ASN A 79 8.67 -2.00 1.82
CA ASN A 79 9.96 -2.56 2.23
C ASN A 79 10.67 -3.28 1.07
N PRO A 80 9.99 -4.26 0.43
CA PRO A 80 10.57 -5.02 -0.68
C PRO A 80 10.79 -4.14 -1.91
N PHE A 81 9.99 -3.10 -2.05
CA PHE A 81 10.10 -2.19 -3.18
C PHE A 81 11.30 -1.27 -3.02
N LEU A 82 11.38 -0.62 -1.86
CA LEU A 82 12.48 0.30 -1.57
C LEU A 82 13.80 -0.46 -1.45
N ALA A 83 13.74 -1.66 -0.88
CA ALA A 83 14.94 -2.48 -0.71
C ALA A 83 15.61 -2.77 -2.04
N LYS A 84 14.80 -3.15 -3.03
CA LYS A 84 15.32 -3.46 -4.36
C LYS A 84 15.70 -2.19 -5.11
N TYR A 85 14.85 -1.18 -5.02
CA TYR A 85 15.10 0.10 -5.68
C TYR A 85 16.41 0.72 -5.20
N ARG A 86 16.60 0.72 -3.88
CA ARG A 86 17.81 1.29 -3.28
C ARG A 86 19.05 0.51 -3.72
N ASP A 87 18.94 -0.81 -3.73
CA ASP A 87 20.05 -1.67 -4.12
C ASP A 87 20.44 -1.41 -5.58
N PHE A 88 19.44 -1.10 -6.40
CA PHE A 88 19.68 -0.83 -7.82
C PHE A 88 20.63 0.35 -8.00
N LEU A 89 20.26 1.48 -7.41
CA LEU A 89 21.06 2.70 -7.50
C LEU A 89 21.48 3.19 -6.12
N LYS A 90 22.71 2.89 -5.74
CA LYS A 90 23.22 3.31 -4.43
C LYS A 90 22.38 2.72 -3.30
N MET A 1 -5.06 -12.89 15.80
CA MET A 1 -5.54 -11.99 14.72
C MET A 1 -6.93 -12.39 14.25
N ALA A 2 -7.92 -11.57 14.59
CA ALA A 2 -9.31 -11.82 14.21
C ALA A 2 -9.57 -11.39 12.77
N LEU A 3 -9.70 -10.08 12.57
CA LEU A 3 -9.96 -9.53 11.25
C LEU A 3 -11.26 -10.06 10.68
N LEU A 4 -12.26 -9.19 10.58
CA LEU A 4 -13.56 -9.58 10.04
C LEU A 4 -13.44 -10.06 8.60
N LYS A 5 -14.45 -10.78 8.14
CA LYS A 5 -14.47 -11.30 6.77
C LYS A 5 -14.44 -10.16 5.75
N ALA A 6 -15.35 -9.21 5.92
CA ALA A 6 -15.44 -8.07 5.02
C ALA A 6 -14.26 -7.12 5.23
N ASN A 7 -13.83 -6.98 6.47
CA ASN A 7 -12.71 -6.11 6.80
C ASN A 7 -11.42 -6.62 6.19
N LYS A 8 -11.15 -7.91 6.37
CA LYS A 8 -9.94 -8.53 5.84
C LYS A 8 -10.01 -8.64 4.32
N ASP A 9 -11.22 -8.81 3.80
CA ASP A 9 -11.42 -8.91 2.35
C ASP A 9 -11.11 -7.60 1.65
N LEU A 10 -11.35 -6.50 2.34
CA LEU A 10 -11.09 -5.17 1.79
C LEU A 10 -9.59 -4.92 1.64
N ILE A 11 -8.85 -5.26 2.69
CA ILE A 11 -7.40 -5.08 2.69
C ILE A 11 -6.73 -6.07 1.73
N SER A 12 -7.28 -7.27 1.65
CA SER A 12 -6.74 -8.32 0.78
C SER A 12 -6.70 -7.84 -0.67
N ALA A 13 -7.79 -7.23 -1.11
CA ALA A 13 -7.87 -6.72 -2.48
C ALA A 13 -6.79 -5.69 -2.75
N GLY A 14 -6.61 -4.77 -1.81
CA GLY A 14 -5.60 -3.74 -1.96
C GLY A 14 -4.19 -4.30 -1.89
N LEU A 15 -4.00 -5.32 -1.07
CA LEU A 15 -2.70 -5.96 -0.92
C LEU A 15 -2.18 -6.48 -2.25
N LYS A 16 -3.04 -7.19 -2.97
CA LYS A 16 -2.67 -7.75 -4.26
C LYS A 16 -2.50 -6.65 -5.31
N GLU A 17 -3.29 -5.58 -5.17
CA GLU A 17 -3.23 -4.46 -6.09
C GLU A 17 -1.84 -3.82 -6.09
N PHE A 18 -1.22 -3.79 -4.91
CA PHE A 18 0.11 -3.22 -4.77
C PHE A 18 1.17 -4.12 -5.39
N SER A 19 1.07 -5.42 -5.10
CA SER A 19 2.02 -6.39 -5.64
C SER A 19 2.01 -6.39 -7.17
N VAL A 20 0.82 -6.50 -7.74
CA VAL A 20 0.67 -6.50 -9.19
C VAL A 20 1.14 -5.18 -9.79
N LEU A 21 0.71 -4.08 -9.18
CA LEU A 21 1.07 -2.75 -9.65
C LEU A 21 2.59 -2.57 -9.64
N LEU A 22 3.24 -3.12 -8.61
CA LEU A 22 4.69 -3.02 -8.47
C LEU A 22 5.38 -3.80 -9.58
N ASN A 23 4.93 -5.02 -9.82
CA ASN A 23 5.52 -5.87 -10.86
C ASN A 23 5.42 -5.21 -12.22
N GLN A 24 4.41 -4.36 -12.39
CA GLN A 24 4.20 -3.65 -13.66
C GLN A 24 5.39 -2.76 -13.99
N GLN A 25 6.09 -2.29 -12.95
CA GLN A 25 7.24 -1.43 -13.14
C GLN A 25 8.30 -2.11 -14.00
N VAL A 26 8.71 -1.44 -15.08
CA VAL A 26 9.71 -1.98 -15.98
C VAL A 26 11.07 -2.08 -15.29
N PHE A 27 11.33 -1.18 -14.35
CA PHE A 27 12.59 -1.17 -13.62
C PHE A 27 13.77 -0.98 -14.57
N ASN A 28 14.97 -0.89 -14.00
CA ASN A 28 16.17 -0.70 -14.80
C ASN A 28 16.11 0.60 -15.59
N ASP A 29 15.44 1.60 -15.03
CA ASP A 29 15.30 2.89 -15.68
C ASP A 29 14.87 3.96 -14.71
N PRO A 30 15.64 4.15 -13.63
CA PRO A 30 15.32 5.18 -12.69
C PRO A 30 15.84 6.52 -13.21
N LEU A 31 14.93 7.44 -13.38
CA LEU A 31 15.26 8.78 -13.86
C LEU A 31 15.05 9.82 -12.77
N VAL A 32 14.08 9.58 -11.89
CA VAL A 32 13.78 10.49 -10.81
C VAL A 32 14.69 10.23 -9.60
N SER A 33 14.85 11.24 -8.76
CA SER A 33 15.69 11.12 -7.57
C SER A 33 15.14 10.07 -6.62
N GLU A 34 16.03 9.43 -5.87
CA GLU A 34 15.62 8.40 -4.91
C GLU A 34 14.74 9.00 -3.82
N GLU A 35 14.99 10.26 -3.49
CA GLU A 35 14.21 10.95 -2.46
C GLU A 35 12.79 11.19 -2.93
N ASP A 36 12.64 11.59 -4.18
CA ASP A 36 11.32 11.87 -4.74
C ASP A 36 10.51 10.58 -4.89
N MET A 37 11.22 9.48 -5.04
CA MET A 37 10.58 8.17 -5.19
C MET A 37 9.79 7.80 -3.93
N VAL A 38 10.32 8.20 -2.78
CA VAL A 38 9.67 7.91 -1.51
C VAL A 38 8.35 8.67 -1.36
N THR A 39 8.34 9.91 -1.84
CA THR A 39 7.14 10.74 -1.77
C THR A 39 6.01 10.13 -2.59
N VAL A 40 6.37 9.52 -3.72
CA VAL A 40 5.38 8.89 -4.58
C VAL A 40 4.60 7.80 -3.85
N VAL A 41 5.33 6.89 -3.22
CA VAL A 41 4.72 5.79 -2.49
C VAL A 41 3.86 6.32 -1.34
N GLU A 42 4.25 7.46 -0.79
CA GLU A 42 3.52 8.07 0.32
C GLU A 42 2.18 8.59 -0.15
N ASP A 43 2.16 9.23 -1.32
CA ASP A 43 0.93 9.78 -1.89
C ASP A 43 0.10 8.69 -2.55
N TRP A 44 0.78 7.66 -3.06
CA TRP A 44 0.09 6.55 -3.73
C TRP A 44 -0.90 5.88 -2.79
N MET A 45 -0.45 5.54 -1.59
CA MET A 45 -1.30 4.89 -0.61
C MET A 45 -2.43 5.82 -0.17
N ASN A 46 -2.15 7.12 -0.14
CA ASN A 46 -3.15 8.11 0.27
C ASN A 46 -4.39 8.01 -0.61
N PHE A 47 -4.20 7.75 -1.90
CA PHE A 47 -5.31 7.63 -2.82
C PHE A 47 -6.07 6.33 -2.61
N TYR A 48 -5.33 5.25 -2.34
CA TYR A 48 -5.94 3.95 -2.10
C TYR A 48 -6.72 3.94 -0.79
N ILE A 49 -6.12 4.50 0.25
CA ILE A 49 -6.77 4.54 1.56
C ILE A 49 -8.03 5.38 1.51
N ASN A 50 -8.03 6.42 0.68
CA ASN A 50 -9.18 7.31 0.54
C ASN A 50 -10.31 6.60 -0.19
N TYR A 51 -9.95 5.72 -1.12
CA TYR A 51 -10.94 4.97 -1.89
C TYR A 51 -11.59 3.89 -1.04
N TYR A 52 -10.77 3.12 -0.35
CA TYR A 52 -11.27 2.04 0.50
C TYR A 52 -12.18 2.59 1.59
N ARG A 53 -11.76 3.69 2.21
CA ARG A 53 -12.53 4.32 3.27
C ARG A 53 -13.92 4.71 2.77
N GLN A 54 -14.03 4.96 1.47
CA GLN A 54 -15.30 5.35 0.87
C GLN A 54 -16.12 4.13 0.44
N GLN A 55 -15.66 2.94 0.82
CA GLN A 55 -16.35 1.71 0.47
C GLN A 55 -16.32 0.72 1.63
N VAL A 56 -16.57 1.22 2.83
CA VAL A 56 -16.57 0.38 4.03
C VAL A 56 -17.98 0.23 4.60
N THR A 57 -18.12 -0.60 5.62
CA THR A 57 -19.40 -0.82 6.27
C THR A 57 -19.21 -1.55 7.59
N GLY A 58 -20.03 -1.21 8.55
CA GLY A 58 -19.96 -1.83 9.86
C GLY A 58 -20.11 -0.83 10.97
N GLU A 59 -19.19 -0.87 11.92
CA GLU A 59 -19.21 0.04 13.06
C GLU A 59 -18.10 1.08 12.93
N PRO A 60 -18.27 2.24 13.59
CA PRO A 60 -17.28 3.33 13.53
C PRO A 60 -15.86 2.83 13.80
N GLN A 61 -15.70 2.05 14.86
CA GLN A 61 -14.40 1.50 15.22
C GLN A 61 -14.00 0.36 14.29
N GLU A 62 -15.00 -0.35 13.76
CA GLU A 62 -14.75 -1.47 12.85
C GLU A 62 -14.09 -0.98 11.57
N ARG A 63 -14.70 0.03 10.95
CA ARG A 63 -14.16 0.59 9.71
C ARG A 63 -12.76 1.14 9.92
N ASP A 64 -12.53 1.70 11.11
CA ASP A 64 -11.23 2.26 11.45
C ASP A 64 -10.20 1.16 11.66
N LYS A 65 -10.65 0.04 12.23
CA LYS A 65 -9.77 -1.09 12.48
C LYS A 65 -9.24 -1.69 11.19
N ALA A 66 -10.12 -1.80 10.19
CA ALA A 66 -9.75 -2.35 8.90
C ALA A 66 -8.89 -1.37 8.10
N LEU A 67 -9.22 -0.09 8.21
CA LEU A 67 -8.48 0.95 7.50
C LEU A 67 -7.15 1.23 8.18
N GLN A 68 -7.11 1.05 9.50
CA GLN A 68 -5.89 1.29 10.27
C GLN A 68 -4.80 0.28 9.90
N GLU A 69 -5.20 -0.96 9.68
CA GLU A 69 -4.27 -2.02 9.32
C GLU A 69 -3.81 -1.88 7.88
N LEU A 70 -4.68 -1.32 7.04
CA LEU A 70 -4.36 -1.12 5.64
C LEU A 70 -3.03 -0.38 5.51
N ARG A 71 -2.71 0.44 6.51
CA ARG A 71 -1.48 1.21 6.52
C ARG A 71 -0.27 0.30 6.69
N GLN A 72 -0.40 -0.68 7.59
CA GLN A 72 0.69 -1.61 7.85
C GLN A 72 1.05 -2.39 6.60
N GLU A 73 0.04 -2.84 5.87
CA GLU A 73 0.27 -3.60 4.64
C GLU A 73 1.05 -2.77 3.62
N LEU A 74 0.57 -1.56 3.35
CA LEU A 74 1.22 -0.68 2.40
C LEU A 74 2.56 -0.17 2.95
N ASN A 75 2.60 0.04 4.26
CA ASN A 75 3.82 0.52 4.92
C ASN A 75 4.98 -0.46 4.70
N THR A 76 4.71 -1.73 4.97
CA THR A 76 5.73 -2.77 4.81
C THR A 76 5.95 -3.11 3.35
N LEU A 77 4.87 -3.12 2.57
CA LEU A 77 4.97 -3.44 1.15
C LEU A 77 6.07 -2.61 0.50
N ALA A 78 6.30 -1.43 1.06
CA ALA A 78 7.33 -0.54 0.57
C ALA A 78 8.72 -1.07 0.93
N ASN A 79 8.81 -1.82 2.04
CA ASN A 79 10.09 -2.36 2.49
C ASN A 79 10.85 -3.07 1.36
N PRO A 80 10.21 -4.05 0.70
CA PRO A 80 10.84 -4.79 -0.40
C PRO A 80 11.10 -3.91 -1.62
N PHE A 81 10.12 -3.11 -1.98
CA PHE A 81 10.24 -2.21 -3.13
C PHE A 81 11.34 -1.18 -2.90
N LEU A 82 11.46 -0.71 -1.67
CA LEU A 82 12.48 0.27 -1.31
C LEU A 82 13.85 -0.37 -1.21
N ALA A 83 13.91 -1.51 -0.52
CA ALA A 83 15.16 -2.23 -0.35
C ALA A 83 15.76 -2.63 -1.70
N LYS A 84 14.91 -2.98 -2.64
CA LYS A 84 15.35 -3.37 -3.97
C LYS A 84 15.97 -2.19 -4.71
N TYR A 85 15.30 -1.05 -4.68
CA TYR A 85 15.79 0.15 -5.34
C TYR A 85 17.12 0.59 -4.75
N ARG A 86 17.19 0.67 -3.43
CA ARG A 86 18.40 1.08 -2.74
C ARG A 86 19.56 0.14 -3.07
N ASP A 87 19.24 -1.15 -3.22
CA ASP A 87 20.26 -2.15 -3.53
C ASP A 87 20.63 -2.10 -5.01
N PHE A 88 19.65 -1.75 -5.85
CA PHE A 88 19.86 -1.67 -7.29
C PHE A 88 20.86 -0.56 -7.63
N LEU A 89 20.71 0.58 -6.96
CA LEU A 89 21.58 1.73 -7.20
C LEU A 89 22.13 2.28 -5.89
N LYS A 90 21.29 3.00 -5.16
CA LYS A 90 21.69 3.57 -3.87
C LYS A 90 20.48 3.83 -2.99
N MET A 1 -6.22 -13.28 15.04
CA MET A 1 -6.20 -11.80 15.13
C MET A 1 -7.59 -11.22 14.89
N ALA A 2 -7.75 -9.94 15.21
CA ALA A 2 -9.03 -9.27 15.04
C ALA A 2 -9.20 -8.77 13.60
N LEU A 3 -9.81 -9.60 12.77
CA LEU A 3 -10.04 -9.25 11.36
C LEU A 3 -11.29 -9.92 10.83
N LEU A 4 -12.34 -9.13 10.63
CA LEU A 4 -13.61 -9.64 10.11
C LEU A 4 -13.46 -10.12 8.67
N LYS A 5 -14.43 -10.90 8.21
CA LYS A 5 -14.40 -11.41 6.85
C LYS A 5 -14.41 -10.28 5.83
N ALA A 6 -15.36 -9.36 6.00
CA ALA A 6 -15.48 -8.22 5.10
C ALA A 6 -14.33 -7.24 5.29
N ASN A 7 -13.91 -7.06 6.54
CA ASN A 7 -12.82 -6.15 6.86
C ASN A 7 -11.52 -6.63 6.24
N LYS A 8 -11.21 -7.92 6.41
CA LYS A 8 -9.99 -8.50 5.86
C LYS A 8 -10.06 -8.56 4.34
N ASP A 9 -11.28 -8.74 3.81
CA ASP A 9 -11.47 -8.82 2.38
C ASP A 9 -11.17 -7.48 1.71
N LEU A 10 -11.41 -6.39 2.43
CA LEU A 10 -11.18 -5.06 1.92
C LEU A 10 -9.67 -4.80 1.76
N ILE A 11 -8.91 -5.16 2.78
CA ILE A 11 -7.46 -4.96 2.76
C ILE A 11 -6.80 -5.93 1.77
N SER A 12 -7.35 -7.13 1.67
CA SER A 12 -6.81 -8.15 0.77
C SER A 12 -6.80 -7.64 -0.67
N ALA A 13 -7.87 -6.98 -1.07
CA ALA A 13 -7.98 -6.44 -2.42
C ALA A 13 -6.88 -5.43 -2.68
N GLY A 14 -6.67 -4.51 -1.74
CA GLY A 14 -5.64 -3.51 -1.89
C GLY A 14 -4.24 -4.10 -1.84
N LEU A 15 -4.07 -5.14 -1.03
CA LEU A 15 -2.77 -5.79 -0.88
C LEU A 15 -2.28 -6.31 -2.23
N LYS A 16 -3.17 -6.96 -2.98
CA LYS A 16 -2.82 -7.50 -4.28
C LYS A 16 -2.58 -6.38 -5.29
N GLU A 17 -3.33 -5.29 -5.14
CA GLU A 17 -3.21 -4.15 -6.04
C GLU A 17 -1.80 -3.57 -5.99
N PHE A 18 -1.21 -3.55 -4.80
CA PHE A 18 0.13 -3.03 -4.62
C PHE A 18 1.17 -3.99 -5.19
N SER A 19 0.91 -5.28 -5.07
CA SER A 19 1.82 -6.30 -5.58
C SER A 19 1.87 -6.28 -7.10
N VAL A 20 0.70 -6.30 -7.73
CA VAL A 20 0.60 -6.29 -9.18
C VAL A 20 1.18 -4.99 -9.75
N LEU A 21 0.80 -3.88 -9.14
CA LEU A 21 1.27 -2.57 -9.58
C LEU A 21 2.80 -2.50 -9.54
N LEU A 22 3.38 -3.14 -8.54
CA LEU A 22 4.84 -3.15 -8.38
C LEU A 22 5.49 -4.01 -9.45
N ASN A 23 4.80 -5.07 -9.86
CA ASN A 23 5.32 -5.96 -10.89
C ASN A 23 5.49 -5.23 -12.22
N GLN A 24 4.69 -4.19 -12.43
CA GLN A 24 4.75 -3.42 -13.66
C GLN A 24 6.12 -2.76 -13.82
N GLN A 25 6.76 -2.44 -12.70
CA GLN A 25 8.07 -1.80 -12.72
C GLN A 25 9.10 -2.72 -13.37
N VAL A 26 10.04 -2.12 -14.10
CA VAL A 26 11.09 -2.88 -14.76
C VAL A 26 12.44 -2.67 -14.10
N PHE A 27 12.64 -1.47 -13.56
CA PHE A 27 13.89 -1.13 -12.89
C PHE A 27 15.07 -1.22 -13.87
N ASN A 28 15.44 -0.08 -14.45
CA ASN A 28 16.55 -0.03 -15.39
C ASN A 28 16.80 1.40 -15.88
N ASP A 29 15.71 2.14 -16.07
CA ASP A 29 15.82 3.53 -16.53
C ASP A 29 15.07 4.48 -15.64
N PRO A 30 15.30 4.38 -14.31
CA PRO A 30 14.67 5.29 -13.41
C PRO A 30 15.41 6.61 -13.38
N LEU A 31 14.70 7.66 -13.73
CA LEU A 31 15.27 9.00 -13.77
C LEU A 31 14.99 9.75 -12.47
N VAL A 32 13.86 9.42 -11.84
CA VAL A 32 13.46 10.07 -10.59
C VAL A 32 14.41 9.68 -9.46
N SER A 33 14.76 10.66 -8.63
CA SER A 33 15.65 10.42 -7.50
C SER A 33 14.99 9.50 -6.47
N GLU A 34 15.79 9.03 -5.51
CA GLU A 34 15.29 8.15 -4.47
C GLU A 34 14.35 8.91 -3.52
N GLU A 35 14.62 10.20 -3.35
CA GLU A 35 13.80 11.02 -2.46
C GLU A 35 12.35 11.05 -2.93
N ASP A 36 12.15 11.32 -4.22
CA ASP A 36 10.82 11.37 -4.80
C ASP A 36 10.11 10.04 -4.66
N MET A 37 10.90 8.97 -4.61
CA MET A 37 10.37 7.63 -4.49
C MET A 37 9.66 7.43 -3.15
N VAL A 38 10.11 8.16 -2.14
CA VAL A 38 9.51 8.08 -0.81
C VAL A 38 8.15 8.74 -0.77
N THR A 39 8.07 9.95 -1.33
CA THR A 39 6.82 10.70 -1.35
C THR A 39 5.79 10.05 -2.26
N VAL A 40 6.21 9.65 -3.45
CA VAL A 40 5.31 9.01 -4.41
C VAL A 40 4.65 7.78 -3.81
N VAL A 41 5.44 6.93 -3.18
CA VAL A 41 4.94 5.71 -2.56
C VAL A 41 4.06 6.04 -1.35
N GLU A 42 4.44 7.08 -0.62
CA GLU A 42 3.69 7.50 0.56
C GLU A 42 2.36 8.14 0.17
N ASP A 43 2.38 8.89 -0.94
CA ASP A 43 1.17 9.55 -1.43
C ASP A 43 0.28 8.56 -2.18
N TRP A 44 0.90 7.56 -2.78
CA TRP A 44 0.15 6.55 -3.53
C TRP A 44 -0.86 5.84 -2.63
N MET A 45 -0.39 5.37 -1.48
CA MET A 45 -1.25 4.68 -0.53
C MET A 45 -2.37 5.58 -0.05
N ASN A 46 -2.08 6.88 0.07
CA ASN A 46 -3.07 7.85 0.52
C ASN A 46 -4.28 7.86 -0.41
N PHE A 47 -4.05 7.58 -1.69
CA PHE A 47 -5.12 7.56 -2.67
C PHE A 47 -6.01 6.33 -2.48
N TYR A 48 -5.38 5.18 -2.28
CA TYR A 48 -6.12 3.93 -2.09
C TYR A 48 -6.91 3.96 -0.79
N ILE A 49 -6.29 4.49 0.26
CA ILE A 49 -6.93 4.58 1.56
C ILE A 49 -8.14 5.53 1.52
N ASN A 50 -8.04 6.56 0.69
CA ASN A 50 -9.11 7.53 0.55
C ASN A 50 -10.30 6.93 -0.21
N TYR A 51 -9.98 6.13 -1.23
CA TYR A 51 -11.01 5.49 -2.04
C TYR A 51 -11.66 4.34 -1.28
N TYR A 52 -10.84 3.54 -0.60
CA TYR A 52 -11.34 2.40 0.17
C TYR A 52 -12.28 2.87 1.28
N ARG A 53 -11.91 3.96 1.94
CA ARG A 53 -12.73 4.51 3.02
C ARG A 53 -14.12 4.87 2.54
N GLN A 54 -14.24 5.15 1.23
CA GLN A 54 -15.53 5.51 0.65
C GLN A 54 -16.29 4.27 0.18
N GLN A 55 -15.78 3.09 0.51
CA GLN A 55 -16.42 1.84 0.12
C GLN A 55 -16.38 0.82 1.25
N VAL A 56 -16.61 1.28 2.47
CA VAL A 56 -16.60 0.41 3.64
C VAL A 56 -18.00 0.23 4.21
N THR A 57 -18.12 -0.63 5.21
CA THR A 57 -19.40 -0.89 5.85
C THR A 57 -19.19 -1.65 7.15
N GLY A 58 -20.03 -1.35 8.13
CA GLY A 58 -19.94 -2.00 9.41
C GLY A 58 -20.15 -1.02 10.55
N GLU A 59 -19.22 -1.06 11.51
CA GLU A 59 -19.29 -0.17 12.66
C GLU A 59 -18.18 0.87 12.60
N PRO A 60 -18.38 2.04 13.25
CA PRO A 60 -17.39 3.12 13.26
C PRO A 60 -16.00 2.61 13.66
N GLN A 61 -15.96 1.79 14.71
CA GLN A 61 -14.70 1.23 15.19
C GLN A 61 -14.20 0.13 14.28
N GLU A 62 -15.13 -0.61 13.68
CA GLU A 62 -14.77 -1.70 12.78
C GLU A 62 -14.07 -1.16 11.54
N ARG A 63 -14.68 -0.16 10.91
CA ARG A 63 -14.12 0.44 9.72
C ARG A 63 -12.75 1.05 10.02
N ASP A 64 -12.61 1.60 11.23
CA ASP A 64 -11.36 2.22 11.65
C ASP A 64 -10.29 1.15 11.90
N LYS A 65 -10.71 0.00 12.42
CA LYS A 65 -9.80 -1.09 12.70
C LYS A 65 -9.29 -1.74 11.41
N ALA A 66 -10.17 -1.83 10.42
CA ALA A 66 -9.81 -2.43 9.14
C ALA A 66 -8.92 -1.50 8.33
N LEU A 67 -9.21 -0.20 8.40
CA LEU A 67 -8.44 0.79 7.68
C LEU A 67 -7.08 1.05 8.35
N GLN A 68 -7.08 0.99 9.67
CA GLN A 68 -5.86 1.21 10.45
C GLN A 68 -4.80 0.17 10.11
N GLU A 69 -5.24 -1.06 9.87
CA GLU A 69 -4.33 -2.15 9.53
C GLU A 69 -3.82 -2.01 8.11
N LEU A 70 -4.63 -1.42 7.24
CA LEU A 70 -4.25 -1.22 5.86
C LEU A 70 -2.89 -0.52 5.78
N ARG A 71 -2.59 0.27 6.79
CA ARG A 71 -1.32 1.00 6.86
C ARG A 71 -0.17 0.04 7.07
N GLN A 72 -0.37 -0.97 7.91
CA GLN A 72 0.66 -1.96 8.20
C GLN A 72 1.10 -2.68 6.92
N GLU A 73 0.12 -3.17 6.16
CA GLU A 73 0.40 -3.89 4.93
C GLU A 73 1.13 -2.99 3.93
N LEU A 74 0.62 -1.77 3.76
CA LEU A 74 1.22 -0.82 2.83
C LEU A 74 2.57 -0.34 3.34
N ASN A 75 2.70 -0.23 4.66
CA ASN A 75 3.95 0.22 5.28
C ASN A 75 5.09 -0.71 4.92
N THR A 76 4.89 -2.00 5.10
CA THR A 76 5.91 -3.00 4.80
C THR A 76 6.02 -3.23 3.30
N LEU A 77 4.89 -3.22 2.60
CA LEU A 77 4.88 -3.44 1.17
C LEU A 77 5.92 -2.55 0.50
N ALA A 78 6.15 -1.39 1.12
CA ALA A 78 7.14 -0.45 0.62
C ALA A 78 8.57 -0.96 0.84
N ASN A 79 8.77 -1.79 1.86
CA ASN A 79 10.10 -2.30 2.17
C ASN A 79 10.71 -3.04 0.97
N PRO A 80 10.02 -4.06 0.44
CA PRO A 80 10.52 -4.83 -0.71
C PRO A 80 10.92 -3.92 -1.88
N PHE A 81 10.04 -3.00 -2.24
CA PHE A 81 10.31 -2.08 -3.34
C PHE A 81 11.49 -1.18 -3.02
N LEU A 82 11.45 -0.55 -1.85
CA LEU A 82 12.51 0.34 -1.41
C LEU A 82 13.85 -0.40 -1.33
N ALA A 83 13.79 -1.65 -0.88
CA ALA A 83 14.99 -2.46 -0.75
C ALA A 83 15.58 -2.80 -2.11
N LYS A 84 14.72 -3.14 -3.06
CA LYS A 84 15.15 -3.48 -4.41
C LYS A 84 15.59 -2.23 -5.17
N TYR A 85 14.79 -1.18 -5.09
CA TYR A 85 15.09 0.07 -5.76
C TYR A 85 16.43 0.63 -5.32
N ARG A 86 16.63 0.69 -3.99
CA ARG A 86 17.87 1.21 -3.43
C ARG A 86 19.06 0.34 -3.85
N ASP A 87 18.81 -0.95 -4.05
CA ASP A 87 19.85 -1.88 -4.44
C ASP A 87 20.17 -1.75 -5.94
N PHE A 88 19.16 -1.39 -6.71
CA PHE A 88 19.33 -1.22 -8.16
C PHE A 88 20.19 -0.01 -8.47
N LEU A 89 20.03 1.04 -7.68
CA LEU A 89 20.80 2.27 -7.87
C LEU A 89 21.42 2.73 -6.55
N LYS A 90 20.60 3.31 -5.69
CA LYS A 90 21.07 3.80 -4.40
C LYS A 90 19.98 3.68 -3.34
N MET A 1 -5.10 -12.82 16.05
CA MET A 1 -5.54 -12.07 14.85
C MET A 1 -6.93 -12.49 14.40
N ALA A 2 -7.92 -11.64 14.69
CA ALA A 2 -9.30 -11.93 14.31
C ALA A 2 -9.58 -11.50 12.87
N LEU A 3 -9.72 -10.20 12.67
CA LEU A 3 -9.99 -9.66 11.33
C LEU A 3 -11.30 -10.22 10.77
N LEU A 4 -12.31 -9.36 10.68
CA LEU A 4 -13.60 -9.76 10.17
C LEU A 4 -13.50 -10.23 8.72
N LYS A 5 -14.52 -10.95 8.25
CA LYS A 5 -14.53 -11.45 6.88
C LYS A 5 -14.50 -10.31 5.88
N ALA A 6 -15.40 -9.35 6.07
CA ALA A 6 -15.48 -8.20 5.18
C ALA A 6 -14.30 -7.25 5.38
N ASN A 7 -13.85 -7.15 6.64
CA ASN A 7 -12.72 -6.28 6.97
C ASN A 7 -11.44 -6.78 6.32
N LYS A 8 -11.18 -8.08 6.46
CA LYS A 8 -9.98 -8.68 5.89
C LYS A 8 -10.09 -8.77 4.37
N ASP A 9 -11.31 -8.94 3.88
CA ASP A 9 -11.55 -9.03 2.45
C ASP A 9 -11.28 -7.71 1.75
N LEU A 10 -11.55 -6.61 2.47
CA LEU A 10 -11.34 -5.27 1.93
C LEU A 10 -9.85 -4.98 1.77
N ILE A 11 -9.07 -5.30 2.80
CA ILE A 11 -7.64 -5.08 2.77
C ILE A 11 -6.95 -6.03 1.80
N SER A 12 -7.47 -7.26 1.72
CA SER A 12 -6.90 -8.27 0.84
C SER A 12 -6.89 -7.78 -0.61
N ALA A 13 -7.97 -7.14 -1.02
CA ALA A 13 -8.09 -6.62 -2.38
C ALA A 13 -6.98 -5.60 -2.66
N GLY A 14 -6.79 -4.67 -1.74
CA GLY A 14 -5.77 -3.66 -1.91
C GLY A 14 -4.36 -4.23 -1.83
N LEU A 15 -4.19 -5.25 -0.99
CA LEU A 15 -2.89 -5.89 -0.82
C LEU A 15 -2.38 -6.42 -2.16
N LYS A 16 -3.24 -7.12 -2.89
CA LYS A 16 -2.86 -7.69 -4.18
C LYS A 16 -2.62 -6.59 -5.20
N GLU A 17 -3.38 -5.50 -5.10
CA GLU A 17 -3.24 -4.38 -6.02
C GLU A 17 -1.84 -3.78 -5.94
N PHE A 18 -1.27 -3.77 -4.74
CA PHE A 18 0.07 -3.23 -4.53
C PHE A 18 1.13 -4.17 -5.11
N SER A 19 0.92 -5.46 -4.96
CA SER A 19 1.85 -6.47 -5.46
C SER A 19 1.90 -6.44 -6.99
N VAL A 20 0.74 -6.49 -7.62
CA VAL A 20 0.65 -6.49 -9.08
C VAL A 20 1.21 -5.18 -9.64
N LEU A 21 0.81 -4.07 -9.03
CA LEU A 21 1.27 -2.75 -9.48
C LEU A 21 2.79 -2.67 -9.44
N LEU A 22 3.39 -3.31 -8.45
CA LEU A 22 4.84 -3.31 -8.31
C LEU A 22 5.51 -4.07 -9.45
N ASN A 23 4.91 -5.19 -9.84
CA ASN A 23 5.44 -6.00 -10.92
C ASN A 23 5.43 -5.24 -12.24
N GLN A 24 4.48 -4.32 -12.38
CA GLN A 24 4.36 -3.51 -13.59
C GLN A 24 5.61 -2.67 -13.82
N GLN A 25 6.32 -2.37 -12.74
CA GLN A 25 7.54 -1.57 -12.83
C GLN A 25 8.54 -2.20 -13.80
N VAL A 26 9.07 -1.39 -14.70
CA VAL A 26 10.03 -1.86 -15.68
C VAL A 26 11.43 -1.99 -15.07
N PHE A 27 11.71 -1.15 -14.08
CA PHE A 27 13.00 -1.17 -13.41
C PHE A 27 14.13 -0.82 -14.37
N ASN A 28 15.37 -0.91 -13.90
CA ASN A 28 16.54 -0.60 -14.71
C ASN A 28 16.34 0.69 -15.51
N ASP A 29 15.58 1.61 -14.94
CA ASP A 29 15.31 2.89 -15.60
C ASP A 29 15.07 3.99 -14.61
N PRO A 30 15.92 4.11 -13.58
CA PRO A 30 15.78 5.18 -12.64
C PRO A 30 16.37 6.45 -13.19
N LEU A 31 15.53 7.45 -13.30
CA LEU A 31 15.93 8.76 -13.82
C LEU A 31 15.71 9.85 -12.78
N VAL A 32 14.60 9.75 -12.04
CA VAL A 32 14.28 10.72 -11.01
C VAL A 32 15.07 10.45 -9.73
N SER A 33 15.18 11.47 -8.89
CA SER A 33 15.90 11.34 -7.63
C SER A 33 15.30 10.23 -6.76
N GLU A 34 16.10 9.69 -5.86
CA GLU A 34 15.66 8.63 -4.96
C GLU A 34 14.62 9.16 -3.96
N GLU A 35 14.76 10.42 -3.59
CA GLU A 35 13.85 11.05 -2.64
C GLU A 35 12.43 11.10 -3.21
N ASP A 36 12.34 11.29 -4.52
CA ASP A 36 11.05 11.36 -5.19
C ASP A 36 10.31 10.04 -5.11
N MET A 37 11.07 8.96 -4.97
CA MET A 37 10.50 7.62 -4.88
C MET A 37 9.79 7.43 -3.55
N VAL A 38 10.27 8.11 -2.51
CA VAL A 38 9.67 8.02 -1.19
C VAL A 38 8.34 8.76 -1.12
N THR A 39 8.31 9.96 -1.70
CA THR A 39 7.09 10.77 -1.69
C THR A 39 6.01 10.15 -2.58
N VAL A 40 6.39 9.75 -3.78
CA VAL A 40 5.45 9.16 -4.73
C VAL A 40 4.77 7.93 -4.12
N VAL A 41 5.56 7.06 -3.52
CA VAL A 41 5.04 5.85 -2.90
C VAL A 41 4.20 6.19 -1.66
N GLU A 42 4.60 7.25 -0.97
CA GLU A 42 3.89 7.68 0.23
C GLU A 42 2.53 8.27 -0.12
N ASP A 43 2.47 9.00 -1.23
CA ASP A 43 1.23 9.63 -1.68
C ASP A 43 0.35 8.61 -2.41
N TRP A 44 0.99 7.62 -3.04
CA TRP A 44 0.26 6.59 -3.76
C TRP A 44 -0.71 5.85 -2.84
N MET A 45 -0.20 5.40 -1.70
CA MET A 45 -1.02 4.69 -0.73
C MET A 45 -2.13 5.58 -0.17
N ASN A 46 -1.82 6.86 -0.04
CA ASN A 46 -2.80 7.83 0.48
C ASN A 46 -4.06 7.85 -0.38
N PHE A 47 -3.89 7.66 -1.68
CA PHE A 47 -5.01 7.64 -2.61
C PHE A 47 -5.83 6.37 -2.47
N TYR A 48 -5.13 5.25 -2.28
CA TYR A 48 -5.79 3.95 -2.13
C TYR A 48 -6.55 3.88 -0.81
N ILE A 49 -5.92 4.37 0.25
CA ILE A 49 -6.54 4.36 1.58
C ILE A 49 -7.79 5.22 1.60
N ASN A 50 -7.78 6.30 0.83
CA ASN A 50 -8.91 7.21 0.76
C ASN A 50 -10.07 6.57 0.00
N TYR A 51 -9.76 5.93 -1.12
CA TYR A 51 -10.78 5.28 -1.93
C TYR A 51 -11.44 4.13 -1.17
N TYR A 52 -10.64 3.44 -0.36
CA TYR A 52 -11.15 2.32 0.43
C TYR A 52 -12.02 2.81 1.58
N ARG A 53 -11.72 4.00 2.09
CA ARG A 53 -12.47 4.58 3.18
C ARG A 53 -13.90 4.94 2.76
N GLN A 54 -14.06 5.26 1.49
CA GLN A 54 -15.36 5.63 0.95
C GLN A 54 -16.13 4.40 0.45
N GLN A 55 -15.59 3.21 0.73
CA GLN A 55 -16.23 1.97 0.31
C GLN A 55 -16.18 0.92 1.42
N VAL A 56 -16.44 1.37 2.64
CA VAL A 56 -16.43 0.47 3.80
C VAL A 56 -17.84 0.25 4.33
N THR A 57 -17.97 -0.64 5.32
CA THR A 57 -19.25 -0.95 5.91
C THR A 57 -19.05 -1.70 7.22
N GLY A 58 -19.92 -1.43 8.17
CA GLY A 58 -19.84 -2.08 9.46
C GLY A 58 -20.08 -1.11 10.60
N GLU A 59 -19.18 -1.13 11.58
CA GLU A 59 -19.28 -0.26 12.73
C GLU A 59 -18.22 0.83 12.67
N PRO A 60 -18.46 1.98 13.33
CA PRO A 60 -17.52 3.10 13.34
C PRO A 60 -16.11 2.66 13.74
N GLN A 61 -16.03 1.85 14.77
CA GLN A 61 -14.75 1.35 15.25
C GLN A 61 -14.19 0.27 14.33
N GLU A 62 -15.10 -0.48 13.69
CA GLU A 62 -14.70 -1.54 12.78
C GLU A 62 -14.02 -0.96 11.54
N ARG A 63 -14.65 0.06 10.96
CA ARG A 63 -14.10 0.70 9.78
C ARG A 63 -12.73 1.32 10.07
N ASP A 64 -12.58 1.82 11.29
CA ASP A 64 -11.32 2.44 11.70
C ASP A 64 -10.23 1.38 11.88
N LYS A 65 -10.63 0.22 12.38
CA LYS A 65 -9.69 -0.88 12.61
C LYS A 65 -9.26 -1.52 11.29
N ALA A 66 -10.19 -1.58 10.34
CA ALA A 66 -9.90 -2.16 9.03
C ALA A 66 -9.03 -1.25 8.20
N LEU A 67 -9.32 0.06 8.25
CA LEU A 67 -8.56 1.04 7.49
C LEU A 67 -7.21 1.31 8.14
N GLN A 68 -7.16 1.19 9.47
CA GLN A 68 -5.92 1.41 10.21
C GLN A 68 -4.87 0.37 9.86
N GLU A 69 -5.31 -0.86 9.63
CA GLU A 69 -4.40 -1.95 9.28
C GLU A 69 -3.92 -1.82 7.85
N LEU A 70 -4.75 -1.23 7.00
CA LEU A 70 -4.39 -1.04 5.60
C LEU A 70 -3.04 -0.35 5.50
N ARG A 71 -2.72 0.45 6.50
CA ARG A 71 -1.45 1.18 6.53
C ARG A 71 -0.29 0.22 6.73
N GLN A 72 -0.46 -0.75 7.62
CA GLN A 72 0.58 -1.73 7.90
C GLN A 72 0.95 -2.52 6.65
N GLU A 73 -0.06 -2.88 5.87
CA GLU A 73 0.15 -3.64 4.63
C GLU A 73 0.96 -2.82 3.63
N LEU A 74 0.50 -1.59 3.37
CA LEU A 74 1.16 -0.71 2.43
C LEU A 74 2.51 -0.25 2.97
N ASN A 75 2.59 -0.09 4.28
CA ASN A 75 3.82 0.35 4.94
C ASN A 75 4.96 -0.63 4.66
N THR A 76 4.70 -1.91 4.89
CA THR A 76 5.69 -2.95 4.66
C THR A 76 5.91 -3.21 3.18
N LEU A 77 4.82 -3.15 2.41
CA LEU A 77 4.90 -3.40 0.98
C LEU A 77 6.02 -2.55 0.37
N ALA A 78 6.26 -1.41 0.99
CA ALA A 78 7.31 -0.50 0.56
C ALA A 78 8.69 -1.08 0.87
N ASN A 79 8.78 -1.89 1.93
CA ASN A 79 10.06 -2.48 2.33
C ASN A 79 10.78 -3.15 1.17
N PRO A 80 10.11 -4.08 0.46
CA PRO A 80 10.72 -4.78 -0.68
C PRO A 80 10.98 -3.86 -1.86
N PHE A 81 10.03 -2.97 -2.12
CA PHE A 81 10.16 -2.01 -3.22
C PHE A 81 11.34 -1.07 -2.99
N LEU A 82 11.39 -0.46 -1.81
CA LEU A 82 12.46 0.46 -1.47
C LEU A 82 13.78 -0.28 -1.31
N ALA A 83 13.73 -1.43 -0.66
CA ALA A 83 14.93 -2.24 -0.44
C ALA A 83 15.57 -2.65 -1.76
N LYS A 84 14.75 -3.10 -2.70
CA LYS A 84 15.24 -3.51 -4.00
C LYS A 84 15.69 -2.31 -4.83
N TYR A 85 15.04 -1.17 -4.61
CA TYR A 85 15.37 0.06 -5.33
C TYR A 85 16.74 0.58 -4.91
N ARG A 86 16.93 0.74 -3.60
CA ARG A 86 18.19 1.23 -3.07
C ARG A 86 19.35 0.33 -3.48
N ASP A 87 19.07 -0.96 -3.64
CA ASP A 87 20.08 -1.93 -4.02
C ASP A 87 20.37 -1.87 -5.52
N PHE A 88 19.33 -1.51 -6.29
CA PHE A 88 19.47 -1.41 -7.74
C PHE A 88 20.31 -0.20 -8.12
N LEU A 89 20.09 0.91 -7.43
CA LEU A 89 20.81 2.15 -7.70
C LEU A 89 21.47 2.68 -6.42
N LYS A 90 20.66 3.31 -5.57
CA LYS A 90 21.15 3.88 -4.32
C LYS A 90 20.01 4.15 -3.35
N MET A 1 -7.90 -15.44 13.96
CA MET A 1 -7.15 -14.16 14.05
C MET A 1 -8.09 -12.96 13.97
N ALA A 2 -7.64 -11.80 14.43
CA ALA A 2 -8.44 -10.60 14.42
C ALA A 2 -8.83 -10.21 12.99
N LEU A 3 -9.36 -9.01 12.83
CA LEU A 3 -9.77 -8.52 11.51
C LEU A 3 -10.88 -9.41 10.93
N LEU A 4 -12.09 -8.88 10.89
CA LEU A 4 -13.23 -9.61 10.36
C LEU A 4 -13.02 -9.96 8.88
N LYS A 5 -13.80 -10.91 8.39
CA LYS A 5 -13.71 -11.32 6.99
C LYS A 5 -14.05 -10.18 6.05
N ALA A 6 -15.18 -9.53 6.29
CA ALA A 6 -15.62 -8.42 5.46
C ALA A 6 -14.60 -7.29 5.48
N ASN A 7 -13.96 -7.09 6.64
CA ASN A 7 -12.97 -6.04 6.79
C ASN A 7 -11.66 -6.43 6.11
N LYS A 8 -11.19 -7.64 6.39
CA LYS A 8 -9.95 -8.14 5.81
C LYS A 8 -10.05 -8.21 4.29
N ASP A 9 -11.26 -8.46 3.79
CA ASP A 9 -11.49 -8.54 2.34
C ASP A 9 -11.15 -7.23 1.66
N LEU A 10 -11.33 -6.13 2.38
CA LEU A 10 -11.05 -4.81 1.85
C LEU A 10 -9.55 -4.61 1.64
N ILE A 11 -8.76 -4.99 2.65
CA ILE A 11 -7.31 -4.86 2.58
C ILE A 11 -6.72 -5.86 1.59
N SER A 12 -7.33 -7.04 1.52
CA SER A 12 -6.86 -8.08 0.61
C SER A 12 -6.84 -7.59 -0.83
N ALA A 13 -7.90 -6.89 -1.22
CA ALA A 13 -8.00 -6.35 -2.57
C ALA A 13 -6.85 -5.39 -2.86
N GLY A 14 -6.61 -4.48 -1.94
CA GLY A 14 -5.53 -3.52 -2.11
C GLY A 14 -4.16 -4.16 -2.05
N LEU A 15 -4.04 -5.20 -1.22
CA LEU A 15 -2.77 -5.90 -1.08
C LEU A 15 -2.29 -6.46 -2.42
N LYS A 16 -3.22 -7.08 -3.15
CA LYS A 16 -2.88 -7.66 -4.45
C LYS A 16 -2.61 -6.57 -5.47
N GLU A 17 -3.42 -5.51 -5.44
CA GLU A 17 -3.27 -4.40 -6.36
C GLU A 17 -1.90 -3.75 -6.22
N PHE A 18 -1.40 -3.70 -4.98
CA PHE A 18 -0.11 -3.11 -4.69
C PHE A 18 1.02 -4.01 -5.20
N SER A 19 0.83 -5.31 -5.08
CA SER A 19 1.83 -6.28 -5.52
C SER A 19 1.98 -6.25 -7.04
N VAL A 20 0.86 -6.35 -7.74
CA VAL A 20 0.87 -6.34 -9.20
C VAL A 20 1.41 -5.02 -9.73
N LEU A 21 0.93 -3.93 -9.15
CA LEU A 21 1.36 -2.59 -9.57
C LEU A 21 2.87 -2.43 -9.41
N LEU A 22 3.42 -3.05 -8.37
CA LEU A 22 4.86 -2.97 -8.12
C LEU A 22 5.64 -3.56 -9.28
N ASN A 23 5.15 -4.67 -9.82
CA ASN A 23 5.82 -5.32 -10.94
C ASN A 23 5.92 -4.39 -12.15
N GLN A 24 4.94 -3.49 -12.27
CA GLN A 24 4.91 -2.55 -13.38
C GLN A 24 6.13 -1.64 -13.36
N GLN A 25 6.76 -1.50 -12.19
CA GLN A 25 7.93 -0.66 -12.03
C GLN A 25 9.02 -1.06 -13.02
N VAL A 26 9.16 -2.36 -13.25
CA VAL A 26 10.17 -2.89 -14.17
C VAL A 26 11.58 -2.76 -13.61
N PHE A 27 11.99 -1.52 -13.34
CA PHE A 27 13.33 -1.26 -12.80
C PHE A 27 14.40 -1.52 -13.85
N ASN A 28 14.97 -0.45 -14.39
CA ASN A 28 16.01 -0.57 -15.41
C ASN A 28 16.54 0.80 -15.80
N ASP A 29 15.64 1.77 -15.91
CA ASP A 29 16.02 3.13 -16.29
C ASP A 29 15.20 4.16 -15.54
N PRO A 30 15.24 4.12 -14.21
CA PRO A 30 14.53 5.10 -13.43
C PRO A 30 15.34 6.38 -13.35
N LEU A 31 14.74 7.44 -13.83
CA LEU A 31 15.36 8.76 -13.84
C LEU A 31 15.11 9.49 -12.53
N VAL A 32 13.97 9.21 -11.92
CA VAL A 32 13.60 9.85 -10.65
C VAL A 32 14.53 9.38 -9.52
N SER A 33 14.83 10.29 -8.61
CA SER A 33 15.70 9.98 -7.47
C SER A 33 14.95 9.15 -6.43
N GLU A 34 15.70 8.52 -5.53
CA GLU A 34 15.11 7.70 -4.48
C GLU A 34 14.37 8.56 -3.48
N GLU A 35 14.84 9.78 -3.27
CA GLU A 35 14.22 10.71 -2.33
C GLU A 35 12.84 11.12 -2.80
N ASP A 36 12.76 11.55 -4.07
CA ASP A 36 11.49 11.96 -4.65
C ASP A 36 10.51 10.81 -4.74
N MET A 37 11.06 9.61 -4.84
CA MET A 37 10.25 8.40 -4.94
C MET A 37 9.56 8.09 -3.61
N VAL A 38 10.23 8.43 -2.52
CA VAL A 38 9.68 8.19 -1.18
C VAL A 38 8.36 8.90 -1.00
N THR A 39 8.34 10.20 -1.31
CA THR A 39 7.13 11.00 -1.18
C THR A 39 6.00 10.45 -2.05
N VAL A 40 6.38 9.86 -3.18
CA VAL A 40 5.41 9.29 -4.10
C VAL A 40 4.71 8.07 -3.49
N VAL A 41 5.51 7.19 -2.89
CA VAL A 41 4.97 5.99 -2.27
C VAL A 41 3.98 6.34 -1.16
N GLU A 42 4.22 7.45 -0.48
CA GLU A 42 3.37 7.91 0.60
C GLU A 42 2.03 8.40 0.06
N ASP A 43 2.09 9.30 -0.93
CA ASP A 43 0.89 9.85 -1.54
C ASP A 43 0.12 8.77 -2.30
N TRP A 44 0.84 7.81 -2.86
CA TRP A 44 0.22 6.73 -3.61
C TRP A 44 -0.72 5.91 -2.71
N MET A 45 -0.21 5.51 -1.56
CA MET A 45 -1.00 4.72 -0.61
C MET A 45 -2.16 5.55 -0.05
N ASN A 46 -1.93 6.85 0.10
CA ASN A 46 -2.95 7.74 0.63
C ASN A 46 -4.21 7.71 -0.24
N PHE A 47 -4.02 7.47 -1.53
CA PHE A 47 -5.14 7.42 -2.47
C PHE A 47 -6.04 6.22 -2.16
N TYR A 48 -5.43 5.11 -1.79
CA TYR A 48 -6.18 3.89 -1.48
C TYR A 48 -6.99 4.06 -0.19
N ILE A 49 -6.40 4.79 0.77
CA ILE A 49 -7.06 5.03 2.04
C ILE A 49 -8.29 5.91 1.87
N ASN A 50 -8.21 6.85 0.94
CA ASN A 50 -9.32 7.77 0.68
C ASN A 50 -10.45 7.05 -0.06
N TYR A 51 -10.08 6.21 -1.03
CA TYR A 51 -11.06 5.48 -1.80
C TYR A 51 -11.66 4.33 -0.99
N TYR A 52 -10.85 3.73 -0.13
CA TYR A 52 -11.29 2.62 0.71
C TYR A 52 -12.21 3.12 1.81
N ARG A 53 -11.97 4.33 2.29
CA ARG A 53 -12.78 4.92 3.35
C ARG A 53 -14.20 5.20 2.88
N GLN A 54 -14.34 5.49 1.58
CA GLN A 54 -15.64 5.77 1.00
C GLN A 54 -16.34 4.50 0.53
N GLN A 55 -15.76 3.34 0.86
CA GLN A 55 -16.34 2.06 0.46
C GLN A 55 -16.28 1.06 1.61
N VAL A 56 -16.60 1.53 2.82
CA VAL A 56 -16.59 0.68 3.99
C VAL A 56 -18.01 0.41 4.49
N THR A 57 -18.13 -0.44 5.50
CA THR A 57 -19.42 -0.78 6.07
C THR A 57 -19.24 -1.50 7.40
N GLY A 58 -20.13 -1.24 8.32
CA GLY A 58 -20.07 -1.86 9.63
C GLY A 58 -20.21 -0.86 10.75
N GLU A 59 -19.28 -0.90 11.67
CA GLU A 59 -19.27 0.01 12.82
C GLU A 59 -18.16 1.04 12.67
N PRO A 60 -18.32 2.23 13.28
CA PRO A 60 -17.32 3.29 13.23
C PRO A 60 -15.92 2.80 13.60
N GLN A 61 -15.85 1.95 14.63
CA GLN A 61 -14.58 1.42 15.08
C GLN A 61 -14.06 0.35 14.13
N GLU A 62 -14.98 -0.39 13.51
CA GLU A 62 -14.60 -1.44 12.58
C GLU A 62 -13.88 -0.87 11.37
N ARG A 63 -14.48 0.14 10.75
CA ARG A 63 -13.89 0.78 9.58
C ARG A 63 -12.53 1.38 9.93
N ASP A 64 -12.40 1.87 11.16
CA ASP A 64 -11.16 2.46 11.62
C ASP A 64 -10.09 1.39 11.83
N LYS A 65 -10.52 0.22 12.30
CA LYS A 65 -9.59 -0.88 12.55
C LYS A 65 -9.14 -1.52 11.24
N ALA A 66 -10.04 -1.55 10.26
CA ALA A 66 -9.73 -2.13 8.96
C ALA A 66 -8.81 -1.23 8.15
N LEU A 67 -9.06 0.08 8.24
CA LEU A 67 -8.25 1.05 7.52
C LEU A 67 -6.89 1.26 8.18
N GLN A 68 -6.86 1.10 9.50
CA GLN A 68 -5.62 1.26 10.26
C GLN A 68 -4.62 0.17 9.91
N GLU A 69 -5.13 -1.03 9.65
CA GLU A 69 -4.27 -2.17 9.31
C GLU A 69 -3.75 -2.04 7.89
N LEU A 70 -4.53 -1.40 7.03
CA LEU A 70 -4.14 -1.20 5.64
C LEU A 70 -2.75 -0.58 5.58
N ARG A 71 -2.41 0.20 6.60
CA ARG A 71 -1.11 0.85 6.66
C ARG A 71 0.01 -0.17 6.87
N GLN A 72 -0.27 -1.20 7.67
CA GLN A 72 0.71 -2.24 7.94
C GLN A 72 1.14 -2.94 6.66
N GLU A 73 0.16 -3.36 5.87
CA GLU A 73 0.43 -4.05 4.61
C GLU A 73 1.25 -3.16 3.67
N LEU A 74 0.82 -1.92 3.52
CA LEU A 74 1.50 -0.97 2.65
C LEU A 74 2.85 -0.59 3.22
N ASN A 75 2.94 -0.54 4.55
CA ASN A 75 4.17 -0.17 5.23
C ASN A 75 5.30 -1.13 4.85
N THR A 76 5.03 -2.42 4.97
CA THR A 76 6.02 -3.44 4.65
C THR A 76 6.19 -3.60 3.14
N LEU A 77 5.08 -3.50 2.41
CA LEU A 77 5.11 -3.64 0.96
C LEU A 77 6.20 -2.75 0.38
N ALA A 78 6.46 -1.65 1.07
CA ALA A 78 7.49 -0.71 0.66
C ALA A 78 8.88 -1.30 0.90
N ASN A 79 9.01 -2.17 1.89
CA ASN A 79 10.30 -2.78 2.22
C ASN A 79 11.00 -3.36 0.98
N PRO A 80 10.33 -4.23 0.23
CA PRO A 80 10.91 -4.84 -0.98
C PRO A 80 11.12 -3.82 -2.09
N PHE A 81 10.22 -2.85 -2.19
CA PHE A 81 10.31 -1.81 -3.20
C PHE A 81 11.51 -0.89 -2.94
N LEU A 82 11.61 -0.40 -1.70
CA LEU A 82 12.71 0.48 -1.32
C LEU A 82 14.02 -0.28 -1.25
N ALA A 83 13.98 -1.48 -0.65
CA ALA A 83 15.16 -2.30 -0.51
C ALA A 83 15.76 -2.65 -1.88
N LYS A 84 14.88 -2.91 -2.85
CA LYS A 84 15.31 -3.26 -4.19
C LYS A 84 15.83 -2.03 -4.94
N TYR A 85 15.09 -0.93 -4.82
CA TYR A 85 15.48 0.32 -5.48
C TYR A 85 16.85 0.78 -5.00
N ARG A 86 17.04 0.79 -3.68
CA ARG A 86 18.31 1.22 -3.10
C ARG A 86 19.46 0.33 -3.57
N ASP A 87 19.17 -0.95 -3.72
CA ASP A 87 20.19 -1.92 -4.17
C ASP A 87 20.38 -1.82 -5.68
N PHE A 88 19.32 -1.48 -6.40
CA PHE A 88 19.38 -1.36 -7.85
C PHE A 88 20.32 -0.23 -8.26
N LEU A 89 20.23 0.89 -7.56
CA LEU A 89 21.08 2.05 -7.86
C LEU A 89 21.75 2.57 -6.59
N LYS A 90 20.99 3.27 -5.76
CA LYS A 90 21.51 3.82 -4.52
C LYS A 90 20.45 3.79 -3.42
N MET A 1 -5.53 -12.72 15.91
CA MET A 1 -5.87 -11.93 14.70
C MET A 1 -7.25 -12.33 14.15
N ALA A 2 -8.29 -11.62 14.60
CA ALA A 2 -9.64 -11.90 14.16
C ALA A 2 -9.88 -11.37 12.75
N LEU A 3 -10.04 -10.07 12.63
CA LEU A 3 -10.27 -9.44 11.34
C LEU A 3 -11.55 -9.97 10.69
N LEU A 4 -12.57 -9.12 10.62
CA LEU A 4 -13.84 -9.51 10.02
C LEU A 4 -13.66 -9.93 8.56
N LYS A 5 -14.59 -10.73 8.08
CA LYS A 5 -14.53 -11.21 6.69
C LYS A 5 -14.58 -10.04 5.72
N ALA A 6 -15.56 -9.16 5.90
CA ALA A 6 -15.72 -8.00 5.04
C ALA A 6 -14.59 -7.00 5.24
N ASN A 7 -14.18 -6.83 6.50
CA ASN A 7 -13.10 -5.91 6.83
C ASN A 7 -11.78 -6.35 6.21
N LYS A 8 -11.45 -7.63 6.39
CA LYS A 8 -10.22 -8.19 5.84
C LYS A 8 -10.32 -8.34 4.32
N ASP A 9 -11.52 -8.63 3.85
CA ASP A 9 -11.75 -8.80 2.42
C ASP A 9 -11.41 -7.52 1.65
N LEU A 10 -11.63 -6.38 2.29
CA LEU A 10 -11.36 -5.09 1.68
C LEU A 10 -9.86 -4.84 1.57
N ILE A 11 -9.15 -5.05 2.67
CA ILE A 11 -7.70 -4.84 2.70
C ILE A 11 -6.99 -5.82 1.76
N SER A 12 -7.52 -7.04 1.66
CA SER A 12 -6.93 -8.05 0.80
C SER A 12 -6.87 -7.57 -0.65
N ALA A 13 -7.92 -6.89 -1.09
CA ALA A 13 -7.98 -6.37 -2.45
C ALA A 13 -6.84 -5.38 -2.70
N GLY A 14 -6.68 -4.43 -1.78
CA GLY A 14 -5.63 -3.45 -1.92
C GLY A 14 -4.25 -4.05 -1.75
N LEU A 15 -4.13 -5.05 -0.89
CA LEU A 15 -2.87 -5.71 -0.65
C LEU A 15 -2.34 -6.38 -1.92
N LYS A 16 -3.20 -7.14 -2.57
CA LYS A 16 -2.82 -7.84 -3.81
C LYS A 16 -2.56 -6.85 -4.93
N GLU A 17 -3.46 -5.89 -5.09
CA GLU A 17 -3.33 -4.88 -6.14
C GLU A 17 -2.04 -4.08 -5.97
N PHE A 18 -1.61 -3.93 -4.72
CA PHE A 18 -0.38 -3.18 -4.43
C PHE A 18 0.81 -3.83 -5.12
N SER A 19 0.96 -5.14 -4.94
CA SER A 19 2.06 -5.87 -5.55
C SER A 19 1.85 -5.96 -7.06
N VAL A 20 0.59 -6.00 -7.47
CA VAL A 20 0.25 -6.09 -8.89
C VAL A 20 0.74 -4.87 -9.65
N LEU A 21 0.57 -3.69 -9.04
CA LEU A 21 1.00 -2.44 -9.66
C LEU A 21 2.52 -2.34 -9.68
N LEU A 22 3.16 -2.85 -8.63
CA LEU A 22 4.61 -2.83 -8.52
C LEU A 22 5.25 -3.77 -9.54
N ASN A 23 4.53 -4.83 -9.88
CA ASN A 23 5.03 -5.82 -10.84
C ASN A 23 5.33 -5.15 -12.19
N GLN A 24 4.57 -4.10 -12.51
CA GLN A 24 4.75 -3.38 -13.77
C GLN A 24 6.04 -2.57 -13.75
N GLN A 25 6.46 -2.14 -12.56
CA GLN A 25 7.68 -1.35 -12.42
C GLN A 25 8.88 -2.12 -12.96
N VAL A 26 9.58 -1.50 -13.91
CA VAL A 26 10.76 -2.12 -14.51
C VAL A 26 12.04 -1.59 -13.90
N PHE A 27 11.99 -0.34 -13.44
CA PHE A 27 13.15 0.32 -12.83
C PHE A 27 14.43 0.04 -13.62
N ASN A 28 14.36 0.27 -14.92
CA ASN A 28 15.51 0.05 -15.80
C ASN A 28 16.14 1.37 -16.23
N ASP A 29 15.40 2.46 -16.07
CA ASP A 29 15.90 3.78 -16.45
C ASP A 29 15.50 4.83 -15.44
N PRO A 30 15.95 4.68 -14.18
CA PRO A 30 15.67 5.66 -13.19
C PRO A 30 16.62 6.83 -13.31
N LEU A 31 16.05 7.99 -13.53
CA LEU A 31 16.82 9.22 -13.68
C LEU A 31 16.53 10.19 -12.53
N VAL A 32 15.28 10.20 -12.08
CA VAL A 32 14.88 11.08 -10.98
C VAL A 32 15.53 10.65 -9.67
N SER A 33 15.61 11.58 -8.72
CA SER A 33 16.20 11.30 -7.42
C SER A 33 15.43 10.22 -6.69
N GLU A 34 16.12 9.45 -5.87
CA GLU A 34 15.50 8.37 -5.11
C GLU A 34 14.57 8.94 -4.03
N GLU A 35 14.92 10.11 -3.52
CA GLU A 35 14.13 10.76 -2.48
C GLU A 35 12.71 11.03 -2.98
N ASP A 36 12.59 11.40 -4.24
CA ASP A 36 11.28 11.69 -4.83
C ASP A 36 10.44 10.42 -4.94
N MET A 37 11.13 9.29 -5.05
CA MET A 37 10.46 8.00 -5.16
C MET A 37 9.74 7.64 -3.86
N VAL A 38 10.29 8.10 -2.74
CA VAL A 38 9.72 7.82 -1.43
C VAL A 38 8.35 8.49 -1.29
N THR A 39 8.27 9.77 -1.61
CA THR A 39 7.03 10.52 -1.50
C THR A 39 5.95 9.90 -2.39
N VAL A 40 6.37 9.30 -3.50
CA VAL A 40 5.44 8.67 -4.43
C VAL A 40 4.73 7.49 -3.78
N VAL A 41 5.50 6.69 -3.04
CA VAL A 41 4.95 5.51 -2.36
C VAL A 41 3.97 5.93 -1.27
N GLU A 42 4.29 7.00 -0.56
CA GLU A 42 3.45 7.49 0.51
C GLU A 42 2.17 8.11 -0.04
N ASP A 43 2.32 8.97 -1.04
CA ASP A 43 1.18 9.63 -1.67
C ASP A 43 0.30 8.63 -2.40
N TRP A 44 0.93 7.62 -2.99
CA TRP A 44 0.21 6.58 -3.72
C TRP A 44 -0.77 5.86 -2.81
N MET A 45 -0.28 5.41 -1.65
CA MET A 45 -1.11 4.70 -0.70
C MET A 45 -2.19 5.62 -0.11
N ASN A 46 -1.84 6.90 0.02
CA ASN A 46 -2.78 7.88 0.58
C ASN A 46 -4.04 7.97 -0.28
N PHE A 47 -3.87 7.87 -1.60
CA PHE A 47 -4.99 7.94 -2.52
C PHE A 47 -5.85 6.68 -2.43
N TYR A 48 -5.20 5.55 -2.17
CA TYR A 48 -5.90 4.28 -2.07
C TYR A 48 -6.78 4.25 -0.81
N ILE A 49 -6.27 4.83 0.27
CA ILE A 49 -7.01 4.86 1.53
C ILE A 49 -8.24 5.76 1.41
N ASN A 50 -8.13 6.82 0.62
CA ASN A 50 -9.23 7.75 0.42
C ASN A 50 -10.38 7.08 -0.33
N TYR A 51 -10.03 6.21 -1.28
CA TYR A 51 -11.04 5.51 -2.07
C TYR A 51 -11.72 4.43 -1.24
N TYR A 52 -10.92 3.62 -0.55
CA TYR A 52 -11.44 2.54 0.28
C TYR A 52 -12.36 3.10 1.37
N ARG A 53 -11.90 4.15 2.03
CA ARG A 53 -12.69 4.78 3.10
C ARG A 53 -14.05 5.24 2.59
N GLN A 54 -14.15 5.45 1.27
CA GLN A 54 -15.39 5.89 0.66
C GLN A 54 -16.30 4.71 0.33
N GLN A 55 -15.86 3.50 0.69
CA GLN A 55 -16.65 2.30 0.42
C GLN A 55 -16.45 1.27 1.54
N VAL A 56 -16.54 1.72 2.77
CA VAL A 56 -16.37 0.84 3.93
C VAL A 56 -17.72 0.34 4.43
N THR A 57 -17.68 -0.55 5.41
CA THR A 57 -18.89 -1.12 6.00
C THR A 57 -18.56 -1.81 7.32
N GLY A 58 -19.49 -1.71 8.25
CA GLY A 58 -19.30 -2.31 9.55
C GLY A 58 -19.67 -1.37 10.68
N GLU A 59 -18.77 -1.23 11.63
CA GLU A 59 -19.00 -0.35 12.78
C GLU A 59 -17.98 0.78 12.79
N PRO A 60 -18.26 1.86 13.53
CA PRO A 60 -17.37 3.02 13.63
C PRO A 60 -15.93 2.62 13.93
N GLN A 61 -15.76 1.83 14.99
CA GLN A 61 -14.44 1.37 15.40
C GLN A 61 -13.92 0.28 14.47
N GLU A 62 -14.84 -0.53 13.94
CA GLU A 62 -14.47 -1.61 13.04
C GLU A 62 -13.85 -1.07 11.77
N ARG A 63 -14.54 -0.13 11.13
CA ARG A 63 -14.05 0.48 9.90
C ARG A 63 -12.71 1.17 10.13
N ASP A 64 -12.55 1.76 11.32
CA ASP A 64 -11.32 2.44 11.67
C ASP A 64 -10.18 1.44 11.90
N LYS A 65 -10.53 0.28 12.46
CA LYS A 65 -9.55 -0.75 12.74
C LYS A 65 -9.11 -1.44 11.46
N ALA A 66 -10.03 -1.60 10.52
CA ALA A 66 -9.73 -2.24 9.24
C ALA A 66 -8.90 -1.32 8.35
N LEU A 67 -9.22 -0.03 8.38
CA LEU A 67 -8.50 0.94 7.57
C LEU A 67 -7.13 1.25 8.17
N GLN A 68 -7.03 1.16 9.49
CA GLN A 68 -5.78 1.43 10.18
C GLN A 68 -4.74 0.36 9.86
N GLU A 69 -5.21 -0.86 9.65
CA GLU A 69 -4.31 -1.97 9.34
C GLU A 69 -3.80 -1.88 7.91
N LEU A 70 -4.61 -1.30 7.04
CA LEU A 70 -4.24 -1.14 5.64
C LEU A 70 -2.88 -0.47 5.53
N ARG A 71 -2.55 0.35 6.53
CA ARG A 71 -1.28 1.06 6.56
C ARG A 71 -0.13 0.10 6.79
N GLN A 72 -0.33 -0.86 7.68
CA GLN A 72 0.70 -1.85 7.99
C GLN A 72 1.08 -2.64 6.76
N GLU A 73 0.08 -3.12 6.02
CA GLU A 73 0.32 -3.90 4.81
C GLU A 73 1.11 -3.08 3.78
N LEU A 74 0.65 -1.87 3.52
CA LEU A 74 1.32 -0.99 2.56
C LEU A 74 2.67 -0.52 3.10
N ASN A 75 2.75 -0.36 4.41
CA ASN A 75 3.99 0.08 5.05
C ASN A 75 5.14 -0.87 4.72
N THR A 76 4.92 -2.16 4.93
CA THR A 76 5.93 -3.17 4.65
C THR A 76 6.08 -3.42 3.17
N LEU A 77 4.97 -3.40 2.45
CA LEU A 77 4.99 -3.64 1.00
C LEU A 77 6.05 -2.76 0.36
N ALA A 78 6.30 -1.61 0.96
CA ALA A 78 7.30 -0.69 0.49
C ALA A 78 8.71 -1.21 0.74
N ASN A 79 8.88 -2.03 1.79
CA ASN A 79 10.20 -2.56 2.13
C ASN A 79 10.84 -3.32 0.96
N PRO A 80 10.14 -4.33 0.41
CA PRO A 80 10.65 -5.13 -0.71
C PRO A 80 11.11 -4.24 -1.87
N PHE A 81 10.26 -3.29 -2.25
CA PHE A 81 10.58 -2.38 -3.34
C PHE A 81 11.68 -1.40 -2.95
N LEU A 82 11.57 -0.86 -1.73
CA LEU A 82 12.57 0.09 -1.24
C LEU A 82 13.96 -0.54 -1.19
N ALA A 83 14.03 -1.74 -0.60
CA ALA A 83 15.31 -2.44 -0.48
C ALA A 83 15.83 -2.85 -1.86
N LYS A 84 14.92 -3.25 -2.73
CA LYS A 84 15.29 -3.68 -4.09
C LYS A 84 15.74 -2.48 -4.92
N TYR A 85 14.90 -1.46 -4.98
CA TYR A 85 15.21 -0.25 -5.76
C TYR A 85 16.50 0.40 -5.24
N ARG A 86 16.59 0.55 -3.93
CA ARG A 86 17.76 1.16 -3.31
C ARG A 86 19.03 0.39 -3.66
N ASP A 87 18.95 -0.93 -3.58
CA ASP A 87 20.10 -1.78 -3.89
C ASP A 87 20.38 -1.78 -5.39
N PHE A 88 19.32 -1.64 -6.19
CA PHE A 88 19.46 -1.63 -7.64
C PHE A 88 20.30 -0.45 -8.10
N LEU A 89 20.06 0.71 -7.51
CA LEU A 89 20.81 1.92 -7.86
C LEU A 89 21.45 2.55 -6.64
N LYS A 90 20.63 2.90 -5.65
CA LYS A 90 21.13 3.51 -4.42
C LYS A 90 20.01 3.66 -3.40
N MET A 1 -4.93 -12.87 16.23
CA MET A 1 -5.38 -12.08 15.06
C MET A 1 -6.78 -12.48 14.63
N ALA A 2 -7.75 -11.63 14.93
CA ALA A 2 -9.14 -11.90 14.57
C ALA A 2 -9.43 -11.46 13.14
N LEU A 3 -9.56 -10.15 12.94
CA LEU A 3 -9.84 -9.60 11.61
C LEU A 3 -11.16 -10.13 11.07
N LEU A 4 -12.16 -9.26 11.00
CA LEU A 4 -13.48 -9.65 10.50
C LEU A 4 -13.39 -10.14 9.05
N LYS A 5 -14.38 -10.90 8.63
CA LYS A 5 -14.42 -11.43 7.26
C LYS A 5 -14.44 -10.29 6.24
N ALA A 6 -15.33 -9.33 6.46
CA ALA A 6 -15.46 -8.20 5.56
C ALA A 6 -14.26 -7.26 5.67
N ASN A 7 -13.82 -7.02 6.91
CA ASN A 7 -12.69 -6.15 7.16
C ASN A 7 -11.42 -6.71 6.53
N LYS A 8 -11.17 -7.99 6.76
CA LYS A 8 -9.99 -8.66 6.22
C LYS A 8 -10.06 -8.74 4.70
N ASP A 9 -11.25 -9.06 4.19
CA ASP A 9 -11.46 -9.16 2.76
C ASP A 9 -11.23 -7.83 2.06
N LEU A 10 -11.49 -6.74 2.78
CA LEU A 10 -11.31 -5.40 2.23
C LEU A 10 -9.84 -5.09 2.03
N ILE A 11 -9.02 -5.42 3.03
CA ILE A 11 -7.59 -5.18 2.97
C ILE A 11 -6.92 -6.12 1.97
N SER A 12 -7.42 -7.33 1.89
CA SER A 12 -6.87 -8.33 0.98
C SER A 12 -6.90 -7.83 -0.47
N ALA A 13 -8.00 -7.19 -0.85
CA ALA A 13 -8.14 -6.66 -2.20
C ALA A 13 -7.06 -5.62 -2.49
N GLY A 14 -6.87 -4.70 -1.54
CA GLY A 14 -5.86 -3.67 -1.72
C GLY A 14 -4.45 -4.22 -1.69
N LEU A 15 -4.24 -5.26 -0.88
CA LEU A 15 -2.92 -5.88 -0.76
C LEU A 15 -2.43 -6.37 -2.12
N LYS A 16 -3.30 -7.06 -2.84
CA LYS A 16 -2.96 -7.59 -4.16
C LYS A 16 -2.77 -6.46 -5.17
N GLU A 17 -3.51 -5.37 -4.97
CA GLU A 17 -3.42 -4.23 -5.87
C GLU A 17 -2.01 -3.64 -5.86
N PHE A 18 -1.40 -3.58 -4.68
CA PHE A 18 -0.06 -3.05 -4.54
C PHE A 18 0.98 -4.01 -5.10
N SER A 19 0.80 -5.29 -4.80
CA SER A 19 1.71 -6.33 -5.28
C SER A 19 1.76 -6.36 -6.81
N VAL A 20 0.59 -6.43 -7.42
CA VAL A 20 0.48 -6.47 -8.88
C VAL A 20 1.00 -5.17 -9.49
N LEU A 21 0.58 -4.05 -8.93
CA LEU A 21 1.01 -2.74 -9.42
C LEU A 21 2.52 -2.60 -9.36
N LEU A 22 3.12 -3.08 -8.27
CA LEU A 22 4.56 -3.00 -8.09
C LEU A 22 5.28 -3.82 -9.16
N ASN A 23 4.66 -4.94 -9.55
CA ASN A 23 5.25 -5.81 -10.57
C ASN A 23 5.21 -5.16 -11.94
N GLN A 24 4.20 -4.31 -12.16
CA GLN A 24 4.05 -3.62 -13.44
C GLN A 24 5.24 -2.72 -13.71
N GLN A 25 5.85 -2.20 -12.65
CA GLN A 25 7.01 -1.32 -12.79
C GLN A 25 8.15 -2.04 -13.50
N VAL A 26 9.12 -1.26 -13.98
CA VAL A 26 10.27 -1.82 -14.68
C VAL A 26 11.58 -1.36 -14.05
N PHE A 27 11.77 -0.04 -13.98
CA PHE A 27 12.98 0.53 -13.40
C PHE A 27 14.23 -0.20 -13.85
N ASN A 28 14.84 0.27 -14.93
CA ASN A 28 16.05 -0.35 -15.47
C ASN A 28 17.29 0.42 -15.03
N ASP A 29 17.26 1.74 -15.20
CA ASP A 29 18.38 2.58 -14.83
C ASP A 29 17.91 3.88 -14.23
N PRO A 30 18.85 4.75 -13.80
CA PRO A 30 18.48 6.00 -13.18
C PRO A 30 17.40 6.72 -13.98
N LEU A 31 16.29 6.94 -13.31
CA LEU A 31 15.16 7.62 -13.91
C LEU A 31 14.61 8.69 -12.98
N VAL A 32 14.46 8.35 -11.70
CA VAL A 32 13.95 9.28 -10.70
C VAL A 32 14.80 9.26 -9.44
N SER A 33 14.80 10.37 -8.71
CA SER A 33 15.57 10.48 -7.48
C SER A 33 14.99 9.58 -6.39
N GLU A 34 15.86 9.11 -5.49
CA GLU A 34 15.44 8.24 -4.40
C GLU A 34 14.51 8.97 -3.44
N GLU A 35 14.74 10.27 -3.28
CA GLU A 35 13.92 11.08 -2.39
C GLU A 35 12.56 11.37 -3.00
N ASP A 36 12.55 11.63 -4.31
CA ASP A 36 11.30 11.91 -5.02
C ASP A 36 10.41 10.69 -5.07
N MET A 37 11.03 9.52 -5.00
CA MET A 37 10.30 8.25 -5.04
C MET A 37 9.57 8.01 -3.72
N VAL A 38 10.14 8.50 -2.64
CA VAL A 38 9.54 8.34 -1.31
C VAL A 38 8.19 9.03 -1.24
N THR A 39 8.14 10.27 -1.72
CA THR A 39 6.90 11.04 -1.70
C THR A 39 5.83 10.37 -2.56
N VAL A 40 6.26 9.68 -3.61
CA VAL A 40 5.34 8.99 -4.51
C VAL A 40 4.64 7.84 -3.79
N VAL A 41 5.43 6.99 -3.13
CA VAL A 41 4.88 5.86 -2.41
C VAL A 41 4.03 6.31 -1.23
N GLU A 42 4.40 7.44 -0.64
CA GLU A 42 3.67 7.99 0.50
C GLU A 42 2.31 8.54 0.07
N ASP A 43 2.30 9.24 -1.06
CA ASP A 43 1.07 9.82 -1.58
C ASP A 43 0.25 8.77 -2.32
N TRP A 44 0.92 7.78 -2.90
CA TRP A 44 0.25 6.72 -3.63
C TRP A 44 -0.75 5.98 -2.74
N MET A 45 -0.30 5.57 -1.57
CA MET A 45 -1.15 4.85 -0.63
C MET A 45 -2.28 5.75 -0.13
N ASN A 46 -2.00 7.05 -0.01
CA ASN A 46 -3.00 8.00 0.44
C ASN A 46 -4.21 8.02 -0.48
N PHE A 47 -3.97 7.79 -1.77
CA PHE A 47 -5.03 7.79 -2.76
C PHE A 47 -5.88 6.53 -2.64
N TYR A 48 -5.22 5.38 -2.44
CA TYR A 48 -5.92 4.11 -2.30
C TYR A 48 -6.76 4.08 -1.03
N ILE A 49 -6.19 4.59 0.06
CA ILE A 49 -6.89 4.62 1.34
C ILE A 49 -8.13 5.53 1.25
N ASN A 50 -8.01 6.59 0.47
CA ASN A 50 -9.12 7.53 0.31
C ASN A 50 -10.27 6.90 -0.47
N TYR A 51 -9.92 6.00 -1.39
CA TYR A 51 -10.92 5.33 -2.21
C TYR A 51 -11.65 4.27 -1.40
N TYR A 52 -10.90 3.41 -0.73
CA TYR A 52 -11.48 2.35 0.09
C TYR A 52 -12.38 2.94 1.18
N ARG A 53 -11.90 3.99 1.83
CA ARG A 53 -12.66 4.64 2.89
C ARG A 53 -14.01 5.14 2.38
N GLN A 54 -14.11 5.33 1.06
CA GLN A 54 -15.35 5.80 0.45
C GLN A 54 -16.29 4.63 0.13
N GLN A 55 -15.89 3.42 0.50
CA GLN A 55 -16.71 2.23 0.26
C GLN A 55 -16.55 1.22 1.38
N VAL A 56 -16.62 1.70 2.63
CA VAL A 56 -16.49 0.84 3.79
C VAL A 56 -17.86 0.41 4.31
N THR A 57 -17.85 -0.46 5.32
CA THR A 57 -19.08 -0.95 5.93
C THR A 57 -18.78 -1.66 7.23
N GLY A 58 -19.68 -1.51 8.18
CA GLY A 58 -19.51 -2.13 9.48
C GLY A 58 -19.85 -1.18 10.61
N GLU A 59 -18.93 -1.08 11.56
CA GLU A 59 -19.11 -0.21 12.71
C GLU A 59 -18.03 0.87 12.73
N PRO A 60 -18.25 1.96 13.48
CA PRO A 60 -17.30 3.06 13.58
C PRO A 60 -15.88 2.57 13.87
N GLN A 61 -15.73 1.78 14.93
CA GLN A 61 -14.43 1.24 15.32
C GLN A 61 -14.00 0.13 14.38
N GLU A 62 -14.96 -0.62 13.86
CA GLU A 62 -14.66 -1.72 12.95
C GLU A 62 -14.04 -1.22 11.67
N ARG A 63 -14.68 -0.24 11.04
CA ARG A 63 -14.17 0.34 9.81
C ARG A 63 -12.79 0.95 10.02
N ASP A 64 -12.58 1.53 11.21
CA ASP A 64 -11.31 2.14 11.55
C ASP A 64 -10.24 1.08 11.76
N LYS A 65 -10.64 -0.05 12.33
CA LYS A 65 -9.71 -1.15 12.59
C LYS A 65 -9.12 -1.69 11.29
N ALA A 66 -9.97 -1.87 10.28
CA ALA A 66 -9.53 -2.38 8.99
C ALA A 66 -8.75 -1.32 8.22
N LEU A 67 -9.09 -0.05 8.44
CA LEU A 67 -8.42 1.05 7.77
C LEU A 67 -7.04 1.30 8.37
N GLN A 68 -6.93 1.10 9.68
CA GLN A 68 -5.67 1.32 10.38
C GLN A 68 -4.65 0.27 10.00
N GLU A 69 -5.11 -0.95 9.75
CA GLU A 69 -4.22 -2.05 9.37
C GLU A 69 -3.76 -1.90 7.93
N LEU A 70 -4.59 -1.28 7.10
CA LEU A 70 -4.25 -1.06 5.71
C LEU A 70 -2.88 -0.39 5.60
N ARG A 71 -2.54 0.39 6.62
CA ARG A 71 -1.26 1.10 6.65
C ARG A 71 -0.10 0.12 6.81
N GLN A 72 -0.27 -0.86 7.69
CA GLN A 72 0.76 -1.86 7.95
C GLN A 72 1.08 -2.64 6.68
N GLU A 73 0.05 -2.95 5.89
CA GLU A 73 0.23 -3.69 4.65
C GLU A 73 1.02 -2.87 3.64
N LEU A 74 0.58 -1.65 3.39
CA LEU A 74 1.25 -0.78 2.44
C LEU A 74 2.61 -0.33 2.98
N ASN A 75 2.69 -0.14 4.29
CA ASN A 75 3.93 0.28 4.93
C ASN A 75 5.05 -0.72 4.66
N THR A 76 4.77 -1.99 4.91
CA THR A 76 5.76 -3.06 4.70
C THR A 76 5.97 -3.32 3.22
N LEU A 77 4.89 -3.25 2.44
CA LEU A 77 4.98 -3.49 1.01
C LEU A 77 6.12 -2.66 0.41
N ALA A 78 6.38 -1.53 1.03
CA ALA A 78 7.45 -0.64 0.60
C ALA A 78 8.81 -1.24 0.92
N ASN A 79 8.89 -2.06 1.98
CA ASN A 79 10.14 -2.67 2.40
C ASN A 79 10.87 -3.34 1.22
N PRO A 80 10.21 -4.26 0.51
CA PRO A 80 10.81 -4.96 -0.64
C PRO A 80 11.09 -4.01 -1.80
N PHE A 81 10.12 -3.17 -2.13
CA PHE A 81 10.27 -2.22 -3.22
C PHE A 81 11.44 -1.27 -2.97
N LEU A 82 11.46 -0.67 -1.78
CA LEU A 82 12.53 0.26 -1.42
C LEU A 82 13.87 -0.47 -1.28
N ALA A 83 13.81 -1.68 -0.73
CA ALA A 83 15.01 -2.48 -0.55
C ALA A 83 15.68 -2.79 -1.89
N LYS A 84 14.86 -3.01 -2.91
CA LYS A 84 15.37 -3.32 -4.24
C LYS A 84 15.95 -2.08 -4.90
N TYR A 85 15.21 -0.97 -4.83
CA TYR A 85 15.67 0.29 -5.43
C TYR A 85 17.00 0.72 -4.84
N ARG A 86 17.17 0.50 -3.54
CA ARG A 86 18.41 0.86 -2.86
C ARG A 86 19.62 0.16 -3.49
N ASP A 87 19.47 -1.15 -3.74
CA ASP A 87 20.53 -1.93 -4.33
C ASP A 87 20.61 -1.69 -5.83
N PHE A 88 19.47 -1.43 -6.45
CA PHE A 88 19.40 -1.19 -7.89
C PHE A 88 20.26 0.02 -8.27
N LEU A 89 19.97 1.15 -7.65
CA LEU A 89 20.70 2.38 -7.92
C LEU A 89 21.53 2.81 -6.71
N LYS A 90 20.86 3.30 -5.68
CA LYS A 90 21.53 3.74 -4.46
C LYS A 90 20.56 3.80 -3.29
N MET A 1 -6.46 -13.26 15.51
CA MET A 1 -6.32 -11.93 14.87
C MET A 1 -7.68 -11.29 14.64
N ALA A 2 -7.83 -10.05 15.11
CA ALA A 2 -9.08 -9.32 14.96
C ALA A 2 -9.27 -8.84 13.52
N LEU A 3 -9.70 -9.75 12.65
CA LEU A 3 -9.91 -9.42 11.25
C LEU A 3 -11.10 -10.21 10.68
N LEU A 4 -12.22 -9.51 10.49
CA LEU A 4 -13.42 -10.14 9.96
C LEU A 4 -13.22 -10.55 8.50
N LYS A 5 -14.22 -11.22 7.94
CA LYS A 5 -14.16 -11.66 6.55
C LYS A 5 -14.23 -10.48 5.60
N ALA A 6 -15.19 -9.60 5.83
CA ALA A 6 -15.37 -8.42 4.98
C ALA A 6 -14.26 -7.41 5.21
N ASN A 7 -13.91 -7.19 6.48
CA ASN A 7 -12.86 -6.24 6.83
C ASN A 7 -11.54 -6.64 6.20
N LYS A 8 -11.16 -7.91 6.34
CA LYS A 8 -9.92 -8.41 5.80
C LYS A 8 -9.99 -8.50 4.27
N ASP A 9 -11.19 -8.76 3.75
CA ASP A 9 -11.40 -8.86 2.31
C ASP A 9 -11.13 -7.52 1.62
N LEU A 10 -11.40 -6.44 2.34
CA LEU A 10 -11.19 -5.09 1.80
C LEU A 10 -9.70 -4.79 1.65
N ILE A 11 -8.94 -5.09 2.70
CA ILE A 11 -7.50 -4.86 2.68
C ILE A 11 -6.80 -5.83 1.74
N SER A 12 -7.30 -7.05 1.67
CA SER A 12 -6.72 -8.08 0.81
C SER A 12 -6.67 -7.62 -0.64
N ALA A 13 -7.73 -6.94 -1.07
CA ALA A 13 -7.81 -6.44 -2.44
C ALA A 13 -6.67 -5.46 -2.72
N GLY A 14 -6.49 -4.50 -1.83
CA GLY A 14 -5.44 -3.52 -2.00
C GLY A 14 -4.05 -4.12 -1.84
N LEU A 15 -3.94 -5.10 -0.95
CA LEU A 15 -2.66 -5.77 -0.72
C LEU A 15 -2.14 -6.45 -1.98
N LYS A 16 -3.01 -7.22 -2.62
CA LYS A 16 -2.65 -7.93 -3.85
C LYS A 16 -2.37 -6.96 -4.99
N GLU A 17 -3.28 -6.00 -5.17
CA GLU A 17 -3.15 -5.00 -6.22
C GLU A 17 -1.86 -4.21 -6.05
N PHE A 18 -1.43 -4.03 -4.80
CA PHE A 18 -0.21 -3.29 -4.51
C PHE A 18 0.99 -3.93 -5.21
N SER A 19 1.15 -5.23 -5.03
CA SER A 19 2.25 -5.97 -5.65
C SER A 19 2.03 -6.06 -7.15
N VAL A 20 0.77 -6.13 -7.56
CA VAL A 20 0.42 -6.21 -8.97
C VAL A 20 0.87 -4.97 -9.73
N LEU A 21 0.73 -3.81 -9.09
CA LEU A 21 1.13 -2.54 -9.69
C LEU A 21 2.65 -2.46 -9.80
N LEU A 22 3.34 -2.99 -8.81
CA LEU A 22 4.80 -2.97 -8.79
C LEU A 22 5.38 -3.83 -9.91
N ASN A 23 4.63 -4.85 -10.30
CA ASN A 23 5.07 -5.75 -11.37
C ASN A 23 5.30 -4.98 -12.66
N GLN A 24 4.56 -3.89 -12.85
CA GLN A 24 4.70 -3.07 -14.05
C GLN A 24 6.10 -2.48 -14.15
N GLN A 25 6.72 -2.23 -13.00
CA GLN A 25 8.06 -1.66 -12.96
C GLN A 25 9.06 -2.59 -13.66
N VAL A 26 10.00 -2.00 -14.38
CA VAL A 26 11.01 -2.76 -15.10
C VAL A 26 12.39 -2.58 -14.47
N PHE A 27 12.62 -1.41 -13.89
CA PHE A 27 13.90 -1.11 -13.24
C PHE A 27 15.04 -1.17 -14.25
N ASN A 28 15.35 -0.03 -14.85
CA ASN A 28 16.42 0.04 -15.83
C ASN A 28 16.67 1.49 -16.27
N ASP A 29 15.60 2.25 -16.42
CA ASP A 29 15.70 3.65 -16.84
C ASP A 29 14.98 4.57 -15.88
N PRO A 30 15.23 4.42 -14.57
CA PRO A 30 14.63 5.31 -13.62
C PRO A 30 15.40 6.61 -13.55
N LEU A 31 14.71 7.68 -13.85
CA LEU A 31 15.30 9.01 -13.84
C LEU A 31 15.01 9.73 -12.52
N VAL A 32 13.87 9.41 -11.92
CA VAL A 32 13.47 10.02 -10.66
C VAL A 32 14.39 9.58 -9.52
N SER A 33 14.81 10.54 -8.71
CA SER A 33 15.69 10.26 -7.59
C SER A 33 14.98 9.40 -6.54
N GLU A 34 15.77 8.83 -5.62
CA GLU A 34 15.22 7.99 -4.57
C GLU A 34 14.40 8.81 -3.58
N GLU A 35 14.80 10.07 -3.39
CA GLU A 35 14.11 10.96 -2.47
C GLU A 35 12.67 11.19 -2.91
N ASP A 36 12.50 11.54 -4.19
CA ASP A 36 11.17 11.77 -4.73
C ASP A 36 10.33 10.51 -4.76
N MET A 37 11.01 9.38 -4.82
CA MET A 37 10.35 8.07 -4.85
C MET A 37 9.63 7.82 -3.53
N VAL A 38 10.17 8.36 -2.44
CA VAL A 38 9.56 8.18 -1.13
C VAL A 38 8.19 8.84 -1.05
N THR A 39 8.12 10.11 -1.43
CA THR A 39 6.86 10.84 -1.40
C THR A 39 5.82 10.19 -2.30
N VAL A 40 6.28 9.70 -3.46
CA VAL A 40 5.38 9.05 -4.41
C VAL A 40 4.72 7.82 -3.77
N VAL A 41 5.52 7.01 -3.09
CA VAL A 41 5.01 5.81 -2.44
C VAL A 41 4.03 6.15 -1.33
N GLU A 42 4.30 7.24 -0.62
CA GLU A 42 3.43 7.69 0.46
C GLU A 42 2.12 8.25 -0.08
N ASP A 43 2.21 8.98 -1.18
CA ASP A 43 1.03 9.58 -1.80
C ASP A 43 0.20 8.52 -2.52
N TRP A 44 0.88 7.51 -3.06
CA TRP A 44 0.20 6.43 -3.77
C TRP A 44 -0.78 5.70 -2.86
N MET A 45 -0.33 5.40 -1.65
CA MET A 45 -1.18 4.71 -0.67
C MET A 45 -2.31 5.61 -0.19
N ASN A 46 -2.02 6.90 -0.08
CA ASN A 46 -3.01 7.87 0.37
C ASN A 46 -4.22 7.88 -0.54
N PHE A 47 -3.98 7.63 -1.83
CA PHE A 47 -5.07 7.60 -2.81
C PHE A 47 -5.93 6.35 -2.65
N TYR A 48 -5.27 5.22 -2.42
CA TYR A 48 -5.98 3.95 -2.24
C TYR A 48 -6.77 3.95 -0.94
N ILE A 49 -6.17 4.48 0.13
CA ILE A 49 -6.82 4.53 1.43
C ILE A 49 -8.04 5.46 1.39
N ASN A 50 -7.95 6.51 0.58
CA ASN A 50 -9.03 7.47 0.45
C ASN A 50 -10.21 6.86 -0.30
N TYR A 51 -9.92 5.96 -1.23
CA TYR A 51 -10.94 5.29 -2.01
C TYR A 51 -11.67 4.24 -1.19
N TYR A 52 -10.90 3.39 -0.52
CA TYR A 52 -11.47 2.33 0.31
C TYR A 52 -12.33 2.92 1.43
N ARG A 53 -11.78 3.93 2.11
CA ARG A 53 -12.50 4.58 3.21
C ARG A 53 -13.85 5.12 2.73
N GLN A 54 -13.96 5.38 1.43
CA GLN A 54 -15.19 5.90 0.86
C GLN A 54 -16.14 4.76 0.44
N GLN A 55 -15.77 3.53 0.80
CA GLN A 55 -16.59 2.37 0.46
C GLN A 55 -16.50 1.31 1.56
N VAL A 56 -16.57 1.75 2.81
CA VAL A 56 -16.50 0.84 3.95
C VAL A 56 -17.89 0.47 4.44
N THR A 57 -17.94 -0.44 5.42
CA THR A 57 -19.20 -0.88 5.98
C THR A 57 -18.96 -1.64 7.28
N GLY A 58 -19.86 -1.46 8.23
CA GLY A 58 -19.75 -2.13 9.50
C GLY A 58 -20.01 -1.19 10.66
N GLU A 59 -19.08 -1.17 11.61
CA GLU A 59 -19.20 -0.31 12.77
C GLU A 59 -18.15 0.79 12.73
N PRO A 60 -18.41 1.93 13.40
CA PRO A 60 -17.47 3.05 13.42
C PRO A 60 -16.07 2.63 13.81
N GLN A 61 -15.96 1.82 14.86
CA GLN A 61 -14.68 1.33 15.33
C GLN A 61 -14.13 0.24 14.41
N GLU A 62 -15.03 -0.51 13.78
CA GLU A 62 -14.63 -1.57 12.87
C GLU A 62 -13.95 -1.00 11.63
N ARG A 63 -14.57 0.00 11.03
CA ARG A 63 -14.03 0.64 9.85
C ARG A 63 -12.67 1.27 10.15
N ASP A 64 -12.53 1.80 11.36
CA ASP A 64 -11.28 2.42 11.78
C ASP A 64 -10.20 1.37 12.01
N LYS A 65 -10.59 0.22 12.53
CA LYS A 65 -9.65 -0.86 12.79
C LYS A 65 -9.21 -1.53 11.49
N ALA A 66 -10.12 -1.62 10.52
CA ALA A 66 -9.82 -2.23 9.24
C ALA A 66 -8.93 -1.32 8.40
N LEU A 67 -9.19 -0.03 8.45
CA LEU A 67 -8.42 0.94 7.69
C LEU A 67 -7.06 1.19 8.32
N GLN A 68 -7.02 1.16 9.66
CA GLN A 68 -5.77 1.38 10.38
C GLN A 68 -4.74 0.31 10.04
N GLU A 69 -5.23 -0.91 9.80
CA GLU A 69 -4.34 -2.02 9.46
C GLU A 69 -3.82 -1.89 8.04
N LEU A 70 -4.61 -1.28 7.17
CA LEU A 70 -4.21 -1.08 5.79
C LEU A 70 -2.84 -0.43 5.72
N ARG A 71 -2.52 0.36 6.75
CA ARG A 71 -1.24 1.05 6.81
C ARG A 71 -0.09 0.06 7.03
N GLN A 72 -0.34 -0.94 7.87
CA GLN A 72 0.67 -1.96 8.17
C GLN A 72 1.08 -2.70 6.90
N GLU A 73 0.09 -3.16 6.14
CA GLU A 73 0.34 -3.89 4.91
C GLU A 73 1.13 -3.05 3.92
N LEU A 74 0.68 -1.81 3.72
CA LEU A 74 1.35 -0.89 2.79
C LEU A 74 2.71 -0.46 3.34
N ASN A 75 2.80 -0.36 4.67
CA ASN A 75 4.05 0.04 5.31
C ASN A 75 5.18 -0.91 4.95
N THR A 76 4.94 -2.21 5.12
CA THR A 76 5.94 -3.21 4.80
C THR A 76 6.08 -3.43 3.31
N LEU A 77 4.97 -3.36 2.60
CA LEU A 77 4.97 -3.57 1.15
C LEU A 77 6.04 -2.67 0.53
N ALA A 78 6.29 -1.54 1.16
CA ALA A 78 7.31 -0.60 0.70
C ALA A 78 8.71 -1.16 0.94
N ASN A 79 8.86 -2.00 1.97
CA ASN A 79 10.17 -2.57 2.29
C ASN A 79 10.86 -3.19 1.08
N PRO A 80 10.19 -4.11 0.36
CA PRO A 80 10.75 -4.74 -0.83
C PRO A 80 10.95 -3.76 -1.98
N PHE A 81 10.11 -2.73 -2.01
CA PHE A 81 10.19 -1.71 -3.06
C PHE A 81 11.38 -0.79 -2.83
N LEU A 82 11.50 -0.26 -1.62
CA LEU A 82 12.59 0.64 -1.27
C LEU A 82 13.91 -0.12 -1.17
N ALA A 83 13.87 -1.28 -0.54
CA ALA A 83 15.06 -2.12 -0.38
C ALA A 83 15.63 -2.53 -1.73
N LYS A 84 14.74 -2.79 -2.69
CA LYS A 84 15.16 -3.20 -4.02
C LYS A 84 15.87 -2.06 -4.75
N TYR A 85 15.20 -0.91 -4.83
CA TYR A 85 15.77 0.25 -5.51
C TYR A 85 17.07 0.68 -4.84
N ARG A 86 17.09 0.63 -3.51
CA ARG A 86 18.26 1.02 -2.74
C ARG A 86 19.46 0.14 -3.11
N ASP A 87 19.22 -1.16 -3.23
CA ASP A 87 20.28 -2.10 -3.59
C ASP A 87 20.57 -2.06 -5.08
N PHE A 88 19.55 -1.81 -5.88
CA PHE A 88 19.70 -1.74 -7.32
C PHE A 88 20.67 -0.63 -7.72
N LEU A 89 20.41 0.58 -7.23
CA LEU A 89 21.26 1.73 -7.53
C LEU A 89 21.63 2.47 -6.25
N LYS A 90 20.67 3.23 -5.72
CA LYS A 90 20.89 4.00 -4.50
C LYS A 90 19.58 4.49 -3.91
N MET A 1 -6.35 -13.12 15.73
CA MET A 1 -6.29 -11.83 15.01
C MET A 1 -7.69 -11.28 14.75
N ALA A 2 -7.92 -10.03 15.13
CA ALA A 2 -9.21 -9.39 14.94
C ALA A 2 -9.38 -8.90 13.50
N LEU A 3 -9.73 -9.82 12.61
CA LEU A 3 -9.92 -9.49 11.20
C LEU A 3 -11.23 -10.06 10.68
N LEU A 4 -12.26 -9.22 10.62
CA LEU A 4 -13.57 -9.64 10.14
C LEU A 4 -13.49 -10.12 8.70
N LYS A 5 -14.50 -10.88 8.28
CA LYS A 5 -14.54 -11.42 6.92
C LYS A 5 -14.55 -10.28 5.90
N ALA A 6 -15.40 -9.29 6.12
CA ALA A 6 -15.50 -8.16 5.21
C ALA A 6 -14.28 -7.25 5.33
N ASN A 7 -13.87 -6.99 6.57
CA ASN A 7 -12.72 -6.14 6.82
C ASN A 7 -11.46 -6.72 6.18
N LYS A 8 -11.22 -8.00 6.40
CA LYS A 8 -10.05 -8.68 5.85
C LYS A 8 -10.14 -8.75 4.33
N ASP A 9 -11.36 -8.83 3.82
CA ASP A 9 -11.59 -8.92 2.37
C ASP A 9 -11.29 -7.58 1.70
N LEU A 10 -11.52 -6.50 2.44
CA LEU A 10 -11.28 -5.15 1.92
C LEU A 10 -9.80 -4.90 1.74
N ILE A 11 -9.01 -5.24 2.76
CA ILE A 11 -7.57 -5.05 2.72
C ILE A 11 -6.91 -6.01 1.75
N SER A 12 -7.46 -7.22 1.66
CA SER A 12 -6.93 -8.24 0.76
C SER A 12 -6.92 -7.74 -0.69
N ALA A 13 -8.01 -7.11 -1.09
CA ALA A 13 -8.13 -6.57 -2.45
C ALA A 13 -7.03 -5.55 -2.73
N GLY A 14 -6.83 -4.65 -1.78
CA GLY A 14 -5.82 -3.62 -1.94
C GLY A 14 -4.41 -4.19 -1.90
N LEU A 15 -4.22 -5.23 -1.10
CA LEU A 15 -2.92 -5.87 -0.96
C LEU A 15 -2.41 -6.37 -2.32
N LYS A 16 -3.27 -7.09 -3.02
CA LYS A 16 -2.92 -7.64 -4.33
C LYS A 16 -2.67 -6.52 -5.33
N GLU A 17 -3.46 -5.45 -5.25
CA GLU A 17 -3.31 -4.32 -6.14
C GLU A 17 -1.92 -3.69 -6.01
N PHE A 18 -1.38 -3.72 -4.79
CA PHE A 18 -0.06 -3.16 -4.54
C PHE A 18 1.03 -4.04 -5.14
N SER A 19 0.96 -5.33 -4.84
CA SER A 19 1.96 -6.28 -5.34
C SER A 19 1.94 -6.31 -6.87
N VAL A 20 0.76 -6.46 -7.45
CA VAL A 20 0.62 -6.50 -8.90
C VAL A 20 1.14 -5.22 -9.54
N LEU A 21 0.75 -4.09 -8.97
CA LEU A 21 1.17 -2.79 -9.48
C LEU A 21 2.70 -2.67 -9.48
N LEU A 22 3.33 -3.26 -8.47
CA LEU A 22 4.78 -3.22 -8.36
C LEU A 22 5.44 -4.04 -9.47
N ASN A 23 4.74 -5.09 -9.91
CA ASN A 23 5.26 -5.96 -10.96
C ASN A 23 5.51 -5.17 -12.24
N GLN A 24 4.75 -4.10 -12.43
CA GLN A 24 4.89 -3.26 -13.62
C GLN A 24 6.28 -2.63 -13.68
N GLN A 25 6.86 -2.37 -12.52
CA GLN A 25 8.18 -1.78 -12.43
C GLN A 25 9.23 -2.66 -13.13
N VAL A 26 10.09 -2.03 -13.92
CA VAL A 26 11.13 -2.75 -14.63
C VAL A 26 12.51 -2.53 -14.00
N PHE A 27 12.70 -1.33 -13.45
CA PHE A 27 13.96 -0.98 -12.80
C PHE A 27 15.11 -1.04 -13.81
N ASN A 28 15.38 0.09 -14.46
CA ASN A 28 16.45 0.17 -15.44
C ASN A 28 16.64 1.60 -15.92
N ASP A 29 15.54 2.32 -16.11
CA ASP A 29 15.58 3.70 -16.58
C ASP A 29 14.84 4.63 -15.66
N PRO A 30 15.08 4.54 -14.35
CA PRO A 30 14.43 5.44 -13.43
C PRO A 30 15.16 6.77 -13.41
N LEU A 31 14.43 7.80 -13.75
CA LEU A 31 14.97 9.16 -13.79
C LEU A 31 14.73 9.88 -12.46
N VAL A 32 13.64 9.53 -11.80
CA VAL A 32 13.29 10.14 -10.53
C VAL A 32 14.28 9.73 -9.44
N SER A 33 14.62 10.68 -8.57
CA SER A 33 15.56 10.42 -7.48
C SER A 33 14.94 9.48 -6.45
N GLU A 34 15.76 9.02 -5.50
CA GLU A 34 15.30 8.13 -4.46
C GLU A 34 14.36 8.84 -3.50
N GLU A 35 14.59 10.14 -3.31
CA GLU A 35 13.76 10.94 -2.42
C GLU A 35 12.38 11.16 -3.01
N ASP A 36 12.34 11.55 -4.28
CA ASP A 36 11.08 11.80 -4.97
C ASP A 36 10.22 10.54 -5.01
N MET A 37 10.89 9.40 -4.98
CA MET A 37 10.21 8.10 -5.02
C MET A 37 9.52 7.82 -3.70
N VAL A 38 10.09 8.32 -2.61
CA VAL A 38 9.54 8.11 -1.27
C VAL A 38 8.18 8.79 -1.14
N THR A 39 8.10 10.04 -1.57
CA THR A 39 6.85 10.80 -1.49
C THR A 39 5.76 10.12 -2.31
N VAL A 40 6.14 9.51 -3.43
CA VAL A 40 5.19 8.82 -4.28
C VAL A 40 4.57 7.64 -3.57
N VAL A 41 5.38 6.88 -2.85
CA VAL A 41 4.91 5.71 -2.12
C VAL A 41 3.90 6.12 -1.04
N GLU A 42 4.18 7.24 -0.37
CA GLU A 42 3.31 7.73 0.68
C GLU A 42 1.99 8.25 0.10
N ASP A 43 2.10 9.11 -0.92
CA ASP A 43 0.93 9.69 -1.55
C ASP A 43 0.13 8.62 -2.28
N TRP A 44 0.82 7.59 -2.78
CA TRP A 44 0.17 6.50 -3.49
C TRP A 44 -0.84 5.80 -2.60
N MET A 45 -0.40 5.43 -1.40
CA MET A 45 -1.27 4.74 -0.45
C MET A 45 -2.39 5.66 0.02
N ASN A 46 -2.07 6.93 0.22
CA ASN A 46 -3.06 7.91 0.66
C ASN A 46 -4.22 8.00 -0.31
N PHE A 47 -3.93 7.79 -1.59
CA PHE A 47 -4.96 7.85 -2.63
C PHE A 47 -5.86 6.62 -2.57
N TYR A 48 -5.25 5.46 -2.31
CA TYR A 48 -5.99 4.21 -2.22
C TYR A 48 -6.90 4.20 -1.00
N ILE A 49 -6.40 4.70 0.11
CA ILE A 49 -7.16 4.76 1.35
C ILE A 49 -8.39 5.64 1.20
N ASN A 50 -8.25 6.71 0.44
CA ASN A 50 -9.35 7.64 0.22
C ASN A 50 -10.47 6.97 -0.56
N TYR A 51 -10.11 6.04 -1.42
CA TYR A 51 -11.10 5.31 -2.22
C TYR A 51 -11.85 4.29 -1.38
N TYR A 52 -11.09 3.43 -0.69
CA TYR A 52 -11.68 2.40 0.16
C TYR A 52 -12.56 3.02 1.25
N ARG A 53 -12.05 4.07 1.88
CA ARG A 53 -12.78 4.76 2.93
C ARG A 53 -14.12 5.27 2.42
N GLN A 54 -14.22 5.49 1.12
CA GLN A 54 -15.45 5.98 0.51
C GLN A 54 -16.43 4.83 0.21
N GLN A 55 -16.05 3.62 0.59
CA GLN A 55 -16.89 2.45 0.35
C GLN A 55 -16.71 1.42 1.46
N VAL A 56 -16.75 1.88 2.71
CA VAL A 56 -16.59 1.00 3.86
C VAL A 56 -17.94 0.51 4.37
N THR A 57 -17.90 -0.38 5.36
CA THR A 57 -19.12 -0.92 5.95
C THR A 57 -18.79 -1.65 7.25
N GLY A 58 -19.70 -1.55 8.20
CA GLY A 58 -19.53 -2.19 9.47
C GLY A 58 -19.80 -1.26 10.63
N GLU A 59 -18.85 -1.17 11.54
CA GLU A 59 -18.98 -0.30 12.71
C GLU A 59 -17.91 0.78 12.68
N PRO A 60 -18.16 1.92 13.34
CA PRO A 60 -17.20 3.03 13.39
C PRO A 60 -15.80 2.57 13.79
N GLN A 61 -15.74 1.76 14.84
CA GLN A 61 -14.46 1.24 15.32
C GLN A 61 -13.93 0.14 14.40
N GLU A 62 -14.85 -0.64 13.83
CA GLU A 62 -14.47 -1.73 12.93
C GLU A 62 -13.81 -1.18 11.68
N ARG A 63 -14.46 -0.20 11.05
CA ARG A 63 -13.94 0.42 9.84
C ARG A 63 -12.59 1.07 10.12
N ASP A 64 -12.45 1.64 11.32
CA ASP A 64 -11.21 2.29 11.70
C ASP A 64 -10.10 1.27 11.93
N LYS A 65 -10.48 0.12 12.49
CA LYS A 65 -9.51 -0.95 12.77
C LYS A 65 -9.07 -1.64 11.49
N ALA A 66 -9.99 -1.76 10.54
CA ALA A 66 -9.69 -2.40 9.26
C ALA A 66 -8.83 -1.51 8.38
N LEU A 67 -9.12 -0.22 8.41
CA LEU A 67 -8.37 0.75 7.61
C LEU A 67 -7.00 1.03 8.22
N GLN A 68 -6.93 0.98 9.55
CA GLN A 68 -5.68 1.23 10.25
C GLN A 68 -4.63 0.20 9.87
N GLU A 69 -5.07 -1.04 9.65
CA GLU A 69 -4.15 -2.12 9.29
C GLU A 69 -3.69 -1.98 7.84
N LEU A 70 -4.55 -1.39 7.01
CA LEU A 70 -4.22 -1.19 5.61
C LEU A 70 -2.87 -0.49 5.48
N ARG A 71 -2.54 0.31 6.49
CA ARG A 71 -1.28 1.05 6.50
C ARG A 71 -0.10 0.10 6.67
N GLN A 72 -0.26 -0.89 7.54
CA GLN A 72 0.80 -1.86 7.80
C GLN A 72 1.16 -2.63 6.54
N GLU A 73 0.14 -3.05 5.80
CA GLU A 73 0.36 -3.80 4.56
C GLU A 73 1.16 -2.97 3.56
N LEU A 74 0.69 -1.74 3.31
CA LEU A 74 1.37 -0.85 2.38
C LEU A 74 2.71 -0.40 2.93
N ASN A 75 2.80 -0.26 4.24
CA ASN A 75 4.02 0.17 4.90
C ASN A 75 5.16 -0.79 4.61
N THR A 76 4.92 -2.08 4.82
CA THR A 76 5.91 -3.10 4.58
C THR A 76 6.12 -3.36 3.10
N LEU A 77 5.02 -3.30 2.34
CA LEU A 77 5.10 -3.54 0.90
C LEU A 77 6.21 -2.68 0.29
N ALA A 78 6.44 -1.54 0.92
CA ALA A 78 7.49 -0.63 0.48
C ALA A 78 8.87 -1.19 0.79
N ASN A 79 8.97 -2.01 1.84
CA ASN A 79 10.25 -2.59 2.24
C ASN A 79 10.98 -3.24 1.05
N PRO A 80 10.33 -4.18 0.34
CA PRO A 80 10.93 -4.86 -0.81
C PRO A 80 11.18 -3.91 -1.97
N PHE A 81 10.29 -2.94 -2.14
CA PHE A 81 10.41 -1.97 -3.22
C PHE A 81 11.61 -1.04 -2.99
N LEU A 82 11.68 -0.48 -1.79
CA LEU A 82 12.78 0.43 -1.43
C LEU A 82 14.08 -0.34 -1.28
N ALA A 83 14.00 -1.52 -0.67
CA ALA A 83 15.18 -2.36 -0.44
C ALA A 83 15.82 -2.74 -1.77
N LYS A 84 15.00 -3.08 -2.75
CA LYS A 84 15.49 -3.47 -4.06
C LYS A 84 16.04 -2.27 -4.83
N TYR A 85 15.29 -1.16 -4.78
CA TYR A 85 15.70 0.06 -5.47
C TYR A 85 17.03 0.57 -4.93
N ARG A 86 17.16 0.62 -3.60
CA ARG A 86 18.37 1.08 -2.96
C ARG A 86 19.55 0.21 -3.34
N ASP A 87 19.31 -1.09 -3.48
CA ASP A 87 20.35 -2.04 -3.84
C ASP A 87 20.67 -1.97 -5.34
N PHE A 88 19.62 -1.80 -6.15
CA PHE A 88 19.79 -1.72 -7.59
C PHE A 88 20.68 -0.54 -7.97
N LEU A 89 20.40 0.62 -7.40
CA LEU A 89 21.17 1.82 -7.68
C LEU A 89 21.58 2.52 -6.39
N LYS A 90 20.63 3.22 -5.77
CA LYS A 90 20.89 3.92 -4.53
C LYS A 90 19.59 4.40 -3.88
N MET A 1 -6.08 -13.59 15.48
CA MET A 1 -6.07 -12.21 14.93
C MET A 1 -7.50 -11.74 14.63
N ALA A 2 -7.76 -10.47 14.94
CA ALA A 2 -9.07 -9.89 14.70
C ALA A 2 -9.20 -9.38 13.27
N LEU A 3 -9.96 -10.10 12.45
CA LEU A 3 -10.15 -9.73 11.06
C LEU A 3 -11.48 -10.27 10.53
N LEU A 4 -12.45 -9.37 10.36
CA LEU A 4 -13.77 -9.76 9.86
C LEU A 4 -13.69 -10.20 8.41
N LYS A 5 -14.71 -10.92 7.95
CA LYS A 5 -14.77 -11.40 6.58
C LYS A 5 -14.74 -10.25 5.59
N ALA A 6 -15.64 -9.28 5.80
CA ALA A 6 -15.73 -8.12 4.94
C ALA A 6 -14.54 -7.19 5.14
N ASN A 7 -14.16 -6.98 6.40
CA ASN A 7 -13.04 -6.11 6.74
C ASN A 7 -11.75 -6.63 6.11
N LYS A 8 -11.48 -7.91 6.28
CA LYS A 8 -10.29 -8.53 5.73
C LYS A 8 -10.35 -8.59 4.21
N ASP A 9 -11.56 -8.74 3.68
CA ASP A 9 -11.76 -8.80 2.24
C ASP A 9 -11.40 -7.47 1.58
N LEU A 10 -11.61 -6.39 2.31
CA LEU A 10 -11.32 -5.05 1.79
C LEU A 10 -9.82 -4.84 1.65
N ILE A 11 -9.07 -5.22 2.68
CA ILE A 11 -7.62 -5.07 2.67
C ILE A 11 -6.98 -6.07 1.70
N SER A 12 -7.56 -7.25 1.60
CA SER A 12 -7.05 -8.28 0.71
C SER A 12 -7.01 -7.79 -0.73
N ALA A 13 -8.09 -7.13 -1.15
CA ALA A 13 -8.17 -6.60 -2.51
C ALA A 13 -7.06 -5.60 -2.77
N GLY A 14 -6.85 -4.69 -1.82
CA GLY A 14 -5.80 -3.69 -1.97
C GLY A 14 -4.41 -4.30 -1.92
N LEU A 15 -4.26 -5.34 -1.10
CA LEU A 15 -2.97 -6.01 -0.97
C LEU A 15 -2.47 -6.53 -2.31
N LYS A 16 -3.36 -7.18 -3.05
CA LYS A 16 -3.01 -7.72 -4.36
C LYS A 16 -2.78 -6.60 -5.37
N GLU A 17 -3.53 -5.52 -5.21
CA GLU A 17 -3.41 -4.37 -6.11
C GLU A 17 -1.99 -3.80 -6.08
N PHE A 18 -1.38 -3.80 -4.90
CA PHE A 18 -0.02 -3.30 -4.74
C PHE A 18 0.99 -4.24 -5.35
N SER A 19 0.73 -5.55 -5.24
CA SER A 19 1.62 -6.56 -5.78
C SER A 19 1.65 -6.49 -7.31
N VAL A 20 0.48 -6.50 -7.93
CA VAL A 20 0.38 -6.44 -9.38
C VAL A 20 0.95 -5.13 -9.91
N LEU A 21 0.56 -4.03 -9.28
CA LEU A 21 1.01 -2.71 -9.68
C LEU A 21 2.54 -2.62 -9.62
N LEU A 22 3.13 -3.28 -8.64
CA LEU A 22 4.59 -3.28 -8.48
C LEU A 22 5.25 -4.14 -9.54
N ASN A 23 4.61 -5.24 -9.91
CA ASN A 23 5.14 -6.14 -10.92
C ASN A 23 5.30 -5.43 -12.25
N GLN A 24 4.46 -4.43 -12.49
CA GLN A 24 4.52 -3.66 -13.73
C GLN A 24 5.85 -2.96 -13.88
N GLN A 25 6.46 -2.59 -12.75
CA GLN A 25 7.74 -1.90 -12.75
C GLN A 25 8.81 -2.75 -13.44
N VAL A 26 9.68 -2.09 -14.20
CA VAL A 26 10.74 -2.78 -14.92
C VAL A 26 12.09 -2.57 -14.24
N PHE A 27 12.28 -1.37 -13.69
CA PHE A 27 13.53 -1.04 -13.00
C PHE A 27 14.71 -1.14 -13.96
N ASN A 28 15.13 0.01 -14.51
CA ASN A 28 16.25 0.04 -15.44
C ASN A 28 16.56 1.48 -15.85
N ASP A 29 15.52 2.28 -16.03
CA ASP A 29 15.69 3.68 -16.43
C ASP A 29 14.98 4.62 -15.49
N PRO A 30 15.18 4.46 -14.17
CA PRO A 30 14.56 5.35 -13.23
C PRO A 30 15.38 6.63 -13.13
N LEU A 31 14.73 7.72 -13.45
CA LEU A 31 15.35 9.04 -13.40
C LEU A 31 15.08 9.73 -12.07
N VAL A 32 13.93 9.44 -11.48
CA VAL A 32 13.55 10.04 -10.21
C VAL A 32 14.45 9.53 -9.07
N SER A 33 14.96 10.46 -8.27
CA SER A 33 15.83 10.10 -7.16
C SER A 33 15.10 9.22 -6.16
N GLU A 34 15.86 8.64 -5.22
CA GLU A 34 15.28 7.77 -4.21
C GLU A 34 14.41 8.56 -3.23
N GLU A 35 14.77 9.82 -3.02
CA GLU A 35 14.01 10.68 -2.11
C GLU A 35 12.63 10.99 -2.67
N ASP A 36 12.60 11.42 -3.93
CA ASP A 36 11.34 11.75 -4.60
C ASP A 36 10.43 10.54 -4.67
N MET A 37 11.04 9.36 -4.67
CA MET A 37 10.28 8.12 -4.75
C MET A 37 9.54 7.85 -3.44
N VAL A 38 10.11 8.32 -2.33
CA VAL A 38 9.50 8.13 -1.02
C VAL A 38 8.16 8.84 -0.94
N THR A 39 8.13 10.10 -1.35
CA THR A 39 6.91 10.90 -1.31
C THR A 39 5.83 10.26 -2.18
N VAL A 40 6.26 9.60 -3.26
CA VAL A 40 5.33 8.95 -4.17
C VAL A 40 4.61 7.80 -3.50
N VAL A 41 5.38 6.93 -2.84
CA VAL A 41 4.82 5.77 -2.16
C VAL A 41 3.86 6.22 -1.04
N GLU A 42 4.16 7.36 -0.44
CA GLU A 42 3.34 7.89 0.64
C GLU A 42 1.99 8.40 0.10
N ASP A 43 2.07 9.22 -0.94
CA ASP A 43 0.86 9.78 -1.55
C ASP A 43 0.04 8.69 -2.24
N TRP A 44 0.73 7.69 -2.76
CA TRP A 44 0.07 6.58 -3.44
C TRP A 44 -0.89 5.85 -2.51
N MET A 45 -0.40 5.50 -1.32
CA MET A 45 -1.20 4.80 -0.33
C MET A 45 -2.34 5.69 0.16
N ASN A 46 -2.04 6.97 0.35
CA ASN A 46 -3.04 7.92 0.82
C ASN A 46 -4.22 8.00 -0.14
N PHE A 47 -3.94 7.79 -1.42
CA PHE A 47 -4.99 7.84 -2.45
C PHE A 47 -5.87 6.60 -2.37
N TYR A 48 -5.26 5.45 -2.15
CA TYR A 48 -6.00 4.19 -2.05
C TYR A 48 -6.91 4.19 -0.83
N ILE A 49 -6.40 4.74 0.28
CA ILE A 49 -7.17 4.79 1.52
C ILE A 49 -8.39 5.71 1.37
N ASN A 50 -8.24 6.75 0.56
CA ASN A 50 -9.33 7.70 0.33
C ASN A 50 -10.53 7.01 -0.30
N TYR A 51 -10.26 6.18 -1.31
CA TYR A 51 -11.31 5.46 -2.02
C TYR A 51 -11.85 4.31 -1.16
N TYR A 52 -10.96 3.73 -0.35
CA TYR A 52 -11.34 2.61 0.52
C TYR A 52 -12.20 3.10 1.68
N ARG A 53 -11.93 4.30 2.15
CA ARG A 53 -12.68 4.87 3.26
C ARG A 53 -14.12 5.18 2.85
N GLN A 54 -14.32 5.48 1.57
CA GLN A 54 -15.65 5.79 1.06
C GLN A 54 -16.37 4.52 0.61
N GLN A 55 -15.81 3.36 0.90
CA GLN A 55 -16.42 2.09 0.52
C GLN A 55 -16.32 1.08 1.66
N VAL A 56 -16.56 1.54 2.88
CA VAL A 56 -16.50 0.68 4.06
C VAL A 56 -17.89 0.43 4.62
N THR A 57 -17.97 -0.43 5.63
CA THR A 57 -19.24 -0.75 6.27
C THR A 57 -19.00 -1.50 7.57
N GLY A 58 -19.84 -1.24 8.55
CA GLY A 58 -19.73 -1.87 9.84
C GLY A 58 -19.89 -0.90 10.98
N GLU A 59 -18.95 -0.92 11.90
CA GLU A 59 -18.97 -0.03 13.05
C GLU A 59 -17.83 0.99 12.96
N PRO A 60 -17.99 2.16 13.62
CA PRO A 60 -16.98 3.21 13.61
C PRO A 60 -15.60 2.68 13.98
N GLN A 61 -15.54 1.87 15.02
CA GLN A 61 -14.29 1.28 15.48
C GLN A 61 -13.84 0.16 14.54
N GLU A 62 -14.81 -0.54 13.97
CA GLU A 62 -14.51 -1.65 13.07
C GLU A 62 -13.82 -1.14 11.81
N ARG A 63 -14.42 -0.12 11.19
CA ARG A 63 -13.87 0.46 9.98
C ARG A 63 -12.47 1.02 10.25
N ASP A 64 -12.27 1.56 11.44
CA ASP A 64 -10.98 2.13 11.82
C ASP A 64 -9.95 1.03 12.04
N LYS A 65 -10.40 -0.10 12.57
CA LYS A 65 -9.51 -1.22 12.84
C LYS A 65 -9.05 -1.88 11.54
N ALA A 66 -9.96 -1.95 10.57
CA ALA A 66 -9.64 -2.55 9.28
C ALA A 66 -8.75 -1.63 8.44
N LEU A 67 -8.99 -0.34 8.53
CA LEU A 67 -8.23 0.64 7.79
C LEU A 67 -6.85 0.86 8.43
N GLN A 68 -6.79 0.70 9.74
CA GLN A 68 -5.53 0.88 10.47
C GLN A 68 -4.49 -0.14 10.01
N GLU A 69 -4.93 -1.36 9.74
CA GLU A 69 -4.03 -2.41 9.29
C GLU A 69 -3.63 -2.21 7.85
N LEU A 70 -4.51 -1.59 7.07
CA LEU A 70 -4.23 -1.32 5.67
C LEU A 70 -2.89 -0.60 5.53
N ARG A 71 -2.53 0.16 6.56
CA ARG A 71 -1.27 0.90 6.56
C ARG A 71 -0.07 -0.05 6.65
N GLN A 72 -0.20 -1.07 7.50
CA GLN A 72 0.87 -2.04 7.68
C GLN A 72 1.18 -2.77 6.37
N GLU A 73 0.13 -3.14 5.64
CA GLU A 73 0.29 -3.84 4.37
C GLU A 73 1.05 -2.98 3.37
N LEU A 74 0.57 -1.75 3.17
CA LEU A 74 1.21 -0.82 2.24
C LEU A 74 2.56 -0.37 2.75
N ASN A 75 2.67 -0.21 4.07
CA ASN A 75 3.92 0.22 4.70
C ASN A 75 5.05 -0.77 4.39
N THR A 76 4.80 -2.04 4.63
CA THR A 76 5.78 -3.08 4.39
C THR A 76 5.99 -3.32 2.89
N LEU A 77 4.91 -3.23 2.13
CA LEU A 77 5.00 -3.45 0.68
C LEU A 77 6.11 -2.59 0.10
N ALA A 78 6.36 -1.47 0.75
CA ALA A 78 7.41 -0.56 0.32
C ALA A 78 8.80 -1.14 0.64
N ASN A 79 8.88 -1.98 1.68
CA ASN A 79 10.14 -2.58 2.09
C ASN A 79 10.88 -3.21 0.90
N PRO A 80 10.22 -4.12 0.17
CA PRO A 80 10.84 -4.79 -0.98
C PRO A 80 11.10 -3.83 -2.14
N PHE A 81 10.23 -2.83 -2.29
CA PHE A 81 10.37 -1.85 -3.35
C PHE A 81 11.59 -0.95 -3.10
N LEU A 82 11.66 -0.40 -1.89
CA LEU A 82 12.77 0.48 -1.51
C LEU A 82 14.08 -0.31 -1.40
N ALA A 83 14.00 -1.51 -0.85
CA ALA A 83 15.16 -2.36 -0.69
C ALA A 83 15.79 -2.70 -2.04
N LYS A 84 14.94 -2.89 -3.05
CA LYS A 84 15.41 -3.22 -4.39
C LYS A 84 16.19 -2.06 -4.99
N TYR A 85 15.57 -0.89 -5.05
CA TYR A 85 16.22 0.30 -5.60
C TYR A 85 17.48 0.64 -4.83
N ARG A 86 17.40 0.53 -3.50
CA ARG A 86 18.54 0.84 -2.64
C ARG A 86 19.72 -0.08 -2.96
N ASP A 87 19.44 -1.35 -3.18
CA ASP A 87 20.47 -2.33 -3.50
C ASP A 87 20.89 -2.22 -4.97
N PHE A 88 19.95 -1.83 -5.82
CA PHE A 88 20.23 -1.69 -7.25
C PHE A 88 21.32 -0.65 -7.49
N LEU A 89 21.10 0.56 -6.98
CA LEU A 89 22.06 1.64 -7.14
C LEU A 89 22.07 2.55 -5.92
N LYS A 90 20.89 2.94 -5.47
CA LYS A 90 20.76 3.81 -4.31
C LYS A 90 19.29 4.05 -3.97
N MET A 1 -5.34 -12.75 16.35
CA MET A 1 -5.64 -12.16 15.02
C MET A 1 -7.01 -12.59 14.52
N ALA A 2 -8.01 -11.76 14.79
CA ALA A 2 -9.38 -12.06 14.36
C ALA A 2 -9.60 -11.61 12.92
N LEU A 3 -9.76 -10.31 12.73
CA LEU A 3 -10.00 -9.75 11.40
C LEU A 3 -11.27 -10.31 10.78
N LEU A 4 -12.30 -9.48 10.72
CA LEU A 4 -13.58 -9.88 10.15
C LEU A 4 -13.41 -10.31 8.69
N LYS A 5 -14.40 -11.06 8.19
CA LYS A 5 -14.37 -11.53 6.81
C LYS A 5 -14.41 -10.36 5.83
N ALA A 6 -15.36 -9.46 6.05
CA ALA A 6 -15.53 -8.29 5.19
C ALA A 6 -14.37 -7.30 5.38
N ASN A 7 -13.94 -7.14 6.63
CA ASN A 7 -12.85 -6.23 6.94
C ASN A 7 -11.54 -6.72 6.34
N LYS A 8 -11.25 -7.99 6.53
CA LYS A 8 -10.02 -8.59 6.01
C LYS A 8 -10.08 -8.69 4.49
N ASP A 9 -11.26 -9.01 3.97
CA ASP A 9 -11.45 -9.15 2.53
C ASP A 9 -11.18 -7.82 1.82
N LEU A 10 -11.45 -6.72 2.51
CA LEU A 10 -11.24 -5.40 1.95
C LEU A 10 -9.74 -5.11 1.77
N ILE A 11 -8.97 -5.44 2.80
CA ILE A 11 -7.52 -5.23 2.76
C ILE A 11 -6.85 -6.19 1.79
N SER A 12 -7.39 -7.40 1.71
CA SER A 12 -6.83 -8.42 0.82
C SER A 12 -6.83 -7.94 -0.63
N ALA A 13 -7.91 -7.28 -1.04
CA ALA A 13 -8.03 -6.76 -2.39
C ALA A 13 -6.92 -5.75 -2.68
N GLY A 14 -6.72 -4.82 -1.74
CA GLY A 14 -5.69 -3.82 -1.91
C GLY A 14 -4.29 -4.40 -1.86
N LEU A 15 -4.11 -5.43 -1.04
CA LEU A 15 -2.82 -6.07 -0.89
C LEU A 15 -2.31 -6.58 -2.23
N LYS A 16 -3.19 -7.24 -2.98
CA LYS A 16 -2.83 -7.78 -4.29
C LYS A 16 -2.60 -6.66 -5.30
N GLU A 17 -3.32 -5.55 -5.12
CA GLU A 17 -3.19 -4.41 -6.02
C GLU A 17 -1.77 -3.87 -6.02
N PHE A 18 -1.15 -3.83 -4.83
CA PHE A 18 0.21 -3.34 -4.70
C PHE A 18 1.21 -4.33 -5.27
N SER A 19 0.91 -5.62 -5.11
CA SER A 19 1.79 -6.68 -5.61
C SER A 19 1.86 -6.65 -7.13
N VAL A 20 0.69 -6.63 -7.77
CA VAL A 20 0.61 -6.61 -9.23
C VAL A 20 1.20 -5.31 -9.78
N LEU A 21 0.82 -4.20 -9.18
CA LEU A 21 1.29 -2.89 -9.60
C LEU A 21 2.82 -2.82 -9.53
N LEU A 22 3.39 -3.47 -8.53
CA LEU A 22 4.84 -3.49 -8.36
C LEU A 22 5.51 -4.31 -9.46
N ASN A 23 4.82 -5.35 -9.92
CA ASN A 23 5.34 -6.22 -10.96
C ASN A 23 5.54 -5.46 -12.27
N GLN A 24 4.73 -4.41 -12.46
CA GLN A 24 4.83 -3.60 -13.67
C GLN A 24 6.20 -2.93 -13.79
N GLN A 25 6.80 -2.64 -12.63
CA GLN A 25 8.11 -2.00 -12.62
C GLN A 25 9.16 -2.88 -13.31
N VAL A 26 10.04 -2.24 -14.07
CA VAL A 26 11.08 -2.96 -14.79
C VAL A 26 12.46 -2.66 -14.21
N PHE A 27 12.62 -1.44 -13.68
CA PHE A 27 13.89 -1.03 -13.09
C PHE A 27 15.01 -1.06 -14.12
N ASN A 28 15.26 0.08 -14.75
CA ASN A 28 16.31 0.19 -15.76
C ASN A 28 16.51 1.63 -16.19
N ASP A 29 15.40 2.36 -16.32
CA ASP A 29 15.46 3.76 -16.74
C ASP A 29 14.75 4.67 -15.77
N PRO A 30 15.01 4.53 -14.47
CA PRO A 30 14.40 5.39 -13.49
C PRO A 30 15.14 6.71 -13.45
N LEU A 31 14.41 7.76 -13.73
CA LEU A 31 14.96 9.11 -13.73
C LEU A 31 14.71 9.80 -12.38
N VAL A 32 13.61 9.44 -11.73
CA VAL A 32 13.27 10.02 -10.44
C VAL A 32 14.25 9.58 -9.36
N SER A 33 14.70 10.54 -8.55
CA SER A 33 15.64 10.24 -7.47
C SER A 33 15.02 9.32 -6.44
N GLU A 34 15.84 8.81 -5.53
CA GLU A 34 15.38 7.91 -4.49
C GLU A 34 14.50 8.65 -3.48
N GLU A 35 14.79 9.93 -3.28
CA GLU A 35 14.03 10.75 -2.34
C GLU A 35 12.66 11.11 -2.92
N ASP A 36 12.66 11.58 -4.16
CA ASP A 36 11.41 11.95 -4.83
C ASP A 36 10.49 10.75 -4.97
N MET A 37 11.08 9.56 -5.01
CA MET A 37 10.31 8.33 -5.15
C MET A 37 9.59 7.99 -3.85
N VAL A 38 10.20 8.37 -2.72
CA VAL A 38 9.61 8.11 -1.42
C VAL A 38 8.28 8.83 -1.25
N THR A 39 8.26 10.11 -1.60
CA THR A 39 7.05 10.92 -1.49
C THR A 39 5.93 10.34 -2.35
N VAL A 40 6.31 9.72 -3.46
CA VAL A 40 5.35 9.11 -4.37
C VAL A 40 4.59 7.97 -3.70
N VAL A 41 5.34 7.12 -3.00
CA VAL A 41 4.74 5.97 -2.31
C VAL A 41 3.78 6.43 -1.22
N GLU A 42 4.16 7.50 -0.52
CA GLU A 42 3.33 8.04 0.56
C GLU A 42 2.02 8.59 0.00
N ASP A 43 2.10 9.25 -1.15
CA ASP A 43 0.92 9.82 -1.79
C ASP A 43 0.10 8.74 -2.49
N TRP A 44 0.79 7.75 -3.04
CA TRP A 44 0.12 6.65 -3.73
C TRP A 44 -0.85 5.92 -2.80
N MET A 45 -0.36 5.55 -1.62
CA MET A 45 -1.18 4.84 -0.65
C MET A 45 -2.25 5.76 -0.07
N ASN A 46 -1.91 7.04 0.06
CA ASN A 46 -2.84 8.02 0.60
C ASN A 46 -4.12 8.09 -0.22
N PHE A 47 -3.98 7.89 -1.53
CA PHE A 47 -5.12 7.92 -2.44
C PHE A 47 -5.98 6.67 -2.28
N TYR A 48 -5.33 5.54 -2.05
CA TYR A 48 -6.02 4.27 -1.88
C TYR A 48 -6.82 4.26 -0.58
N ILE A 49 -6.23 4.82 0.48
CA ILE A 49 -6.88 4.88 1.78
C ILE A 49 -8.15 5.72 1.72
N ASN A 50 -8.09 6.81 0.95
CA ASN A 50 -9.24 7.70 0.81
C ASN A 50 -10.33 7.06 -0.04
N TYR A 51 -9.91 6.25 -1.02
CA TYR A 51 -10.86 5.57 -1.90
C TYR A 51 -11.54 4.41 -1.19
N TYR A 52 -10.76 3.65 -0.43
CA TYR A 52 -11.28 2.51 0.31
C TYR A 52 -12.21 2.96 1.43
N ARG A 53 -11.85 4.06 2.09
CA ARG A 53 -12.65 4.60 3.18
C ARG A 53 -14.07 4.95 2.71
N GLN A 54 -14.19 5.21 1.41
CA GLN A 54 -15.50 5.56 0.84
C GLN A 54 -16.25 4.33 0.37
N GLN A 55 -15.72 3.15 0.70
CA GLN A 55 -16.35 1.89 0.32
C GLN A 55 -16.36 0.90 1.47
N VAL A 56 -16.64 1.40 2.67
CA VAL A 56 -16.69 0.56 3.86
C VAL A 56 -18.11 0.42 4.39
N THR A 57 -18.28 -0.41 5.41
CA THR A 57 -19.59 -0.62 6.01
C THR A 57 -19.44 -1.31 7.36
N GLY A 58 -20.30 -0.94 8.28
CA GLY A 58 -20.28 -1.51 9.61
C GLY A 58 -20.35 -0.45 10.68
N GLU A 59 -19.42 -0.50 11.61
CA GLU A 59 -19.36 0.46 12.71
C GLU A 59 -18.16 1.38 12.56
N PRO A 60 -18.16 2.54 13.24
CA PRO A 60 -17.05 3.51 13.16
C PRO A 60 -15.72 2.89 13.58
N GLN A 61 -15.77 1.98 14.54
CA GLN A 61 -14.56 1.32 15.03
C GLN A 61 -14.06 0.27 14.04
N GLU A 62 -14.99 -0.46 13.44
CA GLU A 62 -14.63 -1.48 12.46
C GLU A 62 -13.91 -0.87 11.28
N ARG A 63 -14.50 0.16 10.69
CA ARG A 63 -13.91 0.84 9.55
C ARG A 63 -12.55 1.42 9.93
N ASP A 64 -12.43 1.88 11.18
CA ASP A 64 -11.18 2.46 11.66
C ASP A 64 -10.13 1.37 11.85
N LYS A 65 -10.55 0.22 12.35
CA LYS A 65 -9.64 -0.90 12.59
C LYS A 65 -9.22 -1.56 11.27
N ALA A 66 -10.13 -1.55 10.30
CA ALA A 66 -9.86 -2.15 9.00
C ALA A 66 -8.91 -1.27 8.18
N LEU A 67 -9.15 0.03 8.22
CA LEU A 67 -8.32 0.98 7.48
C LEU A 67 -6.97 1.18 8.17
N GLN A 68 -6.97 1.07 9.49
CA GLN A 68 -5.75 1.24 10.27
C GLN A 68 -4.69 0.21 9.88
N GLU A 69 -5.14 -1.02 9.62
CA GLU A 69 -4.24 -2.10 9.23
C GLU A 69 -3.76 -1.93 7.80
N LEU A 70 -4.60 -1.32 6.98
CA LEU A 70 -4.26 -1.08 5.58
C LEU A 70 -2.91 -0.39 5.48
N ARG A 71 -2.58 0.40 6.52
CA ARG A 71 -1.31 1.12 6.56
C ARG A 71 -0.14 0.16 6.71
N GLN A 72 -0.31 -0.84 7.57
CA GLN A 72 0.74 -1.83 7.81
C GLN A 72 1.10 -2.57 6.53
N GLU A 73 0.08 -2.98 5.77
CA GLU A 73 0.29 -3.70 4.52
C GLU A 73 1.10 -2.86 3.54
N LEU A 74 0.65 -1.62 3.32
CA LEU A 74 1.32 -0.72 2.40
C LEU A 74 2.68 -0.29 2.96
N ASN A 75 2.75 -0.17 4.29
CA ASN A 75 3.99 0.23 4.94
C ASN A 75 5.12 -0.73 4.64
N THR A 76 4.85 -2.02 4.84
CA THR A 76 5.84 -3.06 4.59
C THR A 76 6.03 -3.30 3.10
N LEU A 77 4.93 -3.24 2.35
CA LEU A 77 4.99 -3.47 0.91
C LEU A 77 6.10 -2.62 0.30
N ALA A 78 6.35 -1.47 0.92
CA ALA A 78 7.39 -0.57 0.48
C ALA A 78 8.78 -1.14 0.78
N ASN A 79 8.88 -1.97 1.83
CA ASN A 79 10.16 -2.56 2.20
C ASN A 79 10.87 -3.20 1.01
N PRO A 80 10.20 -4.14 0.30
CA PRO A 80 10.80 -4.81 -0.85
C PRO A 80 11.05 -3.86 -2.02
N PHE A 81 10.23 -2.81 -2.10
CA PHE A 81 10.36 -1.82 -3.17
C PHE A 81 11.57 -0.92 -2.92
N LEU A 82 11.65 -0.36 -1.71
CA LEU A 82 12.76 0.52 -1.36
C LEU A 82 14.05 -0.25 -1.21
N ALA A 83 13.98 -1.41 -0.57
CA ALA A 83 15.16 -2.25 -0.36
C ALA A 83 15.77 -2.67 -1.68
N LYS A 84 14.91 -2.96 -2.66
CA LYS A 84 15.37 -3.37 -3.99
C LYS A 84 15.93 -2.19 -4.76
N TYR A 85 15.19 -1.08 -4.76
CA TYR A 85 15.62 0.12 -5.47
C TYR A 85 16.94 0.63 -4.92
N ARG A 86 17.03 0.73 -3.60
CA ARG A 86 18.24 1.21 -2.94
C ARG A 86 19.43 0.30 -3.27
N ASP A 87 19.17 -0.99 -3.37
CA ASP A 87 20.22 -1.96 -3.68
C ASP A 87 20.54 -1.96 -5.18
N PHE A 88 19.53 -1.68 -5.99
CA PHE A 88 19.70 -1.64 -7.44
C PHE A 88 20.67 -0.53 -7.85
N LEU A 89 20.46 0.65 -7.29
CA LEU A 89 21.31 1.80 -7.60
C LEU A 89 21.76 2.51 -6.32
N LYS A 90 20.84 3.27 -5.72
CA LYS A 90 21.14 3.99 -4.49
C LYS A 90 19.86 4.37 -3.76
N MET A 1 -7.95 -14.30 14.29
CA MET A 1 -6.90 -13.25 14.26
C MET A 1 -7.48 -11.88 13.93
N ALA A 2 -8.65 -11.59 14.51
CA ALA A 2 -9.32 -10.32 14.27
C ALA A 2 -9.66 -10.13 12.80
N LEU A 3 -10.07 -8.92 12.44
CA LEU A 3 -10.42 -8.61 11.06
C LEU A 3 -11.57 -9.49 10.58
N LEU A 4 -12.76 -8.89 10.46
CA LEU A 4 -13.94 -9.61 10.02
C LEU A 4 -13.78 -10.07 8.57
N LYS A 5 -14.86 -10.62 8.00
CA LYS A 5 -14.84 -11.10 6.62
C LYS A 5 -14.78 -9.93 5.65
N ALA A 6 -15.68 -8.97 5.83
CA ALA A 6 -15.73 -7.80 4.96
C ALA A 6 -14.55 -6.87 5.22
N ASN A 7 -14.08 -6.86 6.46
CA ASN A 7 -12.96 -6.00 6.85
C ASN A 7 -11.64 -6.56 6.31
N LYS A 8 -11.47 -7.88 6.44
CA LYS A 8 -10.25 -8.53 5.97
C LYS A 8 -10.26 -8.66 4.44
N ASP A 9 -11.41 -9.05 3.89
CA ASP A 9 -11.54 -9.21 2.45
C ASP A 9 -11.27 -7.89 1.73
N LEU A 10 -11.53 -6.78 2.40
CA LEU A 10 -11.32 -5.46 1.83
C LEU A 10 -9.83 -5.19 1.65
N ILE A 11 -9.05 -5.47 2.70
CA ILE A 11 -7.61 -5.26 2.66
C ILE A 11 -6.93 -6.26 1.72
N SER A 12 -7.46 -7.48 1.69
CA SER A 12 -6.90 -8.53 0.84
C SER A 12 -6.90 -8.10 -0.63
N ALA A 13 -8.03 -7.55 -1.07
CA ALA A 13 -8.15 -7.10 -2.45
C ALA A 13 -7.12 -6.02 -2.77
N GLY A 14 -6.96 -5.08 -1.85
CA GLY A 14 -6.00 -4.01 -2.05
C GLY A 14 -4.56 -4.51 -2.01
N LEU A 15 -4.31 -5.52 -1.19
CA LEU A 15 -2.97 -6.09 -1.05
C LEU A 15 -2.45 -6.57 -2.41
N LYS A 16 -3.30 -7.27 -3.15
CA LYS A 16 -2.93 -7.79 -4.46
C LYS A 16 -2.78 -6.65 -5.47
N GLU A 17 -3.56 -5.60 -5.29
CA GLU A 17 -3.50 -4.45 -6.18
C GLU A 17 -2.11 -3.81 -6.19
N PHE A 18 -1.48 -3.79 -5.02
CA PHE A 18 -0.14 -3.21 -4.89
C PHE A 18 0.90 -4.13 -5.51
N SER A 19 0.69 -5.44 -5.38
CA SER A 19 1.61 -6.43 -5.93
C SER A 19 1.65 -6.35 -7.46
N VAL A 20 0.48 -6.38 -8.08
CA VAL A 20 0.38 -6.31 -9.53
C VAL A 20 0.90 -4.98 -10.05
N LEU A 21 0.47 -3.90 -9.41
CA LEU A 21 0.89 -2.56 -9.80
C LEU A 21 2.41 -2.43 -9.75
N LEU A 22 3.03 -3.07 -8.77
CA LEU A 22 4.47 -3.03 -8.62
C LEU A 22 5.17 -3.87 -9.68
N ASN A 23 4.50 -4.94 -10.11
CA ASN A 23 5.05 -5.83 -11.12
C ASN A 23 5.32 -5.07 -12.42
N GLN A 24 4.56 -4.00 -12.65
CA GLN A 24 4.73 -3.20 -13.86
C GLN A 24 6.13 -2.58 -13.92
N GLN A 25 6.70 -2.32 -12.75
CA GLN A 25 8.03 -1.73 -12.67
C GLN A 25 9.07 -2.63 -13.35
N VAL A 26 9.99 -2.02 -14.08
CA VAL A 26 11.03 -2.76 -14.78
C VAL A 26 12.39 -2.56 -14.11
N PHE A 27 12.59 -1.39 -13.54
CA PHE A 27 13.85 -1.08 -12.86
C PHE A 27 15.02 -1.15 -13.84
N ASN A 28 15.33 -0.01 -14.45
CA ASN A 28 16.43 0.05 -15.41
C ASN A 28 16.69 1.49 -15.86
N ASP A 29 15.61 2.24 -16.05
CA ASP A 29 15.71 3.63 -16.48
C ASP A 29 14.96 4.56 -15.57
N PRO A 30 15.15 4.44 -14.26
CA PRO A 30 14.50 5.32 -13.33
C PRO A 30 15.25 6.64 -13.25
N LEU A 31 14.55 7.69 -13.59
CA LEU A 31 15.12 9.04 -13.58
C LEU A 31 14.89 9.73 -12.24
N VAL A 32 13.79 9.35 -11.57
CA VAL A 32 13.46 9.93 -10.29
C VAL A 32 14.45 9.50 -9.21
N SER A 33 14.77 10.42 -8.30
CA SER A 33 15.71 10.13 -7.23
C SER A 33 15.07 9.26 -6.15
N GLU A 34 15.87 8.84 -5.18
CA GLU A 34 15.38 8.00 -4.10
C GLU A 34 14.43 8.80 -3.18
N GLU A 35 14.68 10.09 -3.06
CA GLU A 35 13.85 10.95 -2.22
C GLU A 35 12.44 11.06 -2.78
N ASP A 36 12.35 11.37 -4.07
CA ASP A 36 11.05 11.51 -4.72
C ASP A 36 10.29 10.18 -4.72
N MET A 37 11.04 9.10 -4.66
CA MET A 37 10.45 7.76 -4.64
C MET A 37 9.74 7.50 -3.32
N VAL A 38 10.23 8.11 -2.26
CA VAL A 38 9.64 7.95 -0.94
C VAL A 38 8.32 8.70 -0.82
N THR A 39 8.29 9.93 -1.32
CA THR A 39 7.09 10.75 -1.26
C THR A 39 6.00 10.20 -2.17
N VAL A 40 6.36 9.85 -3.41
CA VAL A 40 5.41 9.32 -4.37
C VAL A 40 4.71 8.08 -3.82
N VAL A 41 5.50 7.16 -3.28
CA VAL A 41 4.97 5.92 -2.72
C VAL A 41 4.15 6.21 -1.47
N GLU A 42 4.62 7.15 -0.66
CA GLU A 42 3.93 7.52 0.57
C GLU A 42 2.56 8.10 0.27
N ASP A 43 2.48 8.88 -0.81
CA ASP A 43 1.22 9.51 -1.21
C ASP A 43 0.31 8.50 -1.89
N TRP A 44 0.91 7.50 -2.53
CA TRP A 44 0.15 6.47 -3.22
C TRP A 44 -0.81 5.76 -2.26
N MET A 45 -0.28 5.32 -1.13
CA MET A 45 -1.08 4.62 -0.13
C MET A 45 -2.06 5.57 0.54
N ASN A 46 -1.65 6.83 0.70
CA ASN A 46 -2.48 7.83 1.33
C ASN A 46 -3.81 7.98 0.60
N PHE A 47 -3.75 7.99 -0.74
CA PHE A 47 -4.95 8.12 -1.56
C PHE A 47 -5.77 6.84 -1.54
N TYR A 48 -5.08 5.70 -1.42
CA TYR A 48 -5.74 4.41 -1.40
C TYR A 48 -6.63 4.27 -0.15
N ILE A 49 -6.16 4.81 0.96
CA ILE A 49 -6.90 4.75 2.21
C ILE A 49 -8.25 5.46 2.08
N ASN A 50 -8.21 6.72 1.67
CA ASN A 50 -9.42 7.51 1.51
C ASN A 50 -10.33 6.91 0.43
N TYR A 51 -9.71 6.40 -0.63
CA TYR A 51 -10.46 5.79 -1.73
C TYR A 51 -11.00 4.42 -1.33
N TYR A 52 -10.29 3.73 -0.44
CA TYR A 52 -10.69 2.41 0.00
C TYR A 52 -11.92 2.49 0.91
N ARG A 53 -11.88 3.42 1.87
CA ARG A 53 -12.99 3.60 2.81
C ARG A 53 -14.32 3.76 2.06
N GLN A 54 -14.25 4.27 0.84
CA GLN A 54 -15.45 4.48 0.03
C GLN A 54 -16.18 3.17 -0.21
N GLN A 55 -15.44 2.06 -0.15
CA GLN A 55 -16.03 0.74 -0.36
C GLN A 55 -16.07 -0.05 0.95
N VAL A 56 -16.12 0.67 2.07
CA VAL A 56 -16.16 0.04 3.38
C VAL A 56 -17.46 0.37 4.11
N THR A 57 -17.79 -0.41 5.12
CA THR A 57 -18.99 -0.21 5.91
C THR A 57 -18.92 -1.00 7.20
N GLY A 58 -19.47 -0.41 8.24
CA GLY A 58 -19.47 -1.05 9.54
C GLY A 58 -19.59 -0.06 10.68
N GLU A 59 -18.77 -0.24 11.70
CA GLU A 59 -18.78 0.66 12.85
C GLU A 59 -17.59 1.62 12.80
N PRO A 60 -17.70 2.79 13.45
CA PRO A 60 -16.63 3.78 13.47
C PRO A 60 -15.29 3.16 13.85
N GLN A 61 -15.29 2.33 14.89
CA GLN A 61 -14.09 1.66 15.35
C GLN A 61 -13.69 0.53 14.41
N GLU A 62 -14.70 -0.17 13.87
CA GLU A 62 -14.45 -1.27 12.96
C GLU A 62 -13.78 -0.78 11.68
N ARG A 63 -14.37 0.26 11.08
CA ARG A 63 -13.82 0.84 9.86
C ARG A 63 -12.41 1.37 10.11
N ASP A 64 -12.20 1.92 11.30
CA ASP A 64 -10.89 2.47 11.66
C ASP A 64 -9.88 1.36 11.88
N LYS A 65 -10.34 0.24 12.44
CA LYS A 65 -9.47 -0.90 12.70
C LYS A 65 -9.08 -1.61 11.42
N ALA A 66 -10.02 -1.67 10.48
CA ALA A 66 -9.77 -2.33 9.20
C ALA A 66 -8.86 -1.49 8.31
N LEU A 67 -9.12 -0.19 8.28
CA LEU A 67 -8.33 0.72 7.46
C LEU A 67 -6.96 1.00 8.10
N GLN A 68 -6.92 0.91 9.43
CA GLN A 68 -5.67 1.16 10.16
C GLN A 68 -4.61 0.15 9.76
N GLU A 69 -5.01 -1.09 9.53
CA GLU A 69 -4.08 -2.15 9.15
C GLU A 69 -3.64 -1.99 7.71
N LEU A 70 -4.52 -1.43 6.89
CA LEU A 70 -4.22 -1.21 5.48
C LEU A 70 -2.89 -0.46 5.34
N ARG A 71 -2.56 0.34 6.35
CA ARG A 71 -1.33 1.11 6.35
C ARG A 71 -0.12 0.20 6.51
N GLN A 72 -0.23 -0.79 7.40
CA GLN A 72 0.86 -1.73 7.64
C GLN A 72 1.21 -2.50 6.37
N GLU A 73 0.18 -2.93 5.65
CA GLU A 73 0.39 -3.68 4.40
C GLU A 73 1.16 -2.84 3.38
N LEU A 74 0.67 -1.63 3.13
CA LEU A 74 1.31 -0.73 2.17
C LEU A 74 2.65 -0.24 2.71
N ASN A 75 2.73 -0.08 4.04
CA ASN A 75 3.95 0.39 4.67
C ASN A 75 5.11 -0.57 4.42
N THR A 76 4.87 -1.86 4.67
CA THR A 76 5.89 -2.87 4.47
C THR A 76 6.06 -3.21 2.99
N LEU A 77 4.95 -3.21 2.26
CA LEU A 77 5.00 -3.53 0.83
C LEU A 77 6.06 -2.68 0.16
N ALA A 78 6.30 -1.49 0.71
CA ALA A 78 7.30 -0.59 0.20
C ALA A 78 8.72 -1.11 0.50
N ASN A 79 8.86 -1.86 1.59
CA ASN A 79 10.16 -2.40 1.99
C ASN A 79 10.88 -3.08 0.82
N PRO A 80 10.23 -4.07 0.18
CA PRO A 80 10.82 -4.80 -0.96
C PRO A 80 11.02 -3.89 -2.17
N PHE A 81 10.17 -2.87 -2.29
CA PHE A 81 10.26 -1.95 -3.42
C PHE A 81 11.45 -1.01 -3.26
N LEU A 82 11.56 -0.40 -2.09
CA LEU A 82 12.67 0.52 -1.81
C LEU A 82 13.98 -0.23 -1.67
N ALA A 83 13.91 -1.42 -1.08
CA ALA A 83 15.10 -2.25 -0.88
C ALA A 83 15.75 -2.62 -2.22
N LYS A 84 14.92 -2.91 -3.21
CA LYS A 84 15.41 -3.28 -4.53
C LYS A 84 16.00 -2.07 -5.25
N TYR A 85 15.31 -0.93 -5.15
CA TYR A 85 15.77 0.30 -5.78
C TYR A 85 17.13 0.72 -5.23
N ARG A 86 17.22 0.82 -3.91
CA ARG A 86 18.47 1.22 -3.27
C ARG A 86 19.60 0.25 -3.62
N ASP A 87 19.24 -1.01 -3.83
CA ASP A 87 20.22 -2.03 -4.18
C ASP A 87 20.64 -1.92 -5.64
N PHE A 88 19.72 -1.47 -6.48
CA PHE A 88 19.99 -1.31 -7.90
C PHE A 88 20.84 -0.07 -8.16
N LEU A 89 20.48 1.03 -7.51
CA LEU A 89 21.21 2.29 -7.67
C LEU A 89 21.61 2.86 -6.32
N LYS A 90 20.64 3.44 -5.61
CA LYS A 90 20.89 4.04 -4.31
C LYS A 90 19.59 4.55 -3.69
N MET A 1 -4.78 -12.90 16.65
CA MET A 1 -5.40 -12.27 15.45
C MET A 1 -6.85 -12.71 15.29
N ALA A 2 -7.61 -11.94 14.52
CA ALA A 2 -9.02 -12.25 14.29
C ALA A 2 -9.48 -11.69 12.95
N LEU A 3 -9.70 -10.38 12.90
CA LEU A 3 -10.15 -9.72 11.68
C LEU A 3 -11.52 -10.24 11.24
N LEU A 4 -12.30 -9.38 10.61
CA LEU A 4 -13.62 -9.75 10.14
C LEU A 4 -13.59 -10.21 8.69
N LYS A 5 -14.63 -10.92 8.26
CA LYS A 5 -14.71 -11.42 6.89
C LYS A 5 -14.67 -10.27 5.90
N ALA A 6 -15.52 -9.27 6.12
CA ALA A 6 -15.58 -8.11 5.24
C ALA A 6 -14.36 -7.22 5.41
N ASN A 7 -13.93 -7.04 6.65
CA ASN A 7 -12.77 -6.21 6.96
C ASN A 7 -11.50 -6.80 6.33
N LYS A 8 -11.30 -8.10 6.53
CA LYS A 8 -10.13 -8.78 6.00
C LYS A 8 -10.20 -8.86 4.47
N ASP A 9 -11.43 -8.97 3.95
CA ASP A 9 -11.63 -9.06 2.51
C ASP A 9 -11.37 -7.71 1.84
N LEU A 10 -11.61 -6.63 2.57
CA LEU A 10 -11.38 -5.29 2.04
C LEU A 10 -9.90 -5.01 1.85
N ILE A 11 -9.11 -5.34 2.87
CA ILE A 11 -7.67 -5.13 2.81
C ILE A 11 -7.01 -6.09 1.84
N SER A 12 -7.54 -7.30 1.76
CA SER A 12 -6.99 -8.32 0.86
C SER A 12 -7.01 -7.84 -0.58
N ALA A 13 -8.11 -7.20 -0.97
CA ALA A 13 -8.25 -6.68 -2.33
C ALA A 13 -7.16 -5.66 -2.64
N GLY A 14 -6.96 -4.72 -1.70
CA GLY A 14 -5.95 -3.70 -1.88
C GLY A 14 -4.54 -4.27 -1.84
N LEU A 15 -4.34 -5.30 -1.02
CA LEU A 15 -3.03 -5.92 -0.90
C LEU A 15 -2.54 -6.45 -2.24
N LYS A 16 -3.42 -7.14 -2.95
CA LYS A 16 -3.08 -7.70 -4.26
C LYS A 16 -2.89 -6.59 -5.29
N GLU A 17 -3.69 -5.53 -5.17
CA GLU A 17 -3.60 -4.41 -6.10
C GLU A 17 -2.22 -3.78 -6.06
N PHE A 18 -1.68 -3.61 -4.86
CA PHE A 18 -0.36 -3.02 -4.68
C PHE A 18 0.73 -3.99 -5.11
N SER A 19 0.52 -5.28 -4.87
CA SER A 19 1.49 -6.30 -5.23
C SER A 19 1.60 -6.44 -6.75
N VAL A 20 0.44 -6.59 -7.41
CA VAL A 20 0.40 -6.72 -8.85
C VAL A 20 0.96 -5.48 -9.54
N LEU A 21 0.53 -4.31 -9.06
CA LEU A 21 0.97 -3.04 -9.63
C LEU A 21 2.49 -2.93 -9.58
N LEU A 22 3.10 -3.46 -8.52
CA LEU A 22 4.54 -3.41 -8.35
C LEU A 22 5.25 -4.10 -9.51
N ASN A 23 4.64 -5.18 -10.00
CA ASN A 23 5.21 -5.93 -11.13
C ASN A 23 5.35 -5.05 -12.36
N GLN A 24 4.48 -4.05 -12.47
CA GLN A 24 4.50 -3.13 -13.61
C GLN A 24 5.82 -2.37 -13.68
N GLN A 25 6.51 -2.27 -12.54
CA GLN A 25 7.78 -1.57 -12.47
C GLN A 25 8.77 -2.12 -13.50
N VAL A 26 9.98 -1.58 -13.51
CA VAL A 26 11.01 -2.02 -14.44
C VAL A 26 12.36 -2.18 -13.74
N PHE A 27 12.82 -1.10 -13.10
CA PHE A 27 14.09 -1.12 -12.40
C PHE A 27 15.26 -1.27 -13.37
N ASN A 28 15.58 -0.18 -14.06
CA ASN A 28 16.67 -0.18 -15.03
C ASN A 28 16.88 1.21 -15.64
N ASP A 29 15.79 1.91 -15.87
CA ASP A 29 15.86 3.25 -16.44
C ASP A 29 15.12 4.26 -15.60
N PRO A 30 15.36 4.27 -14.28
CA PRO A 30 14.72 5.24 -13.43
C PRO A 30 15.46 6.57 -13.52
N LEU A 31 14.75 7.58 -13.94
CA LEU A 31 15.30 8.92 -14.08
C LEU A 31 15.06 9.74 -12.82
N VAL A 32 13.97 9.46 -12.12
CA VAL A 32 13.62 10.16 -10.90
C VAL A 32 14.61 9.84 -9.78
N SER A 33 14.69 10.71 -8.79
CA SER A 33 15.59 10.51 -7.66
C SER A 33 14.97 9.58 -6.62
N GLU A 34 15.77 9.15 -5.66
CA GLU A 34 15.29 8.26 -4.61
C GLU A 34 14.32 8.99 -3.68
N GLU A 35 14.69 10.20 -3.26
CA GLU A 35 13.85 10.99 -2.38
C GLU A 35 12.49 11.27 -3.03
N ASP A 36 12.52 11.73 -4.27
CA ASP A 36 11.30 12.04 -5.00
C ASP A 36 10.42 10.81 -5.15
N MET A 37 11.06 9.65 -5.14
CA MET A 37 10.35 8.38 -5.27
C MET A 37 9.64 8.01 -3.98
N VAL A 38 10.24 8.40 -2.85
CA VAL A 38 9.66 8.10 -1.54
C VAL A 38 8.30 8.80 -1.38
N THR A 39 8.23 10.07 -1.76
CA THR A 39 7.00 10.84 -1.65
C THR A 39 5.91 10.21 -2.50
N VAL A 40 6.30 9.60 -3.61
CA VAL A 40 5.35 8.96 -4.51
C VAL A 40 4.63 7.81 -3.83
N VAL A 41 5.38 6.99 -3.10
CA VAL A 41 4.82 5.85 -2.40
C VAL A 41 3.85 6.30 -1.32
N GLU A 42 4.20 7.37 -0.62
CA GLU A 42 3.35 7.91 0.44
C GLU A 42 2.05 8.45 -0.13
N ASP A 43 2.13 9.12 -1.27
CA ASP A 43 0.96 9.69 -1.92
C ASP A 43 0.16 8.61 -2.63
N TRP A 44 0.86 7.63 -3.19
CA TRP A 44 0.21 6.53 -3.90
C TRP A 44 -0.72 5.75 -2.97
N MET A 45 -0.22 5.37 -1.80
CA MET A 45 -1.00 4.63 -0.83
C MET A 45 -2.09 5.52 -0.22
N ASN A 46 -1.75 6.79 -0.01
CA ASN A 46 -2.70 7.73 0.56
C ASN A 46 -3.94 7.86 -0.31
N PHE A 47 -3.77 7.70 -1.61
CA PHE A 47 -4.88 7.80 -2.55
C PHE A 47 -5.78 6.57 -2.45
N TYR A 48 -5.17 5.41 -2.23
CA TYR A 48 -5.91 4.16 -2.12
C TYR A 48 -6.75 4.14 -0.84
N ILE A 49 -6.23 4.74 0.22
CA ILE A 49 -6.92 4.79 1.50
C ILE A 49 -8.17 5.67 1.39
N ASN A 50 -8.06 6.78 0.68
CA ASN A 50 -9.18 7.69 0.51
C ASN A 50 -10.29 7.05 -0.32
N TYR A 51 -9.90 6.17 -1.24
CA TYR A 51 -10.86 5.49 -2.09
C TYR A 51 -11.61 4.40 -1.32
N TYR A 52 -10.86 3.56 -0.62
CA TYR A 52 -11.45 2.48 0.16
C TYR A 52 -12.38 3.04 1.24
N ARG A 53 -11.93 4.10 1.91
CA ARG A 53 -12.71 4.73 2.96
C ARG A 53 -14.07 5.20 2.43
N GLN A 54 -14.15 5.39 1.12
CA GLN A 54 -15.39 5.84 0.50
C GLN A 54 -16.30 4.67 0.15
N GLN A 55 -15.89 3.46 0.53
CA GLN A 55 -16.68 2.27 0.25
C GLN A 55 -16.54 1.26 1.39
N VAL A 56 -16.66 1.75 2.62
CA VAL A 56 -16.56 0.89 3.80
C VAL A 56 -17.94 0.52 4.33
N THR A 57 -17.97 -0.35 5.33
CA THR A 57 -19.22 -0.78 5.94
C THR A 57 -18.95 -1.50 7.26
N GLY A 58 -19.84 -1.30 8.20
CA GLY A 58 -19.70 -1.92 9.51
C GLY A 58 -19.98 -0.95 10.63
N GLU A 59 -19.06 -0.88 11.57
CA GLU A 59 -19.20 0.01 12.72
C GLU A 59 -18.08 1.06 12.71
N PRO A 60 -18.25 2.16 13.46
CA PRO A 60 -17.25 3.23 13.54
C PRO A 60 -15.85 2.70 13.83
N GLN A 61 -15.73 1.90 14.88
CA GLN A 61 -14.43 1.32 15.26
C GLN A 61 -14.04 0.18 14.33
N GLU A 62 -15.04 -0.54 13.81
CA GLU A 62 -14.80 -1.66 12.92
C GLU A 62 -14.15 -1.17 11.62
N ARG A 63 -14.75 -0.17 10.99
CA ARG A 63 -14.23 0.38 9.76
C ARG A 63 -12.83 0.94 9.97
N ASP A 64 -12.59 1.49 11.15
CA ASP A 64 -11.29 2.07 11.49
C ASP A 64 -10.25 0.96 11.69
N LYS A 65 -10.70 -0.15 12.25
CA LYS A 65 -9.81 -1.29 12.51
C LYS A 65 -9.22 -1.83 11.21
N ALA A 66 -10.06 -1.96 10.19
CA ALA A 66 -9.62 -2.46 8.89
C ALA A 66 -8.80 -1.41 8.15
N LEU A 67 -9.15 -0.15 8.35
CA LEU A 67 -8.45 0.95 7.70
C LEU A 67 -7.10 1.21 8.35
N GLN A 68 -7.03 0.96 9.66
CA GLN A 68 -5.80 1.17 10.42
C GLN A 68 -4.74 0.15 10.03
N GLU A 69 -5.17 -1.09 9.78
CA GLU A 69 -4.25 -2.15 9.39
C GLU A 69 -3.78 -1.98 7.96
N LEU A 70 -4.63 -1.40 7.13
CA LEU A 70 -4.30 -1.17 5.73
C LEU A 70 -2.95 -0.45 5.63
N ARG A 71 -2.64 0.34 6.65
CA ARG A 71 -1.38 1.09 6.68
C ARG A 71 -0.19 0.16 6.85
N GLN A 72 -0.36 -0.87 7.68
CA GLN A 72 0.71 -1.83 7.94
C GLN A 72 1.10 -2.55 6.65
N GLU A 73 0.11 -3.02 5.90
CA GLU A 73 0.35 -3.72 4.65
C GLU A 73 1.11 -2.83 3.66
N LEU A 74 0.61 -1.62 3.46
CA LEU A 74 1.24 -0.68 2.55
C LEU A 74 2.58 -0.20 3.09
N ASN A 75 2.68 -0.09 4.41
CA ASN A 75 3.91 0.36 5.06
C ASN A 75 5.08 -0.55 4.69
N THR A 76 4.89 -1.86 4.85
CA THR A 76 5.93 -2.83 4.54
C THR A 76 6.06 -3.02 3.05
N LEU A 77 4.94 -3.01 2.33
CA LEU A 77 4.96 -3.20 0.88
C LEU A 77 5.99 -2.27 0.26
N ALA A 78 6.21 -1.14 0.90
CA ALA A 78 7.18 -0.16 0.45
C ALA A 78 8.60 -0.65 0.67
N ASN A 79 8.81 -1.50 1.69
CA ASN A 79 10.15 -2.00 2.00
C ASN A 79 10.79 -2.70 0.80
N PRO A 80 10.12 -3.71 0.22
CA PRO A 80 10.65 -4.44 -0.94
C PRO A 80 11.07 -3.50 -2.07
N PHE A 81 10.19 -2.56 -2.40
CA PHE A 81 10.47 -1.61 -3.46
C PHE A 81 11.71 -0.78 -3.16
N LEU A 82 11.76 -0.22 -1.96
CA LEU A 82 12.90 0.60 -1.54
C LEU A 82 14.15 -0.26 -1.40
N ALA A 83 13.98 -1.48 -0.91
CA ALA A 83 15.10 -2.39 -0.73
C ALA A 83 15.68 -2.82 -2.09
N LYS A 84 14.80 -3.02 -3.06
CA LYS A 84 15.22 -3.44 -4.40
C LYS A 84 16.08 -2.36 -5.06
N TYR A 85 15.54 -1.15 -5.15
CA TYR A 85 16.25 -0.04 -5.77
C TYR A 85 17.52 0.28 -5.00
N ARG A 86 17.43 0.26 -3.67
CA ARG A 86 18.57 0.54 -2.82
C ARG A 86 19.70 -0.45 -3.07
N ASP A 87 19.34 -1.66 -3.45
CA ASP A 87 20.33 -2.71 -3.72
C ASP A 87 20.95 -2.52 -5.10
N PHE A 88 20.14 -2.07 -6.05
CA PHE A 88 20.61 -1.84 -7.42
C PHE A 88 21.38 -0.53 -7.51
N LEU A 89 20.73 0.56 -7.11
CA LEU A 89 21.37 1.87 -7.15
C LEU A 89 21.24 2.58 -5.80
N LYS A 90 21.90 3.72 -5.67
CA LYS A 90 21.87 4.50 -4.43
C LYS A 90 20.44 4.92 -4.10
N MET A 1 -4.69 -12.70 16.33
CA MET A 1 -5.30 -12.12 15.10
C MET A 1 -6.76 -12.55 14.97
N ALA A 2 -7.54 -11.75 14.25
CA ALA A 2 -8.96 -12.05 14.05
C ALA A 2 -9.44 -11.47 12.73
N LEU A 3 -9.66 -10.15 12.71
CA LEU A 3 -10.14 -9.47 11.52
C LEU A 3 -11.51 -9.98 11.10
N LEU A 4 -12.30 -9.12 10.48
CA LEU A 4 -13.64 -9.48 10.03
C LEU A 4 -13.62 -9.99 8.60
N LYS A 5 -14.65 -10.72 8.21
CA LYS A 5 -14.75 -11.26 6.87
C LYS A 5 -14.79 -10.14 5.82
N ALA A 6 -15.68 -9.17 6.03
CA ALA A 6 -15.82 -8.05 5.12
C ALA A 6 -14.64 -7.10 5.24
N ASN A 7 -14.12 -6.96 6.46
CA ASN A 7 -12.98 -6.08 6.71
C ASN A 7 -11.71 -6.64 6.10
N LYS A 8 -11.44 -7.92 6.35
CA LYS A 8 -10.26 -8.58 5.82
C LYS A 8 -10.32 -8.66 4.30
N ASP A 9 -11.53 -8.77 3.76
CA ASP A 9 -11.72 -8.86 2.32
C ASP A 9 -11.43 -7.52 1.65
N LEU A 10 -11.68 -6.43 2.38
CA LEU A 10 -11.44 -5.10 1.86
C LEU A 10 -9.96 -4.83 1.68
N ILE A 11 -9.18 -5.18 2.71
CA ILE A 11 -7.73 -4.99 2.66
C ILE A 11 -7.07 -5.95 1.68
N SER A 12 -7.62 -7.16 1.58
CA SER A 12 -7.09 -8.16 0.67
C SER A 12 -7.08 -7.64 -0.78
N ALA A 13 -8.17 -6.98 -1.16
CA ALA A 13 -8.28 -6.44 -2.51
C ALA A 13 -7.18 -5.42 -2.79
N GLY A 14 -6.96 -4.52 -1.84
CA GLY A 14 -5.94 -3.51 -1.98
C GLY A 14 -4.54 -4.10 -1.95
N LEU A 15 -4.37 -5.15 -1.14
CA LEU A 15 -3.07 -5.80 -1.01
C LEU A 15 -2.58 -6.31 -2.37
N LYS A 16 -3.47 -6.97 -3.10
CA LYS A 16 -3.13 -7.50 -4.41
C LYS A 16 -2.92 -6.39 -5.42
N GLU A 17 -3.68 -5.31 -5.28
CA GLU A 17 -3.57 -4.17 -6.18
C GLU A 17 -2.16 -3.57 -6.13
N PHE A 18 -1.56 -3.60 -4.94
CA PHE A 18 -0.21 -3.07 -4.76
C PHE A 18 0.83 -3.98 -5.40
N SER A 19 0.69 -5.28 -5.17
CA SER A 19 1.62 -6.26 -5.73
C SER A 19 1.61 -6.20 -7.26
N VAL A 20 0.42 -6.26 -7.84
CA VAL A 20 0.29 -6.22 -9.29
C VAL A 20 0.80 -4.90 -9.85
N LEU A 21 0.39 -3.80 -9.22
CA LEU A 21 0.79 -2.47 -9.64
C LEU A 21 2.31 -2.32 -9.58
N LEU A 22 2.93 -2.95 -8.59
CA LEU A 22 4.38 -2.90 -8.43
C LEU A 22 5.08 -3.75 -9.49
N ASN A 23 4.46 -4.88 -9.83
CA ASN A 23 5.02 -5.79 -10.82
C ASN A 23 5.04 -5.13 -12.21
N GLN A 24 4.07 -4.25 -12.46
CA GLN A 24 3.99 -3.56 -13.73
C GLN A 24 5.22 -2.68 -13.97
N GLN A 25 5.65 -2.00 -12.91
CA GLN A 25 6.82 -1.12 -13.00
C GLN A 25 8.11 -1.94 -12.96
N VAL A 26 9.15 -1.42 -13.60
CA VAL A 26 10.44 -2.09 -13.63
C VAL A 26 11.58 -1.12 -13.34
N PHE A 27 12.66 -1.64 -12.76
CA PHE A 27 13.82 -0.82 -12.43
C PHE A 27 14.97 -1.10 -13.39
N ASN A 28 15.47 -0.04 -14.02
CA ASN A 28 16.57 -0.16 -14.97
C ASN A 28 16.99 1.21 -15.50
N ASP A 29 16.01 2.07 -15.75
CA ASP A 29 16.27 3.40 -16.27
C ASP A 29 15.63 4.47 -15.43
N PRO A 30 15.82 4.42 -14.10
CA PRO A 30 15.28 5.43 -13.24
C PRO A 30 16.17 6.66 -13.27
N LEU A 31 15.60 7.76 -13.67
CA LEU A 31 16.30 9.03 -13.76
C LEU A 31 16.01 9.90 -12.54
N VAL A 32 14.81 9.76 -12.00
CA VAL A 32 14.40 10.53 -10.83
C VAL A 32 15.19 10.12 -9.59
N SER A 33 15.34 11.04 -8.65
CA SER A 33 16.07 10.78 -7.42
C SER A 33 15.35 9.73 -6.57
N GLU A 34 16.07 9.16 -5.62
CA GLU A 34 15.50 8.16 -4.73
C GLU A 34 14.46 8.77 -3.79
N GLU A 35 14.68 10.03 -3.44
CA GLU A 35 13.77 10.74 -2.54
C GLU A 35 12.36 10.81 -3.14
N ASP A 36 12.30 10.92 -4.46
CA ASP A 36 11.02 11.00 -5.16
C ASP A 36 10.24 9.69 -5.02
N MET A 37 10.97 8.62 -4.84
CA MET A 37 10.37 7.29 -4.69
C MET A 37 9.64 7.17 -3.36
N VAL A 38 10.14 7.87 -2.35
CA VAL A 38 9.53 7.84 -1.02
C VAL A 38 8.22 8.63 -1.00
N THR A 39 8.23 9.80 -1.62
CA THR A 39 7.05 10.65 -1.65
C THR A 39 5.95 10.04 -2.51
N VAL A 40 6.31 9.59 -3.71
CA VAL A 40 5.36 8.99 -4.63
C VAL A 40 4.63 7.81 -3.98
N VAL A 41 5.39 6.93 -3.36
CA VAL A 41 4.83 5.76 -2.70
C VAL A 41 4.01 6.16 -1.47
N GLU A 42 4.45 7.22 -0.80
CA GLU A 42 3.76 7.71 0.39
C GLU A 42 2.42 8.34 0.02
N ASP A 43 2.40 9.07 -1.08
CA ASP A 43 1.18 9.72 -1.55
C ASP A 43 0.28 8.74 -2.29
N TRP A 44 0.90 7.75 -2.92
CA TRP A 44 0.15 6.74 -3.67
C TRP A 44 -0.83 6.01 -2.76
N MET A 45 -0.40 5.69 -1.55
CA MET A 45 -1.24 4.99 -0.59
C MET A 45 -2.36 5.89 -0.10
N ASN A 46 -2.06 7.18 0.05
CA ASN A 46 -3.05 8.15 0.52
C ASN A 46 -4.25 8.20 -0.42
N PHE A 47 -3.99 8.00 -1.71
CA PHE A 47 -5.05 8.02 -2.72
C PHE A 47 -5.92 6.77 -2.62
N TYR A 48 -5.27 5.62 -2.43
CA TYR A 48 -5.99 4.35 -2.31
C TYR A 48 -6.83 4.31 -1.04
N ILE A 49 -6.25 4.77 0.06
CA ILE A 49 -6.95 4.79 1.34
C ILE A 49 -8.16 5.73 1.29
N ASN A 50 -8.04 6.81 0.53
CA ASN A 50 -9.12 7.78 0.40
C ASN A 50 -10.32 7.17 -0.31
N TYR A 51 -10.05 6.34 -1.31
CA TYR A 51 -11.11 5.69 -2.08
C TYR A 51 -11.74 4.55 -1.27
N TYR A 52 -10.90 3.75 -0.63
CA TYR A 52 -11.39 2.63 0.17
C TYR A 52 -12.29 3.12 1.30
N ARG A 53 -11.89 4.22 1.93
CA ARG A 53 -12.66 4.79 3.03
C ARG A 53 -14.07 5.16 2.57
N GLN A 54 -14.23 5.43 1.28
CA GLN A 54 -15.52 5.78 0.72
C GLN A 54 -16.31 4.55 0.29
N GLN A 55 -15.80 3.36 0.63
CA GLN A 55 -16.46 2.12 0.27
C GLN A 55 -16.36 1.10 1.41
N VAL A 56 -16.56 1.57 2.64
CA VAL A 56 -16.50 0.71 3.81
C VAL A 56 -17.88 0.51 4.41
N THR A 57 -17.96 -0.35 5.43
CA THR A 57 -19.21 -0.63 6.11
C THR A 57 -18.96 -1.38 7.40
N GLY A 58 -19.77 -1.09 8.39
CA GLY A 58 -19.64 -1.73 9.68
C GLY A 58 -19.85 -0.76 10.82
N GLU A 59 -18.93 -0.77 11.77
CA GLU A 59 -19.00 0.11 12.93
C GLU A 59 -17.83 1.10 12.92
N PRO A 60 -17.96 2.21 13.68
CA PRO A 60 -16.91 3.23 13.76
C PRO A 60 -15.53 2.63 14.01
N GLN A 61 -15.43 1.82 15.05
CA GLN A 61 -14.16 1.18 15.40
C GLN A 61 -13.83 0.04 14.44
N GLU A 62 -14.86 -0.63 13.93
CA GLU A 62 -14.66 -1.74 13.01
C GLU A 62 -14.03 -1.26 11.72
N ARG A 63 -14.62 -0.21 11.12
CA ARG A 63 -14.11 0.35 9.88
C ARG A 63 -12.69 0.85 10.07
N ASP A 64 -12.41 1.39 11.26
CA ASP A 64 -11.08 1.91 11.57
C ASP A 64 -10.08 0.78 11.73
N LYS A 65 -10.54 -0.35 12.27
CA LYS A 65 -9.69 -1.51 12.48
C LYS A 65 -9.08 -1.99 11.17
N ALA A 66 -9.93 -2.10 10.14
CA ALA A 66 -9.47 -2.57 8.83
C ALA A 66 -8.67 -1.48 8.12
N LEU A 67 -9.02 -0.22 8.39
CA LEU A 67 -8.33 0.90 7.76
C LEU A 67 -6.97 1.13 8.42
N GLN A 68 -6.88 0.84 9.71
CA GLN A 68 -5.64 1.01 10.45
C GLN A 68 -4.58 0.01 10.01
N GLU A 69 -5.02 -1.21 9.70
CA GLU A 69 -4.12 -2.27 9.27
C GLU A 69 -3.66 -2.03 7.84
N LEU A 70 -4.52 -1.40 7.04
CA LEU A 70 -4.19 -1.11 5.65
C LEU A 70 -2.84 -0.40 5.56
N ARG A 71 -2.51 0.34 6.62
CA ARG A 71 -1.25 1.08 6.68
C ARG A 71 -0.07 0.12 6.79
N GLN A 72 -0.21 -0.90 7.63
CA GLN A 72 0.85 -1.87 7.83
C GLN A 72 1.18 -2.60 6.54
N GLU A 73 0.15 -2.93 5.77
CA GLU A 73 0.34 -3.63 4.50
C GLU A 73 1.15 -2.78 3.53
N LEU A 74 0.71 -1.54 3.33
CA LEU A 74 1.40 -0.63 2.42
C LEU A 74 2.75 -0.21 2.99
N ASN A 75 2.82 -0.08 4.31
CA ASN A 75 4.05 0.31 4.98
C ASN A 75 5.17 -0.69 4.69
N THR A 76 4.88 -1.96 4.90
CA THR A 76 5.86 -3.02 4.66
C THR A 76 6.02 -3.30 3.18
N LEU A 77 4.93 -3.24 2.44
CA LEU A 77 4.99 -3.50 0.99
C LEU A 77 6.09 -2.68 0.36
N ALA A 78 6.37 -1.53 0.96
CA ALA A 78 7.42 -0.65 0.49
C ALA A 78 8.80 -1.24 0.79
N ASN A 79 8.90 -2.04 1.85
CA ASN A 79 10.17 -2.65 2.24
C ASN A 79 10.86 -3.34 1.06
N PRO A 80 10.18 -4.27 0.38
CA PRO A 80 10.74 -4.99 -0.76
C PRO A 80 11.01 -4.08 -1.96
N PHE A 81 10.03 -3.24 -2.27
CA PHE A 81 10.14 -2.31 -3.39
C PHE A 81 11.31 -1.36 -3.18
N LEU A 82 11.36 -0.72 -2.01
CA LEU A 82 12.44 0.22 -1.69
C LEU A 82 13.78 -0.50 -1.57
N ALA A 83 13.76 -1.66 -0.91
CA ALA A 83 14.98 -2.43 -0.73
C ALA A 83 15.59 -2.83 -2.07
N LYS A 84 14.75 -3.29 -2.98
CA LYS A 84 15.20 -3.71 -4.30
C LYS A 84 15.77 -2.52 -5.08
N TYR A 85 15.10 -1.38 -4.98
CA TYR A 85 15.54 -0.17 -5.67
C TYR A 85 16.81 0.37 -5.04
N ARG A 86 16.85 0.42 -3.72
CA ARG A 86 18.02 0.91 -2.99
C ARG A 86 19.25 0.09 -3.32
N ASP A 87 19.05 -1.19 -3.60
CA ASP A 87 20.15 -2.09 -3.93
C ASP A 87 20.67 -1.83 -5.34
N PHE A 88 19.77 -1.41 -6.22
CA PHE A 88 20.14 -1.14 -7.61
C PHE A 88 20.84 0.21 -7.72
N LEU A 89 20.26 1.24 -7.11
CA LEU A 89 20.84 2.58 -7.13
C LEU A 89 21.14 3.08 -5.73
N LYS A 90 20.10 3.54 -5.04
CA LYS A 90 20.26 4.05 -3.68
C LYS A 90 18.90 4.41 -3.07
N MET A 1 -5.19 -12.89 16.15
CA MET A 1 -5.56 -12.25 14.86
C MET A 1 -6.98 -12.63 14.43
N ALA A 2 -7.93 -11.74 14.71
CA ALA A 2 -9.33 -11.98 14.35
C ALA A 2 -9.60 -11.59 12.91
N LEU A 3 -9.69 -10.29 12.66
CA LEU A 3 -9.95 -9.79 11.32
C LEU A 3 -11.29 -10.31 10.79
N LEU A 4 -12.26 -9.41 10.68
CA LEU A 4 -13.59 -9.76 10.18
C LEU A 4 -13.53 -10.17 8.72
N LYS A 5 -14.56 -10.87 8.26
CA LYS A 5 -14.63 -11.32 6.87
C LYS A 5 -14.63 -10.14 5.92
N ALA A 6 -15.49 -9.16 6.19
CA ALA A 6 -15.59 -7.97 5.35
C ALA A 6 -14.38 -7.06 5.54
N ASN A 7 -13.98 -6.88 6.80
CA ASN A 7 -12.83 -6.04 7.12
C ASN A 7 -11.56 -6.57 6.46
N LYS A 8 -11.33 -7.86 6.62
CA LYS A 8 -10.14 -8.50 6.04
C LYS A 8 -10.25 -8.57 4.51
N ASP A 9 -11.48 -8.70 4.01
CA ASP A 9 -11.72 -8.77 2.59
C ASP A 9 -11.40 -7.45 1.91
N LEU A 10 -11.61 -6.36 2.63
CA LEU A 10 -11.34 -5.03 2.10
C LEU A 10 -9.84 -4.80 1.93
N ILE A 11 -9.07 -5.16 2.96
CA ILE A 11 -7.63 -5.00 2.93
C ILE A 11 -6.98 -5.98 1.95
N SER A 12 -7.56 -7.18 1.87
CA SER A 12 -7.04 -8.21 0.98
C SER A 12 -7.02 -7.72 -0.47
N ALA A 13 -8.07 -7.04 -0.87
CA ALA A 13 -8.16 -6.51 -2.23
C ALA A 13 -7.03 -5.54 -2.51
N GLY A 14 -6.79 -4.62 -1.57
CA GLY A 14 -5.73 -3.64 -1.74
C GLY A 14 -4.35 -4.27 -1.68
N LEU A 15 -4.22 -5.31 -0.85
CA LEU A 15 -2.94 -6.00 -0.70
C LEU A 15 -2.44 -6.53 -2.04
N LYS A 16 -3.35 -7.17 -2.79
CA LYS A 16 -3.01 -7.73 -4.09
C LYS A 16 -2.74 -6.63 -5.11
N GLU A 17 -3.43 -5.51 -4.95
CA GLU A 17 -3.28 -4.37 -5.85
C GLU A 17 -1.84 -3.86 -5.82
N PHE A 18 -1.25 -3.84 -4.64
CA PHE A 18 0.12 -3.36 -4.47
C PHE A 18 1.11 -4.37 -5.04
N SER A 19 0.80 -5.65 -4.89
CA SER A 19 1.66 -6.72 -5.38
C SER A 19 1.80 -6.65 -6.90
N VAL A 20 0.66 -6.59 -7.59
CA VAL A 20 0.66 -6.52 -9.05
C VAL A 20 1.25 -5.21 -9.53
N LEU A 21 0.84 -4.12 -8.91
CA LEU A 21 1.32 -2.79 -9.29
C LEU A 21 2.85 -2.72 -9.16
N LEU A 22 3.39 -3.40 -8.16
CA LEU A 22 4.83 -3.42 -7.93
C LEU A 22 5.55 -4.11 -9.08
N ASN A 23 4.91 -5.14 -9.64
CA ASN A 23 5.51 -5.89 -10.75
C ASN A 23 5.59 -5.04 -12.00
N GLN A 24 4.69 -4.08 -12.12
CA GLN A 24 4.67 -3.18 -13.28
C GLN A 24 5.95 -2.36 -13.36
N GLN A 25 6.60 -2.16 -12.22
CA GLN A 25 7.84 -1.40 -12.16
C GLN A 25 8.89 -1.98 -13.10
N VAL A 26 9.78 -1.12 -13.58
CA VAL A 26 10.83 -1.56 -14.50
C VAL A 26 12.20 -1.50 -13.82
N PHE A 27 12.43 -0.45 -13.04
CA PHE A 27 13.70 -0.27 -12.33
C PHE A 27 14.89 -0.60 -13.22
N ASN A 28 15.38 0.41 -13.94
CA ASN A 28 16.52 0.22 -14.83
C ASN A 28 16.94 1.55 -15.46
N ASP A 29 15.97 2.38 -15.80
CA ASP A 29 16.23 3.67 -16.41
C ASP A 29 15.58 4.81 -15.66
N PRO A 30 15.74 4.83 -14.33
CA PRO A 30 15.18 5.91 -13.55
C PRO A 30 16.10 7.13 -13.65
N LEU A 31 15.54 8.21 -14.14
CA LEU A 31 16.28 9.46 -14.29
C LEU A 31 16.09 10.35 -13.07
N VAL A 32 14.91 10.25 -12.45
CA VAL A 32 14.61 11.05 -11.27
C VAL A 32 15.34 10.52 -10.04
N SER A 33 15.52 11.38 -9.04
CA SER A 33 16.20 11.00 -7.81
C SER A 33 15.44 9.90 -7.09
N GLU A 34 16.13 9.23 -6.16
CA GLU A 34 15.51 8.16 -5.39
C GLU A 34 14.44 8.70 -4.44
N GLU A 35 14.63 9.94 -3.99
CA GLU A 35 13.68 10.57 -3.08
C GLU A 35 12.29 10.63 -3.70
N ASP A 36 12.23 10.82 -5.01
CA ASP A 36 10.96 10.88 -5.71
C ASP A 36 10.18 9.58 -5.57
N MET A 37 10.91 8.51 -5.37
CA MET A 37 10.30 7.18 -5.20
C MET A 37 9.62 7.05 -3.85
N VAL A 38 10.16 7.76 -2.85
CA VAL A 38 9.60 7.71 -1.51
C VAL A 38 8.30 8.52 -1.42
N THR A 39 8.28 9.68 -2.07
CA THR A 39 7.11 10.54 -2.06
C THR A 39 5.96 9.92 -2.87
N VAL A 40 6.27 9.45 -4.07
CA VAL A 40 5.26 8.83 -4.93
C VAL A 40 4.58 7.66 -4.23
N VAL A 41 5.37 6.79 -3.63
CA VAL A 41 4.85 5.63 -2.92
C VAL A 41 4.10 6.04 -1.67
N GLU A 42 4.55 7.11 -1.03
CA GLU A 42 3.93 7.62 0.18
C GLU A 42 2.58 8.25 -0.14
N ASP A 43 2.52 8.97 -1.25
CA ASP A 43 1.29 9.64 -1.66
C ASP A 43 0.34 8.66 -2.33
N TRP A 44 0.90 7.63 -2.97
CA TRP A 44 0.09 6.61 -3.64
C TRP A 44 -0.87 5.93 -2.67
N MET A 45 -0.35 5.57 -1.50
CA MET A 45 -1.16 4.92 -0.48
C MET A 45 -2.26 5.84 0.02
N ASN A 46 -1.98 7.14 0.05
CA ASN A 46 -2.95 8.13 0.51
C ASN A 46 -4.21 8.09 -0.36
N PHE A 47 -4.01 7.93 -1.66
CA PHE A 47 -5.14 7.89 -2.60
C PHE A 47 -5.91 6.57 -2.45
N TYR A 48 -5.18 5.49 -2.21
CA TYR A 48 -5.80 4.18 -2.05
C TYR A 48 -6.68 4.14 -0.81
N ILE A 49 -6.18 4.71 0.28
CA ILE A 49 -6.93 4.74 1.53
C ILE A 49 -8.19 5.58 1.40
N ASN A 50 -8.07 6.72 0.71
CA ASN A 50 -9.21 7.61 0.51
C ASN A 50 -10.30 6.93 -0.32
N TYR A 51 -9.88 6.03 -1.21
CA TYR A 51 -10.82 5.31 -2.07
C TYR A 51 -11.58 4.26 -1.27
N TYR A 52 -10.84 3.40 -0.57
CA TYR A 52 -11.44 2.34 0.23
C TYR A 52 -12.35 2.93 1.31
N ARG A 53 -11.87 3.98 1.97
CA ARG A 53 -12.64 4.64 3.02
C ARG A 53 -13.98 5.13 2.50
N GLN A 54 -14.06 5.34 1.19
CA GLN A 54 -15.30 5.81 0.57
C GLN A 54 -16.24 4.64 0.23
N GLN A 55 -15.84 3.43 0.61
CA GLN A 55 -16.65 2.24 0.36
C GLN A 55 -16.50 1.23 1.47
N VAL A 56 -16.60 1.70 2.71
CA VAL A 56 -16.46 0.82 3.88
C VAL A 56 -17.83 0.38 4.38
N THR A 57 -17.83 -0.50 5.39
CA THR A 57 -19.07 -0.99 5.97
C THR A 57 -18.78 -1.71 7.29
N GLY A 58 -19.69 -1.56 8.22
CA GLY A 58 -19.54 -2.17 9.52
C GLY A 58 -19.89 -1.23 10.65
N GLU A 59 -18.99 -1.12 11.61
CA GLU A 59 -19.19 -0.25 12.76
C GLU A 59 -18.13 0.86 12.78
N PRO A 60 -18.38 1.94 13.53
CA PRO A 60 -17.45 3.07 13.63
C PRO A 60 -16.03 2.61 13.95
N GLN A 61 -15.89 1.82 14.99
CA GLN A 61 -14.58 1.31 15.40
C GLN A 61 -14.10 0.20 14.47
N GLU A 62 -15.04 -0.57 13.94
CA GLU A 62 -14.71 -1.66 13.03
C GLU A 62 -14.08 -1.14 11.75
N ARG A 63 -14.73 -0.17 11.13
CA ARG A 63 -14.23 0.42 9.90
C ARG A 63 -12.87 1.06 10.14
N ASP A 64 -12.69 1.64 11.32
CA ASP A 64 -11.43 2.29 11.68
C ASP A 64 -10.33 1.25 11.90
N LYS A 65 -10.71 0.10 12.45
CA LYS A 65 -9.75 -0.97 12.71
C LYS A 65 -9.23 -1.57 11.42
N ALA A 66 -10.12 -1.72 10.43
CA ALA A 66 -9.72 -2.29 9.15
C ALA A 66 -8.92 -1.29 8.32
N LEU A 67 -9.26 -0.01 8.46
CA LEU A 67 -8.56 1.05 7.73
C LEU A 67 -7.20 1.33 8.35
N GLN A 68 -7.09 1.15 9.66
CA GLN A 68 -5.85 1.39 10.38
C GLN A 68 -4.79 0.36 9.99
N GLU A 69 -5.22 -0.89 9.80
CA GLU A 69 -4.31 -1.96 9.43
C GLU A 69 -3.88 -1.84 7.97
N LEU A 70 -4.76 -1.28 7.15
CA LEU A 70 -4.46 -1.09 5.74
C LEU A 70 -3.12 -0.38 5.58
N ARG A 71 -2.78 0.44 6.56
CA ARG A 71 -1.52 1.19 6.54
C ARG A 71 -0.33 0.26 6.70
N GLN A 72 -0.46 -0.73 7.58
CA GLN A 72 0.60 -1.69 7.83
C GLN A 72 0.95 -2.46 6.57
N GLU A 73 -0.07 -2.92 5.85
CA GLU A 73 0.13 -3.68 4.62
C GLU A 73 0.89 -2.85 3.60
N LEU A 74 0.40 -1.63 3.35
CA LEU A 74 1.04 -0.73 2.39
C LEU A 74 2.38 -0.25 2.90
N ASN A 75 2.48 -0.03 4.21
CA ASN A 75 3.71 0.44 4.82
C ASN A 75 4.85 -0.56 4.58
N THR A 76 4.60 -1.83 4.88
CA THR A 76 5.60 -2.86 4.69
C THR A 76 5.79 -3.18 3.21
N LEU A 77 4.72 -3.15 2.44
CA LEU A 77 4.81 -3.45 1.02
C LEU A 77 5.92 -2.62 0.39
N ALA A 78 6.17 -1.45 0.97
CA ALA A 78 7.22 -0.57 0.50
C ALA A 78 8.61 -1.14 0.82
N ASN A 79 8.71 -1.93 1.90
CA ASN A 79 10.00 -2.50 2.30
C ASN A 79 10.69 -3.20 1.13
N PRO A 80 10.01 -4.17 0.48
CA PRO A 80 10.59 -4.92 -0.64
C PRO A 80 10.82 -4.02 -1.86
N PHE A 81 9.92 -3.06 -2.06
CA PHE A 81 10.03 -2.15 -3.19
C PHE A 81 11.23 -1.21 -3.03
N LEU A 82 11.34 -0.58 -1.86
CA LEU A 82 12.43 0.33 -1.58
C LEU A 82 13.73 -0.43 -1.38
N ALA A 83 13.63 -1.62 -0.82
CA ALA A 83 14.81 -2.46 -0.57
C ALA A 83 15.53 -2.79 -1.87
N LYS A 84 14.75 -3.15 -2.89
CA LYS A 84 15.32 -3.49 -4.19
C LYS A 84 15.87 -2.25 -4.89
N TYR A 85 15.08 -1.18 -4.92
CA TYR A 85 15.51 0.06 -5.55
C TYR A 85 16.77 0.61 -4.88
N ARG A 86 16.85 0.45 -3.57
CA ARG A 86 18.00 0.94 -2.82
C ARG A 86 19.29 0.27 -3.29
N ASP A 87 19.25 -1.06 -3.36
CA ASP A 87 20.41 -1.83 -3.80
C ASP A 87 20.64 -1.67 -5.30
N PHE A 88 19.55 -1.49 -6.03
CA PHE A 88 19.63 -1.32 -7.49
C PHE A 88 20.21 0.04 -7.85
N LEU A 89 19.67 1.08 -7.24
CA LEU A 89 20.13 2.45 -7.50
C LEU A 89 21.11 2.91 -6.42
N LYS A 90 20.61 3.06 -5.20
CA LYS A 90 21.43 3.49 -4.09
C LYS A 90 20.63 3.53 -2.79
N MET A 1 -5.17 -13.08 15.89
CA MET A 1 -5.56 -12.31 14.68
C MET A 1 -6.98 -12.66 14.23
N ALA A 2 -7.93 -11.78 14.55
CA ALA A 2 -9.31 -11.99 14.17
C ALA A 2 -9.59 -11.53 12.74
N LEU A 3 -9.67 -10.22 12.56
CA LEU A 3 -9.91 -9.65 11.24
C LEU A 3 -11.25 -10.13 10.68
N LEU A 4 -12.23 -9.22 10.62
CA LEU A 4 -13.54 -9.56 10.11
C LEU A 4 -13.47 -9.99 8.65
N LYS A 5 -14.50 -10.69 8.20
CA LYS A 5 -14.55 -11.17 6.82
C LYS A 5 -14.58 -10.01 5.84
N ALA A 6 -15.46 -9.05 6.09
CA ALA A 6 -15.59 -7.88 5.23
C ALA A 6 -14.35 -6.99 5.32
N ASN A 7 -13.86 -6.78 6.54
CA ASN A 7 -12.68 -5.96 6.77
C ASN A 7 -11.45 -6.59 6.11
N LYS A 8 -11.27 -7.89 6.33
CA LYS A 8 -10.13 -8.60 5.77
C LYS A 8 -10.22 -8.65 4.25
N ASP A 9 -11.44 -8.68 3.73
CA ASP A 9 -11.67 -8.73 2.29
C ASP A 9 -11.34 -7.39 1.64
N LEU A 10 -11.58 -6.31 2.37
CA LEU A 10 -11.29 -4.97 1.87
C LEU A 10 -9.79 -4.74 1.74
N ILE A 11 -9.05 -5.15 2.75
CA ILE A 11 -7.59 -4.99 2.74
C ILE A 11 -6.95 -5.93 1.73
N SER A 12 -7.52 -7.12 1.59
CA SER A 12 -7.00 -8.11 0.65
C SER A 12 -6.94 -7.56 -0.76
N ALA A 13 -7.99 -6.83 -1.15
CA ALA A 13 -8.06 -6.24 -2.48
C ALA A 13 -6.90 -5.28 -2.71
N GLY A 14 -6.66 -4.41 -1.73
CA GLY A 14 -5.58 -3.44 -1.84
C GLY A 14 -4.21 -4.10 -1.80
N LEU A 15 -4.09 -5.17 -1.02
CA LEU A 15 -2.83 -5.89 -0.87
C LEU A 15 -2.28 -6.32 -2.23
N LYS A 16 -3.13 -6.97 -3.03
CA LYS A 16 -2.71 -7.44 -4.34
C LYS A 16 -2.48 -6.27 -5.30
N GLU A 17 -3.21 -5.19 -5.09
CA GLU A 17 -3.09 -4.00 -5.93
C GLU A 17 -1.67 -3.44 -5.88
N PHE A 18 -1.08 -3.45 -4.69
CA PHE A 18 0.28 -2.95 -4.51
C PHE A 18 1.31 -3.91 -5.10
N SER A 19 1.14 -5.19 -4.81
CA SER A 19 2.04 -6.22 -5.31
C SER A 19 2.02 -6.26 -6.84
N VAL A 20 0.82 -6.35 -7.40
CA VAL A 20 0.66 -6.40 -8.84
C VAL A 20 1.22 -5.15 -9.51
N LEU A 21 0.88 -4.00 -8.94
CA LEU A 21 1.35 -2.72 -9.47
C LEU A 21 2.88 -2.63 -9.41
N LEU A 22 3.46 -3.20 -8.36
CA LEU A 22 4.90 -3.18 -8.19
C LEU A 22 5.59 -3.93 -9.31
N ASN A 23 4.92 -4.94 -9.86
CA ASN A 23 5.47 -5.74 -10.94
C ASN A 23 5.63 -4.91 -12.21
N GLN A 24 4.75 -3.93 -12.38
CA GLN A 24 4.78 -3.05 -13.55
C GLN A 24 6.09 -2.27 -13.59
N GLN A 25 6.68 -2.03 -12.42
CA GLN A 25 7.92 -1.28 -12.33
C GLN A 25 9.02 -1.94 -13.17
N VAL A 26 9.82 -1.12 -13.82
CA VAL A 26 10.90 -1.61 -14.66
C VAL A 26 12.25 -1.50 -13.96
N PHE A 27 12.43 -0.43 -13.20
CA PHE A 27 13.67 -0.19 -12.45
C PHE A 27 14.90 -0.51 -13.31
N ASN A 28 15.41 0.50 -13.99
CA ASN A 28 16.58 0.33 -14.84
C ASN A 28 17.02 1.66 -15.45
N ASP A 29 16.05 2.49 -15.81
CA ASP A 29 16.34 3.79 -16.41
C ASP A 29 15.66 4.92 -15.66
N PRO A 30 15.78 4.94 -14.33
CA PRO A 30 15.20 6.00 -13.57
C PRO A 30 16.11 7.21 -13.61
N LEU A 31 15.58 8.30 -14.12
CA LEU A 31 16.33 9.55 -14.23
C LEU A 31 16.12 10.42 -12.99
N VAL A 32 14.91 10.41 -12.46
CA VAL A 32 14.58 11.18 -11.27
C VAL A 32 15.29 10.63 -10.03
N SER A 33 15.42 11.46 -9.01
CA SER A 33 16.07 11.04 -7.76
C SER A 33 15.31 9.92 -7.10
N GLU A 34 16.00 9.12 -6.29
CA GLU A 34 15.38 8.01 -5.59
C GLU A 34 14.42 8.50 -4.51
N GLU A 35 14.74 9.66 -3.93
CA GLU A 35 13.91 10.25 -2.89
C GLU A 35 12.52 10.60 -3.43
N ASP A 36 12.48 11.03 -4.69
CA ASP A 36 11.23 11.40 -5.33
C ASP A 36 10.28 10.20 -5.41
N MET A 37 10.86 9.01 -5.45
CA MET A 37 10.09 7.78 -5.53
C MET A 37 9.52 7.40 -4.17
N VAL A 38 10.26 7.72 -3.12
CA VAL A 38 9.83 7.42 -1.76
C VAL A 38 8.56 8.18 -1.39
N THR A 39 8.51 9.46 -1.77
CA THR A 39 7.36 10.30 -1.49
C THR A 39 6.11 9.77 -2.19
N VAL A 40 6.31 9.20 -3.38
CA VAL A 40 5.20 8.66 -4.15
C VAL A 40 4.55 7.49 -3.41
N VAL A 41 5.35 6.68 -2.75
CA VAL A 41 4.85 5.54 -2.00
C VAL A 41 3.90 5.99 -0.89
N GLU A 42 4.20 7.13 -0.29
CA GLU A 42 3.39 7.67 0.79
C GLU A 42 2.04 8.17 0.26
N ASP A 43 2.09 8.98 -0.79
CA ASP A 43 0.88 9.52 -1.40
C ASP A 43 0.08 8.42 -2.09
N TRP A 44 0.78 7.42 -2.61
CA TRP A 44 0.14 6.31 -3.29
C TRP A 44 -0.83 5.58 -2.37
N MET A 45 -0.35 5.23 -1.17
CA MET A 45 -1.18 4.54 -0.19
C MET A 45 -2.30 5.43 0.31
N ASN A 46 -1.99 6.72 0.50
CA ASN A 46 -2.98 7.68 0.98
C ASN A 46 -4.15 7.78 0.01
N PHE A 47 -3.87 7.56 -1.27
CA PHE A 47 -4.91 7.64 -2.29
C PHE A 47 -5.89 6.46 -2.17
N TYR A 48 -5.34 5.27 -2.02
CA TYR A 48 -6.16 4.06 -1.87
C TYR A 48 -7.06 4.15 -0.66
N ILE A 49 -6.56 4.77 0.41
CA ILE A 49 -7.32 4.93 1.64
C ILE A 49 -8.52 5.86 1.43
N ASN A 50 -8.30 6.92 0.68
CA ASN A 50 -9.35 7.89 0.40
C ASN A 50 -10.53 7.22 -0.32
N TYR A 51 -10.22 6.36 -1.28
CA TYR A 51 -11.24 5.65 -2.03
C TYR A 51 -11.87 4.54 -1.20
N TYR A 52 -11.02 3.76 -0.53
CA TYR A 52 -11.50 2.67 0.31
C TYR A 52 -12.40 3.18 1.42
N ARG A 53 -12.00 4.27 2.06
CA ARG A 53 -12.77 4.87 3.15
C ARG A 53 -14.16 5.26 2.67
N GLN A 54 -14.28 5.52 1.38
CA GLN A 54 -15.57 5.91 0.80
C GLN A 54 -16.38 4.67 0.37
N GLN A 55 -15.90 3.48 0.72
CA GLN A 55 -16.57 2.25 0.35
C GLN A 55 -16.49 1.24 1.49
N VAL A 56 -16.73 1.70 2.71
CA VAL A 56 -16.68 0.83 3.88
C VAL A 56 -18.08 0.59 4.45
N THR A 57 -18.17 -0.28 5.44
CA THR A 57 -19.44 -0.58 6.08
C THR A 57 -19.20 -1.35 7.38
N GLY A 58 -20.05 -1.09 8.35
CA GLY A 58 -19.94 -1.73 9.64
C GLY A 58 -20.12 -0.77 10.79
N GLU A 59 -19.19 -0.80 11.72
CA GLU A 59 -19.23 0.07 12.88
C GLU A 59 -18.12 1.13 12.81
N PRO A 60 -18.32 2.28 13.47
CA PRO A 60 -17.33 3.36 13.47
C PRO A 60 -15.94 2.86 13.86
N GLN A 61 -15.87 2.04 14.90
CA GLN A 61 -14.61 1.50 15.36
C GLN A 61 -14.12 0.39 14.44
N GLU A 62 -15.06 -0.31 13.81
CA GLU A 62 -14.71 -1.39 12.89
C GLU A 62 -14.00 -0.86 11.66
N ARG A 63 -14.58 0.17 11.06
CA ARG A 63 -14.00 0.78 9.87
C ARG A 63 -12.61 1.34 10.18
N ASP A 64 -12.45 1.86 11.40
CA ASP A 64 -11.17 2.42 11.82
C ASP A 64 -10.14 1.33 12.03
N LYS A 65 -10.59 0.18 12.54
CA LYS A 65 -9.71 -0.95 12.80
C LYS A 65 -9.28 -1.62 11.49
N ALA A 66 -10.19 -1.65 10.52
CA ALA A 66 -9.91 -2.26 9.23
C ALA A 66 -8.98 -1.39 8.40
N LEU A 67 -9.21 -0.07 8.45
CA LEU A 67 -8.39 0.87 7.71
C LEU A 67 -7.03 1.07 8.37
N GLN A 68 -6.99 0.93 9.69
CA GLN A 68 -5.76 1.09 10.44
C GLN A 68 -4.71 0.06 10.01
N GLU A 69 -5.17 -1.17 9.76
CA GLU A 69 -4.27 -2.24 9.35
C GLU A 69 -3.84 -2.07 7.91
N LEU A 70 -4.71 -1.45 7.11
CA LEU A 70 -4.41 -1.21 5.70
C LEU A 70 -3.06 -0.51 5.56
N ARG A 71 -2.70 0.26 6.58
CA ARG A 71 -1.43 0.99 6.59
C ARG A 71 -0.26 0.03 6.71
N GLN A 72 -0.40 -0.97 7.57
CA GLN A 72 0.66 -1.96 7.79
C GLN A 72 0.98 -2.70 6.49
N GLU A 73 -0.07 -3.10 5.77
CA GLU A 73 0.11 -3.81 4.51
C GLU A 73 0.90 -2.96 3.51
N LEU A 74 0.44 -1.74 3.29
CA LEU A 74 1.09 -0.83 2.36
C LEU A 74 2.45 -0.39 2.89
N ASN A 75 2.55 -0.28 4.21
CA ASN A 75 3.80 0.15 4.84
C ASN A 75 4.93 -0.83 4.50
N THR A 76 4.67 -2.12 4.70
CA THR A 76 5.66 -3.14 4.43
C THR A 76 5.80 -3.40 2.92
N LEU A 77 4.68 -3.33 2.21
CA LEU A 77 4.70 -3.56 0.77
C LEU A 77 5.78 -2.71 0.12
N ALA A 78 6.06 -1.58 0.74
CA ALA A 78 7.10 -0.66 0.27
C ALA A 78 8.50 -1.23 0.52
N ASN A 79 8.64 -2.06 1.56
CA ASN A 79 9.95 -2.64 1.90
C ASN A 79 10.55 -3.40 0.72
N PRO A 80 9.83 -4.38 0.16
CA PRO A 80 10.32 -5.17 -0.97
C PRO A 80 10.80 -4.30 -2.12
N PHE A 81 10.06 -3.23 -2.40
CA PHE A 81 10.41 -2.32 -3.47
C PHE A 81 11.57 -1.41 -3.07
N LEU A 82 11.48 -0.85 -1.86
CA LEU A 82 12.52 0.04 -1.35
C LEU A 82 13.85 -0.69 -1.24
N ALA A 83 13.82 -1.89 -0.66
CA ALA A 83 15.03 -2.69 -0.50
C ALA A 83 15.68 -3.00 -1.83
N LYS A 84 14.85 -3.27 -2.83
CA LYS A 84 15.35 -3.59 -4.18
C LYS A 84 15.85 -2.33 -4.87
N TYR A 85 15.08 -1.25 -4.76
CA TYR A 85 15.44 0.03 -5.38
C TYR A 85 16.79 0.52 -4.85
N ARG A 86 16.93 0.54 -3.53
CA ARG A 86 18.17 1.00 -2.89
C ARG A 86 19.35 0.15 -3.34
N ASP A 87 19.12 -1.15 -3.53
CA ASP A 87 20.16 -2.07 -3.95
C ASP A 87 20.42 -1.94 -5.45
N PHE A 88 19.37 -1.61 -6.20
CA PHE A 88 19.49 -1.47 -7.65
C PHE A 88 20.08 -0.11 -8.02
N LEU A 89 19.45 0.96 -7.54
CA LEU A 89 19.91 2.31 -7.82
C LEU A 89 20.99 2.74 -6.83
N LYS A 90 20.59 2.90 -5.57
CA LYS A 90 21.53 3.30 -4.52
C LYS A 90 20.83 3.35 -3.16
N MET A 1 -5.54 -12.60 15.92
CA MET A 1 -5.86 -11.88 14.66
C MET A 1 -7.22 -12.29 14.12
N ALA A 2 -8.27 -11.60 14.58
CA ALA A 2 -9.63 -11.90 14.14
C ALA A 2 -9.86 -11.42 12.70
N LEU A 3 -10.03 -10.11 12.55
CA LEU A 3 -10.26 -9.52 11.23
C LEU A 3 -11.53 -10.08 10.61
N LEU A 4 -12.56 -9.23 10.50
CA LEU A 4 -13.83 -9.64 9.92
C LEU A 4 -13.64 -10.11 8.47
N LYS A 5 -14.65 -10.77 7.93
CA LYS A 5 -14.60 -11.27 6.56
C LYS A 5 -14.69 -10.11 5.56
N ALA A 6 -15.68 -9.25 5.75
CA ALA A 6 -15.87 -8.11 4.87
C ALA A 6 -14.77 -7.07 5.07
N ASN A 7 -14.30 -6.94 6.30
CA ASN A 7 -13.24 -5.99 6.63
C ASN A 7 -11.89 -6.48 6.10
N LYS A 8 -11.61 -7.76 6.30
CA LYS A 8 -10.36 -8.35 5.84
C LYS A 8 -10.34 -8.51 4.33
N ASP A 9 -11.49 -8.89 3.77
CA ASP A 9 -11.61 -9.08 2.33
C ASP A 9 -11.30 -7.79 1.59
N LEU A 10 -11.60 -6.66 2.22
CA LEU A 10 -11.36 -5.35 1.61
C LEU A 10 -9.87 -5.08 1.50
N ILE A 11 -9.13 -5.35 2.57
CA ILE A 11 -7.69 -5.13 2.59
C ILE A 11 -6.98 -6.10 1.66
N SER A 12 -7.50 -7.32 1.57
CA SER A 12 -6.91 -8.34 0.71
C SER A 12 -6.86 -7.87 -0.75
N ALA A 13 -7.95 -7.26 -1.19
CA ALA A 13 -8.03 -6.75 -2.56
C ALA A 13 -6.95 -5.72 -2.82
N GLY A 14 -6.81 -4.78 -1.89
CA GLY A 14 -5.81 -3.74 -2.03
C GLY A 14 -4.40 -4.28 -1.92
N LEU A 15 -4.20 -5.30 -1.09
CA LEU A 15 -2.89 -5.90 -0.90
C LEU A 15 -2.34 -6.42 -2.23
N LYS A 16 -3.18 -7.12 -2.99
CA LYS A 16 -2.76 -7.66 -4.28
C LYS A 16 -2.55 -6.55 -5.30
N GLU A 17 -3.30 -5.46 -5.15
CA GLU A 17 -3.18 -4.33 -6.06
C GLU A 17 -1.78 -3.75 -6.03
N PHE A 18 -1.19 -3.69 -4.84
CA PHE A 18 0.17 -3.15 -4.68
C PHE A 18 1.20 -4.13 -5.24
N SER A 19 0.96 -5.42 -5.05
CA SER A 19 1.87 -6.45 -5.53
C SER A 19 1.90 -6.47 -7.06
N VAL A 20 0.72 -6.54 -7.67
CA VAL A 20 0.62 -6.57 -9.13
C VAL A 20 1.18 -5.29 -9.73
N LEU A 21 0.80 -4.16 -9.17
CA LEU A 21 1.26 -2.86 -9.66
C LEU A 21 2.79 -2.78 -9.62
N LEU A 22 3.38 -3.39 -8.61
CA LEU A 22 4.84 -3.38 -8.46
C LEU A 22 5.49 -4.17 -9.59
N ASN A 23 4.83 -5.22 -10.04
CA ASN A 23 5.36 -6.05 -11.12
C ASN A 23 5.37 -5.29 -12.44
N GLN A 24 4.46 -4.34 -12.58
CA GLN A 24 4.38 -3.54 -13.80
C GLN A 24 5.65 -2.73 -14.02
N GLN A 25 6.36 -2.44 -12.93
CA GLN A 25 7.60 -1.68 -13.01
C GLN A 25 8.60 -2.35 -13.94
N VAL A 26 9.34 -1.54 -14.69
CA VAL A 26 10.34 -2.05 -15.63
C VAL A 26 11.72 -2.09 -14.99
N PHE A 27 11.96 -1.19 -14.04
CA PHE A 27 13.25 -1.12 -13.35
C PHE A 27 14.35 -0.71 -14.32
N ASN A 28 15.61 -0.82 -13.87
CA ASN A 28 16.76 -0.47 -14.68
C ASN A 28 16.55 0.85 -15.41
N ASP A 29 15.77 1.75 -14.79
CA ASP A 29 15.49 3.05 -15.37
C ASP A 29 15.35 4.11 -14.32
N PRO A 30 16.29 4.16 -13.36
CA PRO A 30 16.24 5.19 -12.36
C PRO A 30 16.83 6.48 -12.91
N LEU A 31 16.01 7.50 -12.91
CA LEU A 31 16.40 8.82 -13.41
C LEU A 31 16.10 9.90 -12.36
N VAL A 32 14.92 9.81 -11.76
CA VAL A 32 14.52 10.79 -10.76
C VAL A 32 15.26 10.56 -9.44
N SER A 33 15.28 11.58 -8.60
CA SER A 33 15.95 11.47 -7.30
C SER A 33 15.37 10.34 -6.47
N GLU A 34 16.19 9.80 -5.57
CA GLU A 34 15.76 8.70 -4.71
C GLU A 34 14.64 9.15 -3.78
N GLU A 35 14.68 10.41 -3.39
CA GLU A 35 13.67 10.98 -2.50
C GLU A 35 12.29 10.95 -3.15
N ASP A 36 12.27 11.15 -4.47
CA ASP A 36 11.02 11.15 -5.22
C ASP A 36 10.30 9.81 -5.09
N MET A 37 11.07 8.76 -4.84
CA MET A 37 10.52 7.42 -4.69
C MET A 37 9.80 7.27 -3.36
N VAL A 38 10.26 8.00 -2.36
CA VAL A 38 9.66 7.94 -1.03
C VAL A 38 8.32 8.69 -1.00
N THR A 39 8.29 9.84 -1.65
CA THR A 39 7.06 10.65 -1.70
C THR A 39 5.98 9.97 -2.53
N VAL A 40 6.35 9.50 -3.72
CA VAL A 40 5.40 8.84 -4.61
C VAL A 40 4.75 7.64 -3.92
N VAL A 41 5.57 6.81 -3.30
CA VAL A 41 5.09 5.62 -2.61
C VAL A 41 4.27 6.00 -1.38
N GLU A 42 4.71 7.05 -0.69
CA GLU A 42 4.02 7.53 0.50
C GLU A 42 2.70 8.18 0.14
N ASP A 43 2.66 8.85 -1.00
CA ASP A 43 1.46 9.53 -1.46
C ASP A 43 0.50 8.54 -2.11
N TRP A 44 1.04 7.48 -2.69
CA TRP A 44 0.24 6.46 -3.34
C TRP A 44 -0.76 5.84 -2.36
N MET A 45 -0.29 5.56 -1.16
CA MET A 45 -1.14 4.97 -0.13
C MET A 45 -2.21 5.95 0.33
N ASN A 46 -1.84 7.22 0.38
CA ASN A 46 -2.77 8.26 0.81
C ASN A 46 -3.99 8.32 -0.11
N PHE A 47 -3.76 8.17 -1.41
CA PHE A 47 -4.84 8.20 -2.38
C PHE A 47 -5.66 6.91 -2.32
N TYR A 48 -4.99 5.81 -2.04
CA TYR A 48 -5.66 4.51 -1.94
C TYR A 48 -6.58 4.46 -0.72
N ILE A 49 -6.08 4.91 0.42
CA ILE A 49 -6.86 4.92 1.64
C ILE A 49 -8.08 5.82 1.51
N ASN A 50 -7.94 6.89 0.75
CA ASN A 50 -9.04 7.83 0.55
C ASN A 50 -10.23 7.14 -0.10
N TYR A 51 -9.96 6.41 -1.18
CA TYR A 51 -11.02 5.70 -1.89
C TYR A 51 -11.58 4.55 -1.05
N TYR A 52 -10.70 3.88 -0.33
CA TYR A 52 -11.10 2.76 0.52
C TYR A 52 -12.08 3.22 1.59
N ARG A 53 -11.76 4.32 2.25
CA ARG A 53 -12.62 4.87 3.30
C ARG A 53 -14.01 5.17 2.76
N GLN A 54 -14.11 5.41 1.45
CA GLN A 54 -15.39 5.71 0.82
C GLN A 54 -16.09 4.43 0.36
N GLN A 55 -15.55 3.28 0.74
CA GLN A 55 -16.14 1.99 0.37
C GLN A 55 -16.07 1.00 1.52
N VAL A 56 -16.37 1.47 2.72
CA VAL A 56 -16.34 0.62 3.91
C VAL A 56 -17.75 0.40 4.44
N THR A 57 -17.86 -0.45 5.47
CA THR A 57 -19.14 -0.74 6.09
C THR A 57 -18.93 -1.48 7.40
N GLY A 58 -19.78 -1.20 8.36
CA GLY A 58 -19.69 -1.82 9.66
C GLY A 58 -19.93 -0.83 10.78
N GLU A 59 -19.02 -0.83 11.75
CA GLU A 59 -19.10 0.06 12.89
C GLU A 59 -17.99 1.10 12.84
N PRO A 60 -18.20 2.27 13.48
CA PRO A 60 -17.20 3.35 13.51
C PRO A 60 -15.82 2.84 13.92
N GLN A 61 -15.79 2.03 14.97
CA GLN A 61 -14.53 1.47 15.46
C GLN A 61 -14.04 0.35 14.55
N GLU A 62 -14.97 -0.40 13.98
CA GLU A 62 -14.62 -1.50 13.08
C GLU A 62 -13.96 -0.97 11.82
N ARG A 63 -14.58 0.04 11.21
CA ARG A 63 -14.06 0.63 10.00
C ARG A 63 -12.67 1.23 10.25
N ASP A 64 -12.48 1.77 11.46
CA ASP A 64 -11.21 2.38 11.84
C ASP A 64 -10.14 1.31 12.02
N LYS A 65 -10.54 0.15 12.54
CA LYS A 65 -9.62 -0.95 12.77
C LYS A 65 -9.22 -1.62 11.46
N ALA A 66 -10.16 -1.68 10.53
CA ALA A 66 -9.90 -2.30 9.23
C ALA A 66 -9.03 -1.39 8.36
N LEU A 67 -9.28 -0.10 8.42
CA LEU A 67 -8.51 0.87 7.64
C LEU A 67 -7.13 1.10 8.25
N GLN A 68 -7.04 0.99 9.57
CA GLN A 68 -5.78 1.18 10.27
C GLN A 68 -4.77 0.12 9.86
N GLU A 69 -5.25 -1.08 9.55
CA GLU A 69 -4.38 -2.18 9.15
C GLU A 69 -3.87 -1.97 7.73
N LEU A 70 -4.67 -1.31 6.91
CA LEU A 70 -4.30 -1.03 5.53
C LEU A 70 -2.92 -0.39 5.48
N ARG A 71 -2.57 0.34 6.54
CA ARG A 71 -1.28 1.01 6.63
C ARG A 71 -0.16 0.01 6.77
N GLN A 72 -0.40 -1.04 7.54
CA GLN A 72 0.61 -2.08 7.76
C GLN A 72 1.01 -2.74 6.45
N GLU A 73 0.01 -3.15 5.67
CA GLU A 73 0.25 -3.80 4.39
C GLU A 73 1.02 -2.88 3.45
N LEU A 74 0.56 -1.63 3.35
CA LEU A 74 1.21 -0.65 2.49
C LEU A 74 2.58 -0.26 3.03
N ASN A 75 2.70 -0.24 4.35
CA ASN A 75 3.96 0.11 5.00
C ASN A 75 5.08 -0.84 4.58
N THR A 76 4.81 -2.14 4.69
CA THR A 76 5.79 -3.15 4.33
C THR A 76 5.90 -3.30 2.81
N LEU A 77 4.77 -3.20 2.13
CA LEU A 77 4.75 -3.33 0.68
C LEU A 77 5.83 -2.44 0.06
N ALA A 78 6.12 -1.34 0.75
CA ALA A 78 7.15 -0.41 0.32
C ALA A 78 8.55 -1.00 0.50
N ASN A 79 8.72 -1.90 1.48
CA ASN A 79 10.03 -2.49 1.75
C ASN A 79 10.61 -3.19 0.51
N PRO A 80 9.86 -4.13 -0.09
CA PRO A 80 10.33 -4.85 -1.28
C PRO A 80 10.77 -3.91 -2.39
N PHE A 81 10.05 -2.80 -2.56
CA PHE A 81 10.37 -1.82 -3.58
C PHE A 81 11.58 -0.98 -3.16
N LEU A 82 11.52 -0.43 -1.96
CA LEU A 82 12.60 0.40 -1.44
C LEU A 82 13.90 -0.39 -1.37
N ALA A 83 13.81 -1.64 -0.93
CA ALA A 83 14.99 -2.50 -0.82
C ALA A 83 15.57 -2.82 -2.19
N LYS A 84 14.68 -3.01 -3.17
CA LYS A 84 15.10 -3.33 -4.53
C LYS A 84 15.69 -2.10 -5.22
N TYR A 85 14.96 -1.00 -5.19
CA TYR A 85 15.41 0.24 -5.81
C TYR A 85 16.71 0.72 -5.18
N ARG A 86 16.78 0.66 -3.85
CA ARG A 86 17.97 1.09 -3.13
C ARG A 86 19.18 0.25 -3.53
N ASP A 87 18.95 -1.03 -3.79
CA ASP A 87 20.01 -1.94 -4.19
C ASP A 87 20.38 -1.75 -5.66
N PHE A 88 19.38 -1.41 -6.47
CA PHE A 88 19.59 -1.21 -7.90
C PHE A 88 20.24 0.15 -8.16
N LEU A 89 19.65 1.20 -7.59
CA LEU A 89 20.18 2.55 -7.76
C LEU A 89 20.62 3.14 -6.43
N LYS A 90 21.13 4.37 -6.46
CA LYS A 90 21.59 5.04 -5.26
C LYS A 90 22.01 6.47 -5.56
#